data_4UQF
#
_entry.id   4UQF
#
_cell.length_a   78.249
_cell.length_b   141.847
_cell.length_c   90.776
_cell.angle_alpha   90.00
_cell.angle_beta   104.61
_cell.angle_gamma   90.00
#
_symmetry.space_group_name_H-M   'P 1 21 1'
#
_entity_poly.entity_id   1
_entity_poly.type   'polypeptide(L)'
_entity_poly.pdbx_seq_one_letter_code
;MHHHHHHGSDDDDKEQIDKQKIADAVKVILEAVGENPDREGLIDTPMRVARMYEEVFAGLKKDPSVHFDTIFEEQHEELV
LVKDIRFSSMCEHHLVPFFGVAHVAYLPQNGRVAGLSKLARVVDDVSRRPQLQERITTTVAEIMMEKLKPLGVMVIMEAE
HMCMTIRGVNKPGTKTITSAVRGAFKNDDKLRSEVLALIKHN
;
_entity_poly.pdbx_strand_id   A,B,C,D,E,F,G,H,I,J
#
# COMPACT_ATOMS: atom_id res chain seq x y z
N GLN A 16 -16.48 -41.92 14.48
CA GLN A 16 -17.28 -42.05 13.23
C GLN A 16 -18.59 -41.30 13.39
N ILE A 17 -18.80 -40.30 12.53
CA ILE A 17 -19.95 -39.47 12.65
C ILE A 17 -21.07 -40.12 11.83
N ASP A 18 -22.31 -40.01 12.29
CA ASP A 18 -23.42 -40.54 11.54
C ASP A 18 -23.86 -39.52 10.51
N LYS A 19 -23.21 -39.58 9.35
CA LYS A 19 -23.46 -38.62 8.29
C LYS A 19 -24.88 -38.68 7.75
N GLN A 20 -25.45 -39.89 7.68
CA GLN A 20 -26.80 -40.06 7.09
C GLN A 20 -27.81 -39.34 7.99
N LYS A 21 -27.61 -39.41 9.31
CA LYS A 21 -28.50 -38.73 10.25
C LYS A 21 -28.43 -37.19 10.06
N ILE A 22 -27.21 -36.69 9.88
CA ILE A 22 -27.03 -35.27 9.63
C ILE A 22 -27.66 -34.87 8.31
N ALA A 23 -27.43 -35.67 7.28
CA ALA A 23 -28.02 -35.39 5.98
C ALA A 23 -29.56 -35.30 6.06
N ASP A 24 -30.18 -36.20 6.81
CA ASP A 24 -31.64 -36.19 6.94
C ASP A 24 -32.08 -34.91 7.61
N ALA A 25 -31.34 -34.49 8.63
CA ALA A 25 -31.67 -33.24 9.30
C ALA A 25 -31.52 -32.02 8.34
N VAL A 26 -30.49 -32.05 7.49
CA VAL A 26 -30.26 -30.94 6.59
C VAL A 26 -31.38 -30.85 5.59
N LYS A 27 -31.83 -32.00 5.12
CA LYS A 27 -32.96 -32.03 4.20
C LYS A 27 -34.19 -31.43 4.83
N VAL A 28 -34.44 -31.77 6.08
CA VAL A 28 -35.58 -31.18 6.82
C VAL A 28 -35.45 -29.65 6.88
N ILE A 29 -34.25 -29.18 7.17
CA ILE A 29 -34.02 -27.77 7.22
C ILE A 29 -34.33 -27.10 5.90
N LEU A 30 -33.84 -27.68 4.81
CA LEU A 30 -34.09 -27.12 3.48
C LEU A 30 -35.60 -27.05 3.16
N GLU A 31 -36.36 -28.08 3.51
CA GLU A 31 -37.82 -28.03 3.27
C GLU A 31 -38.37 -26.91 4.11
N ALA A 32 -37.95 -26.87 5.36
CA ALA A 32 -38.53 -25.93 6.31
C ALA A 32 -38.31 -24.47 5.91
N VAL A 33 -37.20 -24.16 5.24
CA VAL A 33 -36.94 -22.76 4.84
C VAL A 33 -37.63 -22.40 3.56
N GLY A 34 -38.24 -23.38 2.89
CA GLY A 34 -39.07 -23.08 1.72
C GLY A 34 -38.34 -23.36 0.43
N GLU A 35 -37.32 -24.19 0.51
CA GLU A 35 -36.52 -24.53 -0.65
C GLU A 35 -37.05 -25.83 -1.24
N ASN A 36 -36.65 -26.14 -2.45
CA ASN A 36 -36.98 -27.43 -3.05
C ASN A 36 -35.79 -28.38 -2.98
N PRO A 37 -35.80 -29.30 -2.02
CA PRO A 37 -34.63 -30.15 -1.79
C PRO A 37 -34.31 -31.09 -2.95
N ASP A 38 -35.26 -31.26 -3.88
CA ASP A 38 -35.04 -32.14 -5.02
C ASP A 38 -34.46 -31.44 -6.23
N ARG A 39 -34.33 -30.11 -6.19
CA ARG A 39 -33.73 -29.41 -7.34
C ARG A 39 -32.26 -29.77 -7.46
N GLU A 40 -31.73 -29.64 -8.67
CA GLU A 40 -30.43 -30.22 -9.02
C GLU A 40 -29.32 -29.68 -8.11
N GLY A 41 -29.37 -28.40 -7.78
CA GLY A 41 -28.34 -27.79 -6.96
C GLY A 41 -28.33 -28.23 -5.51
N LEU A 42 -29.43 -28.83 -5.04
CA LEU A 42 -29.54 -29.21 -3.64
C LEU A 42 -29.54 -30.68 -3.36
N ILE A 43 -29.67 -31.49 -4.39
CA ILE A 43 -29.78 -32.93 -4.20
C ILE A 43 -28.67 -33.51 -3.32
N ASP A 44 -27.43 -33.14 -3.60
CA ASP A 44 -26.30 -33.62 -2.84
C ASP A 44 -25.91 -32.76 -1.66
N THR A 45 -26.66 -31.72 -1.38
CA THR A 45 -26.23 -30.75 -0.37
C THR A 45 -26.25 -31.39 1.04
N PRO A 46 -27.29 -32.17 1.34
CA PRO A 46 -27.31 -32.78 2.66
C PRO A 46 -26.07 -33.55 2.99
N MET A 47 -25.63 -34.39 2.07
CA MET A 47 -24.42 -35.18 2.31
C MET A 47 -23.17 -34.31 2.29
N ARG A 48 -23.15 -33.30 1.45
CA ARG A 48 -22.02 -32.40 1.41
C ARG A 48 -21.86 -31.65 2.73
N VAL A 49 -22.99 -31.19 3.27
CA VAL A 49 -22.97 -30.57 4.59
C VAL A 49 -22.50 -31.56 5.66
N ALA A 50 -22.97 -32.81 5.58
CA ALA A 50 -22.52 -33.81 6.54
C ALA A 50 -21.01 -33.98 6.49
N ARG A 51 -20.45 -34.09 5.29
CA ARG A 51 -19.03 -34.32 5.13
C ARG A 51 -18.25 -33.14 5.63
N MET A 52 -18.79 -31.96 5.39
CA MET A 52 -18.16 -30.79 5.86
C MET A 52 -18.12 -30.75 7.38
N TYR A 53 -19.25 -31.05 8.02
CA TYR A 53 -19.25 -31.10 9.48
C TYR A 53 -18.28 -32.12 10.03
N GLU A 54 -18.19 -33.26 9.36
CA GLU A 54 -17.25 -34.27 9.80
C GLU A 54 -15.84 -33.65 9.87
N GLU A 55 -15.52 -32.83 8.89
CA GLU A 55 -14.19 -32.33 8.76
C GLU A 55 -13.93 -31.18 9.73
N VAL A 56 -14.83 -30.19 9.71
CA VAL A 56 -14.67 -29.03 10.56
C VAL A 56 -14.93 -29.27 12.05
N PHE A 57 -15.61 -30.35 12.41
CA PHE A 57 -15.76 -30.71 13.81
C PHE A 57 -14.97 -31.90 14.26
N ALA A 58 -13.96 -32.28 13.49
CA ALA A 58 -13.19 -33.48 13.81
C ALA A 58 -12.50 -33.40 15.17
N GLY A 59 -12.22 -32.19 15.62
CA GLY A 59 -11.56 -31.96 16.90
C GLY A 59 -12.31 -32.42 18.12
N LEU A 60 -13.63 -32.60 17.97
CA LEU A 60 -14.45 -33.16 19.05
C LEU A 60 -13.98 -34.52 19.44
N LYS A 61 -13.30 -35.20 18.54
CA LYS A 61 -12.90 -36.59 18.79
C LYS A 61 -11.42 -36.72 19.15
N LYS A 62 -10.71 -35.59 19.24
CA LYS A 62 -9.26 -35.61 19.43
C LYS A 62 -8.84 -34.84 20.66
N ASP A 63 -7.87 -35.35 21.38
CA ASP A 63 -7.22 -34.56 22.44
C ASP A 63 -6.14 -33.74 21.74
N PRO A 64 -6.29 -32.42 21.70
CA PRO A 64 -5.34 -31.58 20.99
C PRO A 64 -3.96 -31.50 21.64
N SER A 65 -3.86 -31.85 22.91
CA SER A 65 -2.57 -31.82 23.61
C SER A 65 -1.58 -32.90 23.14
N VAL A 66 -2.05 -33.91 22.41
CA VAL A 66 -1.20 -35.07 22.09
C VAL A 66 -0.10 -34.71 21.13
N HIS A 67 -0.29 -33.66 20.37
CA HIS A 67 0.73 -33.25 19.44
C HIS A 67 2.03 -32.84 20.17
N PHE A 68 1.96 -32.49 21.46
CA PHE A 68 3.16 -32.09 22.20
C PHE A 68 3.71 -33.27 22.98
N ASP A 69 3.18 -34.47 22.71
CA ASP A 69 3.75 -35.71 23.25
C ASP A 69 4.70 -36.23 22.20
N THR A 70 5.85 -35.65 22.18
CA THR A 70 6.69 -35.87 21.06
C THR A 70 8.02 -35.38 21.57
N ILE A 71 9.02 -35.66 20.78
CA ILE A 71 10.34 -35.29 21.16
C ILE A 71 10.37 -33.83 20.75
N PHE A 72 11.01 -33.03 21.59
CA PHE A 72 11.12 -31.63 21.38
C PHE A 72 12.38 -31.25 20.59
N GLU A 73 12.38 -30.01 20.20
CA GLU A 73 13.46 -29.53 19.37
C GLU A 73 14.68 -29.21 20.19
N GLU A 74 15.78 -29.11 19.46
CA GLU A 74 17.13 -28.86 20.03
C GLU A 74 17.06 -27.66 20.96
N GLN A 75 17.71 -27.77 22.12
CA GLN A 75 17.65 -26.77 23.20
C GLN A 75 17.96 -25.34 22.76
N HIS A 76 17.20 -24.39 23.27
CA HIS A 76 17.31 -23.04 22.85
C HIS A 76 16.62 -22.19 23.92
N GLU A 77 17.17 -21.02 24.28
CA GLU A 77 16.76 -20.35 25.53
C GLU A 77 16.10 -18.98 25.35
N GLU A 78 15.86 -18.57 24.12
CA GLU A 78 15.35 -17.22 23.89
C GLU A 78 13.90 -17.20 23.37
N LEU A 79 13.26 -16.03 23.30
CA LEU A 79 11.92 -15.91 22.77
C LEU A 79 11.76 -16.62 21.43
N VAL A 80 10.68 -17.37 21.31
CA VAL A 80 10.25 -17.90 20.02
C VAL A 80 8.86 -17.40 19.70
N LEU A 81 8.66 -16.88 18.50
CA LEU A 81 7.38 -16.41 18.09
C LEU A 81 7.05 -17.05 16.75
N VAL A 82 5.86 -17.59 16.67
CA VAL A 82 5.36 -18.09 15.41
C VAL A 82 4.15 -17.24 15.13
N LYS A 83 4.20 -16.49 14.04
CA LYS A 83 3.10 -15.60 13.71
C LYS A 83 2.40 -15.93 12.41
N ASP A 84 1.20 -15.40 12.27
CA ASP A 84 0.33 -15.58 11.08
C ASP A 84 0.07 -17.04 10.80
N ILE A 85 -0.30 -17.77 11.82
CA ILE A 85 -0.76 -19.14 11.65
C ILE A 85 -2.25 -19.08 11.28
N ARG A 86 -2.59 -19.45 10.06
CA ARG A 86 -3.97 -19.37 9.64
C ARG A 86 -4.78 -20.34 10.48
N PHE A 87 -5.97 -19.93 10.87
CA PHE A 87 -6.92 -20.90 11.42
C PHE A 87 -8.34 -20.57 10.97
N SER A 88 -9.22 -21.52 11.16
CA SER A 88 -10.67 -21.26 11.01
C SER A 88 -11.42 -22.12 11.98
N SER A 89 -12.64 -21.72 12.29
CA SER A 89 -13.44 -22.46 13.22
C SER A 89 -14.90 -22.17 12.90
N MET A 90 -15.81 -22.61 13.76
CA MET A 90 -17.23 -22.29 13.60
C MET A 90 -17.73 -21.71 14.89
N CYS A 91 -18.42 -20.56 14.84
CA CYS A 91 -18.95 -19.99 16.11
C CYS A 91 -19.94 -21.02 16.64
N GLU A 92 -19.86 -21.27 17.93
CA GLU A 92 -20.82 -22.16 18.55
C GLU A 92 -22.24 -21.57 18.62
N HIS A 93 -22.35 -20.26 18.55
CA HIS A 93 -23.65 -19.63 18.63
C HIS A 93 -24.48 -19.87 17.39
N HIS A 94 -23.84 -19.83 16.24
CA HIS A 94 -24.53 -19.81 14.95
C HIS A 94 -24.07 -20.86 13.98
N LEU A 95 -23.00 -21.56 14.33
CA LEU A 95 -22.38 -22.53 13.46
C LEU A 95 -22.00 -21.93 12.11
N VAL A 96 -21.45 -20.72 12.13
CA VAL A 96 -20.90 -20.16 10.92
C VAL A 96 -19.42 -19.88 11.12
N PRO A 97 -18.64 -19.95 10.03
CA PRO A 97 -17.21 -19.84 10.18
C PRO A 97 -16.74 -18.52 10.70
N PHE A 98 -15.66 -18.57 11.47
CA PHE A 98 -14.82 -17.42 11.67
C PHE A 98 -13.39 -17.85 11.41
N PHE A 99 -12.55 -16.92 11.00
CA PHE A 99 -11.24 -17.27 10.49
C PHE A 99 -10.28 -16.08 10.62
N GLY A 100 -8.99 -16.40 10.67
CA GLY A 100 -7.97 -15.39 10.71
C GLY A 100 -6.63 -16.00 11.07
N VAL A 101 -5.89 -15.36 11.94
CA VAL A 101 -4.54 -15.82 12.27
C VAL A 101 -4.40 -15.93 13.73
N ALA A 102 -3.51 -16.82 14.12
CA ALA A 102 -3.01 -16.91 15.50
C ALA A 102 -1.52 -16.59 15.52
N HIS A 103 -1.10 -15.96 16.60
CA HIS A 103 0.30 -15.68 16.88
C HIS A 103 0.64 -16.28 18.24
N VAL A 104 1.68 -17.09 18.30
CA VAL A 104 2.02 -17.77 19.52
C VAL A 104 3.47 -17.49 19.84
N ALA A 105 3.69 -16.98 21.03
CA ALA A 105 5.03 -16.64 21.49
C ALA A 105 5.29 -17.31 22.82
N TYR A 106 6.50 -17.72 23.06
CA TYR A 106 6.78 -18.21 24.36
C TYR A 106 8.26 -18.22 24.67
N LEU A 107 8.53 -18.34 25.94
CA LEU A 107 9.86 -18.38 26.47
C LEU A 107 10.18 -19.76 26.93
N PRO A 108 10.96 -20.49 26.14
CA PRO A 108 11.26 -21.84 26.52
C PRO A 108 12.00 -21.91 27.87
N GLN A 109 11.81 -23.01 28.56
CA GLN A 109 12.46 -23.31 29.80
C GLN A 109 13.20 -24.61 29.64
N ASN A 110 14.47 -24.61 30.03
CA ASN A 110 15.32 -25.80 29.95
C ASN A 110 15.35 -26.35 28.53
N GLY A 111 15.30 -25.44 27.55
CA GLY A 111 15.41 -25.78 26.13
C GLY A 111 14.24 -26.53 25.48
N ARG A 112 13.10 -26.59 26.17
CA ARG A 112 11.97 -27.35 25.67
C ARG A 112 11.27 -26.52 24.61
N VAL A 113 11.44 -26.92 23.36
CA VAL A 113 10.90 -26.17 22.27
C VAL A 113 9.95 -27.01 21.44
N ALA A 114 8.91 -26.35 21.00
CA ALA A 114 7.83 -26.99 20.25
C ALA A 114 8.16 -27.06 18.75
N GLY A 115 7.95 -28.20 18.14
CA GLY A 115 7.99 -28.30 16.71
C GLY A 115 6.91 -27.40 16.13
N LEU A 116 7.26 -26.70 15.07
CA LEU A 116 6.37 -25.72 14.52
C LEU A 116 5.09 -26.36 14.01
N SER A 117 5.25 -27.47 13.32
CA SER A 117 4.08 -28.13 12.78
C SER A 117 3.21 -28.70 13.90
N LYS A 118 3.82 -29.02 15.05
CA LYS A 118 3.02 -29.45 16.18
C LYS A 118 2.18 -28.30 16.74
N LEU A 119 2.77 -27.12 16.82
CA LEU A 119 2.05 -25.95 17.24
C LEU A 119 0.81 -25.77 16.38
N ALA A 120 1.01 -25.84 15.09
CA ALA A 120 -0.04 -25.57 14.15
C ALA A 120 -1.17 -26.59 14.27
N ARG A 121 -0.80 -27.84 14.51
CA ARG A 121 -1.73 -28.89 14.76
C ARG A 121 -2.56 -28.71 16.02
N VAL A 122 -1.96 -28.19 17.07
CA VAL A 122 -2.73 -27.83 18.25
C VAL A 122 -3.77 -26.78 17.92
N VAL A 123 -3.36 -25.72 17.24
CA VAL A 123 -4.28 -24.65 16.94
C VAL A 123 -5.44 -25.26 16.11
N ASP A 124 -5.11 -26.04 15.11
CA ASP A 124 -6.12 -26.65 14.27
C ASP A 124 -7.05 -27.51 15.07
N ASP A 125 -6.50 -28.34 15.95
CA ASP A 125 -7.31 -29.31 16.66
C ASP A 125 -8.22 -28.66 17.64
N VAL A 126 -7.74 -27.65 18.33
CA VAL A 126 -8.58 -26.87 19.24
C VAL A 126 -9.70 -26.17 18.47
N SER A 127 -9.36 -25.70 17.27
CA SER A 127 -10.26 -24.99 16.40
C SER A 127 -11.36 -25.82 15.79
N ARG A 128 -11.11 -27.11 15.55
CA ARG A 128 -12.01 -27.92 14.75
C ARG A 128 -13.16 -28.45 15.59
N ARG A 129 -13.93 -27.52 16.13
CA ARG A 129 -15.10 -27.83 16.91
C ARG A 129 -15.82 -26.54 17.11
N PRO A 130 -17.07 -26.59 17.58
CA PRO A 130 -17.77 -25.33 17.73
C PRO A 130 -17.07 -24.55 18.81
N GLN A 131 -16.79 -23.28 18.56
CA GLN A 131 -15.92 -22.51 19.49
C GLN A 131 -16.34 -21.08 19.76
N LEU A 132 -15.71 -20.53 20.78
CA LEU A 132 -15.55 -19.10 20.98
C LEU A 132 -14.09 -18.80 20.76
N GLN A 133 -13.80 -17.69 20.13
CA GLN A 133 -12.42 -17.29 19.87
C GLN A 133 -11.65 -17.19 21.18
N GLU A 134 -12.33 -16.68 22.20
CA GLU A 134 -11.73 -16.51 23.51
C GLU A 134 -11.26 -17.86 24.06
N ARG A 135 -12.08 -18.90 23.87
CA ARG A 135 -11.74 -20.22 24.40
C ARG A 135 -10.62 -20.89 23.60
N ILE A 136 -10.59 -20.68 22.30
CA ILE A 136 -9.47 -21.18 21.53
C ILE A 136 -8.17 -20.56 22.06
N THR A 137 -8.22 -19.26 22.32
CA THR A 137 -7.03 -18.52 22.68
C THR A 137 -6.47 -19.03 24.00
N THR A 138 -7.31 -19.10 25.02
CA THR A 138 -6.85 -19.57 26.30
C THR A 138 -6.48 -21.06 26.29
N THR A 139 -7.22 -21.89 25.55
CA THR A 139 -6.93 -23.30 25.52
C THR A 139 -5.54 -23.58 24.94
N VAL A 140 -5.24 -22.92 23.83
CA VAL A 140 -3.93 -23.04 23.21
C VAL A 140 -2.84 -22.58 24.19
N ALA A 141 -3.09 -21.49 24.91
CA ALA A 141 -2.15 -21.02 25.92
C ALA A 141 -1.98 -22.04 27.05
N GLU A 142 -3.09 -22.61 27.53
CA GLU A 142 -3.05 -23.60 28.61
C GLU A 142 -2.31 -24.86 28.18
N ILE A 143 -2.60 -25.35 26.97
CA ILE A 143 -1.97 -26.56 26.48
C ILE A 143 -0.46 -26.35 26.44
N MET A 144 -0.05 -25.18 26.01
CA MET A 144 1.36 -24.90 25.97
C MET A 144 2.00 -24.81 27.32
N MET A 145 1.34 -24.19 28.29
CA MET A 145 1.87 -24.17 29.63
C MET A 145 1.97 -25.58 30.20
N GLU A 146 0.95 -26.42 29.97
CA GLU A 146 0.94 -27.78 30.47
C GLU A 146 2.06 -28.62 29.84
N LYS A 147 2.14 -28.59 28.51
CA LYS A 147 2.96 -29.55 27.80
C LYS A 147 4.39 -29.10 27.60
N LEU A 148 4.60 -27.80 27.51
CA LEU A 148 5.91 -27.27 27.23
C LEU A 148 6.60 -26.79 28.49
N LYS A 149 5.80 -26.49 29.53
CA LYS A 149 6.25 -25.92 30.81
C LYS A 149 7.30 -24.79 30.52
N PRO A 150 6.92 -23.80 29.70
CA PRO A 150 7.82 -22.69 29.39
C PRO A 150 7.78 -21.64 30.48
N LEU A 151 8.68 -20.67 30.43
CA LEU A 151 8.63 -19.57 31.39
C LEU A 151 7.41 -18.72 31.17
N GLY A 152 6.88 -18.70 29.96
CA GLY A 152 5.64 -18.00 29.70
C GLY A 152 5.19 -18.16 28.30
N VAL A 153 3.94 -17.83 28.08
CA VAL A 153 3.38 -17.93 26.76
C VAL A 153 2.54 -16.69 26.54
N MET A 154 2.48 -16.25 25.30
CA MET A 154 1.51 -15.26 24.88
C MET A 154 0.86 -15.76 23.59
N VAL A 155 -0.45 -15.79 23.58
CA VAL A 155 -1.22 -16.16 22.40
C VAL A 155 -2.13 -15.00 22.01
N ILE A 156 -2.07 -14.62 20.74
CA ILE A 156 -2.97 -13.63 20.19
C ILE A 156 -3.67 -14.20 18.98
N MET A 157 -4.98 -13.99 18.90
CA MET A 157 -5.73 -14.39 17.73
C MET A 157 -6.51 -13.22 17.19
N GLU A 158 -6.57 -13.17 15.87
CA GLU A 158 -7.24 -12.11 15.15
C GLU A 158 -8.15 -12.78 14.13
N ALA A 159 -9.42 -12.42 14.11
CA ALA A 159 -10.36 -13.11 13.22
C ALA A 159 -11.55 -12.29 12.82
N GLU A 160 -12.13 -12.66 11.70
CA GLU A 160 -13.36 -12.08 11.24
C GLU A 160 -14.43 -13.12 11.44
N HIS A 161 -15.59 -12.68 11.93
CA HIS A 161 -16.71 -13.56 12.18
C HIS A 161 -17.81 -13.33 11.17
N MET A 162 -18.19 -14.39 10.47
CA MET A 162 -19.37 -14.32 9.60
C MET A 162 -20.67 -14.21 10.44
N CYS A 163 -20.72 -14.81 11.66
CA CYS A 163 -21.76 -14.59 12.74
C CYS A 163 -22.20 -13.09 12.49
N MET A 164 -21.24 -12.22 12.15
CA MET A 164 -21.42 -10.76 12.06
C MET A 164 -21.47 -10.08 10.69
N THR A 165 -20.92 -10.73 9.67
CA THR A 165 -20.82 -10.13 8.33
C THR A 165 -22.08 -10.36 7.47
N ILE A 166 -22.73 -11.50 7.68
CA ILE A 166 -23.83 -11.94 6.84
C ILE A 166 -25.19 -11.72 7.48
N ARG A 167 -25.20 -11.36 8.76
CA ARG A 167 -26.46 -11.30 9.48
C ARG A 167 -26.98 -9.88 9.55
N GLY A 168 -28.11 -9.70 10.25
CA GLY A 168 -28.81 -8.41 10.30
C GLY A 168 -27.92 -7.28 10.78
N VAL A 169 -27.13 -7.57 11.80
CA VAL A 169 -26.14 -6.62 12.28
C VAL A 169 -25.23 -6.09 11.15
N ASN A 170 -24.83 -6.96 10.21
CA ASN A 170 -24.11 -6.60 8.98
C ASN A 170 -22.90 -5.64 9.16
N LYS A 171 -21.82 -6.11 9.76
CA LYS A 171 -20.63 -5.29 9.96
C LYS A 171 -19.42 -6.02 9.38
N PRO A 172 -19.28 -5.95 8.05
CA PRO A 172 -18.13 -6.58 7.44
C PRO A 172 -16.87 -5.78 7.77
N GLY A 173 -15.74 -6.48 7.91
CA GLY A 173 -14.47 -5.80 8.21
C GLY A 173 -14.13 -5.72 9.67
N THR A 174 -15.09 -6.09 10.51
CA THR A 174 -14.86 -6.14 11.93
C THR A 174 -13.94 -7.30 12.24
N LYS A 175 -12.90 -7.02 13.01
CA LYS A 175 -11.96 -8.02 13.47
C LYS A 175 -12.12 -8.15 14.98
N THR A 176 -12.09 -9.37 15.48
CA THR A 176 -12.01 -9.62 16.87
C THR A 176 -10.60 -10.08 17.24
N ILE A 177 -10.06 -9.52 18.31
CA ILE A 177 -8.69 -9.84 18.73
C ILE A 177 -8.72 -10.27 20.17
N THR A 178 -8.23 -11.48 20.41
CA THR A 178 -8.20 -12.05 21.76
C THR A 178 -6.74 -12.28 22.12
N SER A 179 -6.45 -12.26 23.41
CA SER A 179 -5.10 -12.61 23.87
C SER A 179 -5.11 -13.30 25.21
N ALA A 180 -4.09 -14.11 25.42
CA ALA A 180 -3.96 -14.86 26.64
C ALA A 180 -2.48 -14.81 26.96
N VAL A 181 -2.18 -14.40 28.19
CA VAL A 181 -0.80 -14.38 28.64
C VAL A 181 -0.68 -15.26 29.87
N ARG A 182 0.37 -16.05 29.91
CA ARG A 182 0.66 -16.84 31.08
C ARG A 182 2.13 -16.64 31.45
N GLY A 183 2.44 -16.91 32.72
CA GLY A 183 3.81 -16.97 33.18
C GLY A 183 4.46 -15.63 33.11
N ALA A 184 5.66 -15.58 32.56
CA ALA A 184 6.44 -14.35 32.51
C ALA A 184 5.74 -13.23 31.71
N PHE A 185 4.94 -13.59 30.71
CA PHE A 185 4.29 -12.57 29.89
C PHE A 185 3.22 -11.84 30.66
N LYS A 186 2.72 -12.47 31.71
CA LYS A 186 1.72 -11.86 32.57
C LYS A 186 2.30 -10.69 33.34
N ASN A 187 3.58 -10.72 33.70
CA ASN A 187 4.16 -9.71 34.57
C ASN A 187 5.14 -8.78 33.87
N ASP A 188 5.61 -9.13 32.68
CA ASP A 188 6.66 -8.39 32.03
C ASP A 188 6.10 -7.66 30.80
N ASP A 189 5.72 -6.41 31.02
CA ASP A 189 5.12 -5.63 29.96
C ASP A 189 6.11 -5.37 28.81
N LYS A 190 7.41 -5.29 29.10
CA LYS A 190 8.41 -5.05 28.04
C LYS A 190 8.45 -6.20 27.06
N LEU A 191 8.40 -7.39 27.61
CA LEU A 191 8.28 -8.58 26.81
C LEU A 191 7.00 -8.59 25.95
N ARG A 192 5.85 -8.30 26.54
CA ARG A 192 4.58 -8.31 25.75
C ARG A 192 4.74 -7.33 24.61
N SER A 193 5.39 -6.23 24.94
CA SER A 193 5.53 -5.12 24.02
C SER A 193 6.42 -5.47 22.83
N GLU A 194 7.45 -6.25 23.10
CA GLU A 194 8.34 -6.71 22.06
C GLU A 194 7.59 -7.68 21.13
N VAL A 195 6.80 -8.56 21.70
CA VAL A 195 6.03 -9.46 20.90
C VAL A 195 5.11 -8.67 19.97
N LEU A 196 4.43 -7.69 20.52
CA LEU A 196 3.49 -6.92 19.70
C LEU A 196 4.24 -6.23 18.57
N ALA A 197 5.45 -5.73 18.81
CA ALA A 197 6.19 -5.04 17.77
C ALA A 197 6.57 -6.02 16.67
N LEU A 198 7.03 -7.19 17.06
CA LEU A 198 7.38 -8.24 16.09
C LEU A 198 6.16 -8.74 15.26
N ILE A 199 4.98 -8.71 15.84
CA ILE A 199 3.78 -9.15 15.15
C ILE A 199 3.32 -8.15 14.12
N LYS A 200 3.59 -6.86 14.33
CA LYS A 200 3.12 -5.82 13.37
C LYS A 200 3.62 -6.05 11.92
N HIS A 201 4.92 -5.93 11.72
CA HIS A 201 5.58 -6.07 10.40
C HIS A 201 4.71 -6.54 9.20
N GLN B 16 35.56 -31.39 -1.29
CA GLN B 16 35.03 -32.07 -2.51
C GLN B 16 33.94 -33.05 -2.14
N ILE B 17 32.75 -32.85 -2.67
CA ILE B 17 31.62 -33.70 -2.34
C ILE B 17 31.59 -34.84 -3.36
N ASP B 18 31.17 -36.05 -2.97
CA ASP B 18 31.01 -37.13 -3.93
C ASP B 18 29.66 -37.03 -4.65
N LYS B 19 29.65 -36.24 -5.72
CA LYS B 19 28.43 -35.96 -6.44
C LYS B 19 27.81 -37.20 -7.05
N GLN B 20 28.65 -38.10 -7.53
CA GLN B 20 28.16 -39.30 -8.20
C GLN B 20 27.36 -40.16 -7.23
N LYS B 21 27.86 -40.27 -6.02
CA LYS B 21 27.18 -41.03 -5.01
C LYS B 21 25.80 -40.43 -4.73
N ILE B 22 25.74 -39.10 -4.64
CA ILE B 22 24.49 -38.44 -4.39
C ILE B 22 23.53 -38.68 -5.56
N ALA B 23 24.06 -38.55 -6.78
CA ALA B 23 23.25 -38.73 -7.96
C ALA B 23 22.64 -40.12 -8.02
N ASP B 24 23.41 -41.13 -7.65
CA ASP B 24 22.87 -42.50 -7.60
C ASP B 24 21.74 -42.60 -6.62
N ALA B 25 21.91 -41.97 -5.46
CA ALA B 25 20.88 -42.02 -4.44
C ALA B 25 19.61 -41.29 -4.91
N VAL B 26 19.78 -40.18 -5.62
CA VAL B 26 18.63 -39.46 -6.10
C VAL B 26 17.88 -40.30 -7.12
N LYS B 27 18.61 -41.02 -7.96
CA LYS B 27 17.97 -41.87 -8.96
C LYS B 27 17.12 -42.94 -8.30
N VAL B 28 17.66 -43.52 -7.24
CA VAL B 28 16.92 -44.50 -6.46
C VAL B 28 15.65 -43.90 -5.88
N ILE B 29 15.77 -42.68 -5.37
CA ILE B 29 14.60 -41.99 -4.82
C ILE B 29 13.51 -41.79 -5.88
N LEU B 30 13.90 -41.38 -7.07
CA LEU B 30 12.95 -41.15 -8.16
C LEU B 30 12.24 -42.41 -8.57
N GLU B 31 12.96 -43.52 -8.63
CA GLU B 31 12.31 -44.79 -8.93
C GLU B 31 11.35 -45.12 -7.84
N ALA B 32 11.82 -44.99 -6.60
CA ALA B 32 11.03 -45.40 -5.45
C ALA B 32 9.71 -44.63 -5.33
N VAL B 33 9.67 -43.35 -5.73
CA VAL B 33 8.43 -42.59 -5.61
C VAL B 33 7.48 -42.87 -6.78
N GLY B 34 7.93 -43.62 -7.78
CA GLY B 34 7.05 -44.03 -8.84
C GLY B 34 7.19 -43.15 -10.07
N GLU B 35 8.34 -42.51 -10.20
CA GLU B 35 8.60 -41.67 -11.32
C GLU B 35 9.37 -42.48 -12.36
N ASN B 36 9.44 -41.98 -13.59
CA ASN B 36 10.30 -42.58 -14.61
C ASN B 36 11.61 -41.82 -14.75
N PRO B 37 12.68 -42.33 -14.13
CA PRO B 37 13.97 -41.57 -14.13
C PRO B 37 14.59 -41.36 -15.50
N ASP B 38 14.10 -42.07 -16.51
CA ASP B 38 14.65 -41.94 -17.86
C ASP B 38 13.93 -40.94 -18.72
N ARG B 39 12.82 -40.39 -18.23
CA ARG B 39 12.11 -39.39 -19.02
C ARG B 39 12.95 -38.13 -19.12
N GLU B 40 12.70 -37.37 -20.16
CA GLU B 40 13.61 -36.31 -20.52
C GLU B 40 13.87 -35.34 -19.40
N GLY B 41 12.80 -34.98 -18.68
CA GLY B 41 12.86 -33.96 -17.66
C GLY B 41 13.64 -34.38 -16.44
N LEU B 42 13.88 -35.68 -16.29
CA LEU B 42 14.57 -36.18 -15.12
C LEU B 42 15.96 -36.73 -15.36
N ILE B 43 16.34 -36.91 -16.60
CA ILE B 43 17.62 -37.53 -16.91
C ILE B 43 18.80 -36.89 -16.18
N ASP B 44 18.84 -35.57 -16.20
CA ASP B 44 19.90 -34.83 -15.55
C ASP B 44 19.62 -34.42 -14.12
N THR B 45 18.49 -34.84 -13.59
CA THR B 45 18.07 -34.35 -12.29
C THR B 45 19.00 -34.85 -11.17
N PRO B 46 19.38 -36.13 -11.19
CA PRO B 46 20.28 -36.60 -10.17
C PRO B 46 21.55 -35.78 -10.02
N MET B 47 22.20 -35.45 -11.11
CA MET B 47 23.42 -34.63 -11.05
C MET B 47 23.09 -33.18 -10.70
N ARG B 48 21.95 -32.67 -11.15
CA ARG B 48 21.56 -31.32 -10.80
C ARG B 48 21.33 -31.19 -9.31
N VAL B 49 20.67 -32.20 -8.74
CA VAL B 49 20.44 -32.20 -7.29
C VAL B 49 21.78 -32.29 -6.58
N ALA B 50 22.70 -33.10 -7.09
CA ALA B 50 24.01 -33.20 -6.46
C ALA B 50 24.72 -31.86 -6.47
N ARG B 51 24.70 -31.18 -7.62
CA ARG B 51 25.39 -29.89 -7.73
C ARG B 51 24.71 -28.85 -6.83
N MET B 52 23.41 -28.94 -6.73
CA MET B 52 22.69 -28.04 -5.85
C MET B 52 23.09 -28.26 -4.42
N TYR B 53 23.14 -29.52 -3.97
CA TYR B 53 23.54 -29.78 -2.61
C TYR B 53 24.98 -29.30 -2.35
N GLU B 54 25.84 -29.45 -3.32
CA GLU B 54 27.19 -28.97 -3.19
C GLU B 54 27.20 -27.46 -2.93
N GLU B 55 26.32 -26.75 -3.59
CA GLU B 55 26.24 -25.31 -3.40
C GLU B 55 25.57 -24.91 -2.10
N VAL B 56 24.35 -25.43 -1.83
CA VAL B 56 23.60 -24.99 -0.66
C VAL B 56 24.17 -25.52 0.65
N PHE B 57 24.99 -26.56 0.60
CA PHE B 57 25.59 -27.08 1.81
C PHE B 57 27.06 -26.79 1.88
N ALA B 58 27.53 -25.85 1.09
CA ALA B 58 28.97 -25.54 1.05
C ALA B 58 29.50 -25.11 2.42
N GLY B 59 28.63 -24.53 3.22
CA GLY B 59 28.98 -24.02 4.54
C GLY B 59 29.52 -25.08 5.49
N LEU B 60 29.19 -26.35 5.22
CA LEU B 60 29.73 -27.47 5.98
C LEU B 60 31.24 -27.53 5.89
N LYS B 61 31.81 -26.91 4.87
CA LYS B 61 33.26 -26.92 4.65
C LYS B 61 33.95 -25.60 4.98
N LYS B 62 33.20 -24.62 5.51
CA LYS B 62 33.75 -23.29 5.75
C LYS B 62 33.62 -22.91 7.20
N ASP B 63 34.62 -22.15 7.68
CA ASP B 63 34.47 -21.44 8.94
C ASP B 63 33.84 -20.09 8.61
N PRO B 64 32.56 -19.88 9.04
CA PRO B 64 31.90 -18.61 8.74
C PRO B 64 32.51 -17.38 9.45
N SER B 65 33.29 -17.60 10.51
CA SER B 65 33.90 -16.50 11.25
C SER B 65 35.09 -15.80 10.54
N VAL B 66 35.61 -16.40 9.47
CA VAL B 66 36.77 -15.82 8.78
C VAL B 66 36.46 -14.49 8.14
N HIS B 67 35.19 -14.24 7.82
CA HIS B 67 34.83 -13.00 7.15
C HIS B 67 35.08 -11.78 8.02
N PHE B 68 35.17 -11.97 9.33
CA PHE B 68 35.47 -10.86 10.23
C PHE B 68 36.95 -10.77 10.58
N ASP B 69 37.79 -11.52 9.86
CA ASP B 69 39.24 -11.36 10.08
C ASP B 69 39.79 -9.99 9.64
N THR B 70 39.00 -9.24 8.86
CA THR B 70 39.27 -7.81 8.57
C THR B 70 38.21 -6.89 9.23
N ILE B 71 38.60 -6.05 10.20
CA ILE B 71 37.69 -5.11 10.89
C ILE B 71 38.23 -3.66 10.89
N PHE B 72 37.37 -2.68 10.68
CA PHE B 72 37.79 -1.27 10.57
C PHE B 72 37.75 -0.54 11.90
N GLU B 73 38.79 0.23 12.25
CA GLU B 73 38.88 0.92 13.54
C GLU B 73 38.74 2.45 13.37
N GLU B 74 37.54 2.99 13.65
CA GLU B 74 37.20 4.43 13.55
C GLU B 74 36.37 4.62 14.77
N GLN B 75 36.66 5.63 15.59
CA GLN B 75 35.93 5.81 16.85
C GLN B 75 34.49 6.26 16.64
N HIS B 76 33.61 5.29 16.45
CA HIS B 76 32.15 5.43 16.35
C HIS B 76 31.57 4.44 17.34
N GLU B 77 30.62 4.89 18.18
CA GLU B 77 30.18 4.14 19.36
C GLU B 77 28.66 3.90 19.36
N GLU B 78 28.01 4.31 18.29
CA GLU B 78 26.58 4.20 18.25
C GLU B 78 25.96 3.11 17.38
N LEU B 79 24.69 2.93 17.55
CA LEU B 79 23.97 1.84 16.93
C LEU B 79 24.09 1.76 15.43
N VAL B 80 24.40 0.56 14.96
CA VAL B 80 24.37 0.23 13.55
C VAL B 80 23.38 -0.91 13.36
N LEU B 81 22.48 -0.77 12.41
CA LEU B 81 21.51 -1.82 12.12
C LEU B 81 21.52 -2.07 10.64
N VAL B 82 21.67 -3.34 10.29
CA VAL B 82 21.54 -3.74 8.90
C VAL B 82 20.31 -4.61 8.85
N LYS B 83 19.32 -4.18 8.10
CA LYS B 83 18.05 -4.89 8.09
C LYS B 83 17.65 -5.38 6.72
N ASP B 84 16.77 -6.36 6.72
CA ASP B 84 16.25 -7.00 5.53
C ASP B 84 17.37 -7.60 4.72
N ILE B 85 18.22 -8.36 5.37
CA ILE B 85 19.21 -9.17 4.70
C ILE B 85 18.52 -10.49 4.31
N ARG B 86 18.35 -10.71 3.02
CA ARG B 86 17.73 -11.94 2.55
C ARG B 86 18.63 -13.10 2.91
N PHE B 87 18.02 -14.21 3.32
CA PHE B 87 18.75 -15.44 3.50
C PHE B 87 17.85 -16.60 3.16
N SER B 88 18.47 -17.74 2.93
CA SER B 88 17.77 -18.96 2.77
C SER B 88 18.61 -20.08 3.31
N SER B 89 17.96 -21.19 3.64
CA SER B 89 18.69 -22.30 4.18
C SER B 89 17.83 -23.50 3.91
N MET B 90 18.21 -24.67 4.42
CA MET B 90 17.42 -25.87 4.27
C MET B 90 17.11 -26.39 5.65
N CYS B 91 15.85 -26.70 5.97
CA CYS B 91 15.57 -27.25 7.30
C CYS B 91 16.33 -28.57 7.37
N GLU B 92 16.96 -28.83 8.50
CA GLU B 92 17.59 -30.11 8.71
C GLU B 92 16.58 -31.26 8.88
N HIS B 93 15.36 -30.96 9.27
CA HIS B 93 14.37 -32.00 9.48
C HIS B 93 13.87 -32.62 8.18
N HIS B 94 13.73 -31.79 7.14
CA HIS B 94 13.08 -32.22 5.85
C HIS B 94 13.87 -31.89 4.63
N LEU B 95 15.00 -31.19 4.80
CA LEU B 95 15.83 -30.76 3.70
C LEU B 95 15.04 -29.97 2.65
N VAL B 96 14.21 -29.07 3.12
CA VAL B 96 13.49 -28.19 2.26
C VAL B 96 13.76 -26.75 2.66
N PRO B 97 13.75 -25.85 1.71
CA PRO B 97 14.17 -24.51 1.99
C PRO B 97 13.28 -23.79 2.96
N PHE B 98 13.90 -22.96 3.78
CA PHE B 98 13.20 -21.86 4.45
C PHE B 98 13.98 -20.57 4.15
N PHE B 99 13.28 -19.45 4.13
CA PHE B 99 13.86 -18.23 3.62
C PHE B 99 13.14 -17.03 4.20
N GLY B 100 13.84 -15.92 4.27
CA GLY B 100 13.26 -14.68 4.72
C GLY B 100 14.32 -13.65 4.91
N VAL B 101 14.28 -12.93 6.02
CA VAL B 101 15.23 -11.85 6.24
C VAL B 101 15.85 -11.95 7.60
N ALA B 102 17.07 -11.45 7.67
CA ALA B 102 17.78 -11.30 8.96
C ALA B 102 17.99 -9.81 9.18
N HIS B 103 17.90 -9.42 10.43
CA HIS B 103 18.22 -8.08 10.84
C HIS B 103 19.32 -8.21 11.88
N VAL B 104 20.38 -7.43 11.72
CA VAL B 104 21.51 -7.48 12.63
C VAL B 104 21.86 -6.10 13.12
N ALA B 105 21.83 -5.94 14.43
CA ALA B 105 22.11 -4.67 15.05
C ALA B 105 23.25 -4.84 16.03
N TYR B 106 24.12 -3.86 16.10
CA TYR B 106 25.18 -3.94 17.13
C TYR B 106 25.65 -2.55 17.57
N LEU B 107 26.25 -2.54 18.75
CA LEU B 107 26.84 -1.35 19.33
C LEU B 107 28.31 -1.52 19.28
N PRO B 108 28.93 -0.86 18.32
CA PRO B 108 30.39 -0.99 18.21
C PRO B 108 31.12 -0.58 19.47
N GLN B 109 32.28 -1.14 19.65
CA GLN B 109 33.11 -0.91 20.79
C GLN B 109 34.51 -0.53 20.31
N ASN B 110 35.01 0.64 20.72
CA ASN B 110 36.32 1.13 20.31
C ASN B 110 36.39 1.33 18.83
N GLY B 111 35.27 1.71 18.23
CA GLY B 111 35.20 1.95 16.79
C GLY B 111 35.36 0.76 15.86
N ARG B 112 35.25 -0.45 16.40
CA ARG B 112 35.34 -1.63 15.57
C ARG B 112 34.04 -1.79 14.83
N VAL B 113 34.06 -1.55 13.52
CA VAL B 113 32.85 -1.66 12.70
C VAL B 113 33.00 -2.74 11.64
N ALA B 114 31.90 -3.45 11.40
CA ALA B 114 31.89 -4.54 10.44
C ALA B 114 31.61 -4.02 9.05
N GLY B 115 32.33 -4.51 8.05
CA GLY B 115 31.92 -4.29 6.69
C GLY B 115 30.54 -4.91 6.47
N LEU B 116 29.68 -4.21 5.77
CA LEU B 116 28.31 -4.68 5.56
C LEU B 116 28.32 -6.00 4.81
N SER B 117 29.12 -6.08 3.76
CA SER B 117 29.15 -7.30 2.98
C SER B 117 29.70 -8.47 3.80
N LYS B 118 30.58 -8.19 4.76
CA LYS B 118 31.12 -9.23 5.62
C LYS B 118 30.02 -9.80 6.52
N LEU B 119 29.15 -8.94 7.01
CA LEU B 119 27.98 -9.35 7.77
C LEU B 119 27.09 -10.33 7.00
N ALA B 120 26.77 -9.92 5.78
CA ALA B 120 25.96 -10.70 4.91
C ALA B 120 26.59 -12.06 4.63
N ARG B 121 27.91 -12.07 4.47
CA ARG B 121 28.61 -13.32 4.19
C ARG B 121 28.50 -14.29 5.34
N VAL B 122 28.54 -13.75 6.56
CA VAL B 122 28.45 -14.57 7.75
C VAL B 122 27.06 -15.22 7.80
N VAL B 123 26.03 -14.44 7.54
CA VAL B 123 24.71 -14.97 7.49
C VAL B 123 24.62 -16.07 6.44
N ASP B 124 25.11 -15.80 5.24
CA ASP B 124 25.11 -16.80 4.17
C ASP B 124 25.85 -18.07 4.51
N ASP B 125 27.05 -17.92 5.05
CA ASP B 125 27.85 -19.08 5.36
C ASP B 125 27.25 -19.94 6.46
N VAL B 126 26.73 -19.32 7.51
CA VAL B 126 26.10 -20.06 8.58
C VAL B 126 24.86 -20.78 8.01
N SER B 127 24.18 -20.12 7.07
CA SER B 127 22.98 -20.62 6.45
C SER B 127 23.18 -21.79 5.51
N ARG B 128 24.36 -21.90 4.90
CA ARG B 128 24.60 -22.86 3.82
C ARG B 128 24.95 -24.23 4.37
N ARG B 129 23.99 -24.77 5.09
CA ARG B 129 24.10 -26.10 5.65
C ARG B 129 22.75 -26.44 6.19
N PRO B 130 22.50 -27.71 6.49
CA PRO B 130 21.19 -28.04 7.06
C PRO B 130 21.05 -27.34 8.39
N GLN B 131 19.94 -26.65 8.61
CA GLN B 131 19.85 -25.79 9.79
C GLN B 131 18.54 -25.82 10.51
N LEU B 132 18.57 -25.26 11.72
CA LEU B 132 17.42 -24.73 12.41
C LEU B 132 17.55 -23.23 12.38
N GLN B 133 16.44 -22.54 12.21
CA GLN B 133 16.47 -21.06 12.24
C GLN B 133 17.10 -20.51 13.55
N GLU B 134 16.73 -21.14 14.65
CA GLU B 134 17.20 -20.76 15.96
C GLU B 134 18.74 -20.80 15.98
N ARG B 135 19.33 -21.87 15.42
CA ARG B 135 20.77 -22.03 15.49
C ARG B 135 21.49 -21.02 14.60
N ILE B 136 20.89 -20.69 13.45
CA ILE B 136 21.46 -19.65 12.62
C ILE B 136 21.49 -18.33 13.38
N THR B 137 20.40 -18.04 14.05
CA THR B 137 20.27 -16.79 14.76
C THR B 137 21.36 -16.68 15.83
N THR B 138 21.45 -17.66 16.70
CA THR B 138 22.40 -17.56 17.78
C THR B 138 23.85 -17.64 17.28
N THR B 139 24.10 -18.44 16.25
CA THR B 139 25.46 -18.56 15.71
C THR B 139 25.97 -17.27 15.14
N VAL B 140 25.13 -16.61 14.39
CA VAL B 140 25.47 -15.29 13.90
C VAL B 140 25.78 -14.34 15.06
N ALA B 141 24.95 -14.36 16.10
CA ALA B 141 25.13 -13.47 17.20
C ALA B 141 26.46 -13.77 17.89
N GLU B 142 26.77 -15.05 18.08
CA GLU B 142 27.99 -15.48 18.76
C GLU B 142 29.22 -15.10 17.97
N ILE B 143 29.19 -15.36 16.66
CA ILE B 143 30.29 -14.99 15.82
C ILE B 143 30.58 -13.49 15.90
N MET B 144 29.53 -12.69 15.90
CA MET B 144 29.73 -11.28 16.06
C MET B 144 30.36 -10.88 17.37
N MET B 145 29.89 -11.47 18.47
CA MET B 145 30.42 -11.12 19.76
C MET B 145 31.89 -11.51 19.80
N GLU B 146 32.19 -12.66 19.25
CA GLU B 146 33.54 -13.11 19.28
C GLU B 146 34.51 -12.35 18.39
N LYS B 147 34.12 -12.09 17.15
CA LYS B 147 35.04 -11.52 16.18
C LYS B 147 34.99 -9.98 16.12
N LEU B 148 33.84 -9.38 16.37
CA LEU B 148 33.64 -7.93 16.43
C LEU B 148 33.87 -7.28 17.81
N LYS B 149 33.65 -8.07 18.86
CA LYS B 149 33.74 -7.59 20.23
C LYS B 149 33.03 -6.26 20.43
N PRO B 150 31.77 -6.19 20.02
CA PRO B 150 30.96 -5.02 20.26
C PRO B 150 30.41 -4.96 21.68
N LEU B 151 29.87 -3.83 22.07
CA LEU B 151 29.17 -3.74 23.36
C LEU B 151 27.95 -4.68 23.39
N GLY B 152 27.36 -4.96 22.24
CA GLY B 152 26.23 -5.86 22.21
C GLY B 152 25.78 -6.11 20.81
N VAL B 153 25.04 -7.17 20.67
CA VAL B 153 24.48 -7.50 19.37
C VAL B 153 23.03 -7.93 19.54
N MET B 154 22.22 -7.64 18.54
CA MET B 154 20.83 -8.17 18.49
C MET B 154 20.60 -8.70 17.10
N VAL B 155 20.22 -9.97 17.01
CA VAL B 155 19.94 -10.59 15.71
C VAL B 155 18.52 -11.08 15.70
N ILE B 156 17.80 -10.69 14.68
CA ILE B 156 16.41 -11.15 14.49
C ILE B 156 16.27 -11.76 13.11
N MET B 157 15.61 -12.91 13.03
CA MET B 157 15.37 -13.55 11.74
C MET B 157 13.90 -13.87 11.62
N GLU B 158 13.41 -13.70 10.41
CA GLU B 158 12.01 -13.89 10.09
C GLU B 158 11.97 -14.71 8.84
N ALA B 159 11.28 -15.83 8.88
CA ALA B 159 11.33 -16.73 7.74
C ALA B 159 10.08 -17.56 7.58
N GLU B 160 9.88 -18.01 6.36
CA GLU B 160 8.78 -18.92 6.03
C GLU B 160 9.41 -20.26 5.73
N HIS B 161 8.82 -21.31 6.28
CA HIS B 161 9.32 -22.66 6.13
C HIS B 161 8.43 -23.42 5.14
N MET B 162 9.04 -23.94 4.06
CA MET B 162 8.31 -24.85 3.17
C MET B 162 8.06 -26.21 3.87
N CYS B 163 8.95 -26.65 4.80
CA CYS B 163 8.73 -27.77 5.81
C CYS B 163 7.15 -27.72 6.05
N MET B 164 6.58 -26.50 6.14
CA MET B 164 5.19 -26.24 6.56
C MET B 164 4.14 -25.84 5.50
N THR B 165 4.58 -25.35 4.35
CA THR B 165 3.68 -24.81 3.35
C THR B 165 3.22 -25.89 2.38
N ILE B 166 4.08 -26.85 2.12
CA ILE B 166 3.86 -27.86 1.07
C ILE B 166 3.43 -29.20 1.64
N ARG B 167 3.50 -29.35 2.94
CA ARG B 167 3.22 -30.66 3.55
C ARG B 167 1.79 -30.74 4.06
N GLY B 168 1.47 -31.87 4.68
CA GLY B 168 0.09 -32.16 5.11
C GLY B 168 -0.48 -31.09 5.99
N VAL B 169 0.35 -30.60 6.90
CA VAL B 169 -0.05 -29.54 7.79
C VAL B 169 -0.58 -28.32 6.99
N ASN B 170 0.06 -28.03 5.87
CA ASN B 170 -0.40 -27.01 4.93
C ASN B 170 -0.80 -25.64 5.55
N LYS B 171 0.17 -24.88 6.03
CA LYS B 171 -0.07 -23.55 6.59
C LYS B 171 0.82 -22.52 5.89
N PRO B 172 0.40 -22.11 4.69
CA PRO B 172 1.16 -21.07 4.02
C PRO B 172 1.00 -19.75 4.74
N GLY B 173 2.05 -18.93 4.74
CA GLY B 173 2.00 -17.60 5.35
C GLY B 173 2.56 -17.55 6.77
N THR B 174 2.81 -18.70 7.36
CA THR B 174 3.26 -18.78 8.72
C THR B 174 4.73 -18.35 8.73
N LYS B 175 5.05 -17.43 9.62
CA LYS B 175 6.35 -16.87 9.72
C LYS B 175 6.91 -17.23 11.08
N THR B 176 8.17 -17.63 11.10
CA THR B 176 8.82 -17.92 12.33
C THR B 176 9.82 -16.81 12.59
N ILE B 177 9.84 -16.34 13.81
CA ILE B 177 10.71 -15.25 14.18
C ILE B 177 11.57 -15.64 15.37
N THR B 178 12.87 -15.55 15.18
CA THR B 178 13.84 -15.93 16.18
C THR B 178 14.71 -14.71 16.50
N SER B 179 15.26 -14.69 17.69
CA SER B 179 16.09 -13.59 18.10
C SER B 179 17.13 -14.02 19.08
N ALA B 180 18.20 -13.26 19.10
CA ALA B 180 19.33 -13.51 20.00
C ALA B 180 19.88 -12.17 20.39
N VAL B 181 19.95 -11.94 21.68
CA VAL B 181 20.53 -10.73 22.17
C VAL B 181 21.76 -11.04 23.00
N ARG B 182 22.78 -10.25 22.82
CA ARG B 182 23.98 -10.41 23.65
C ARG B 182 24.43 -9.05 24.13
N GLY B 183 25.20 -9.04 25.22
CA GLY B 183 25.87 -7.84 25.71
C GLY B 183 24.83 -6.83 26.15
N ALA B 184 25.01 -5.58 25.74
CA ALA B 184 24.14 -4.50 26.17
C ALA B 184 22.69 -4.66 25.78
N PHE B 185 22.41 -5.34 24.67
CA PHE B 185 21.02 -5.58 24.26
C PHE B 185 20.27 -6.52 25.22
N LYS B 186 21.03 -7.36 25.92
CA LYS B 186 20.44 -8.26 26.88
C LYS B 186 19.85 -7.49 28.08
N ASN B 187 20.44 -6.36 28.47
CA ASN B 187 20.04 -5.66 29.70
C ASN B 187 19.35 -4.33 29.47
N ASP B 188 19.41 -3.81 28.25
CA ASP B 188 18.82 -2.54 27.94
C ASP B 188 17.57 -2.69 27.06
N ASP B 189 16.42 -2.74 27.70
CA ASP B 189 15.16 -2.90 26.99
C ASP B 189 14.84 -1.72 26.06
N LYS B 190 15.30 -0.52 26.40
CA LYS B 190 15.03 0.65 25.57
C LYS B 190 15.73 0.51 24.23
N LEU B 191 16.95 0.04 24.30
CA LEU B 191 17.74 -0.24 23.12
C LEU B 191 17.08 -1.33 22.24
N ARG B 192 16.66 -2.43 22.85
CA ARG B 192 15.96 -3.47 22.08
C ARG B 192 14.73 -2.89 21.39
N SER B 193 14.06 -2.03 22.12
CA SER B 193 12.84 -1.42 21.66
C SER B 193 13.06 -0.49 20.46
N GLU B 194 14.17 0.23 20.49
CA GLU B 194 14.51 1.12 19.40
C GLU B 194 14.87 0.34 18.14
N VAL B 195 15.62 -0.75 18.30
CA VAL B 195 15.89 -1.62 17.19
C VAL B 195 14.58 -2.12 16.57
N LEU B 196 13.66 -2.61 17.41
CA LEU B 196 12.41 -3.14 16.87
C LEU B 196 11.62 -2.05 16.14
N ALA B 197 11.66 -0.82 16.63
CA ALA B 197 10.96 0.24 15.89
C ALA B 197 11.59 0.49 14.55
N LEU B 198 12.92 0.54 14.50
CA LEU B 198 13.64 0.79 13.24
C LEU B 198 13.50 -0.34 12.22
N ILE B 199 13.30 -1.56 12.70
CA ILE B 199 13.02 -2.69 11.83
C ILE B 199 11.62 -2.67 11.20
N LYS B 200 10.63 -2.12 11.87
CA LYS B 200 9.24 -2.07 11.30
C LYS B 200 9.12 -1.38 9.94
N HIS B 201 9.35 -0.08 9.91
CA HIS B 201 9.17 0.74 8.70
C HIS B 201 8.66 0.01 7.43
N GLN C 16 1.72 -47.13 -2.57
CA GLN C 16 2.58 -47.75 -1.52
C GLN C 16 4.00 -47.44 -1.94
N ILE C 17 4.60 -46.49 -1.28
CA ILE C 17 5.97 -46.06 -1.65
C ILE C 17 6.87 -46.84 -0.72
N ASP C 18 8.05 -47.22 -1.20
CA ASP C 18 9.02 -47.87 -0.34
C ASP C 18 9.82 -46.81 0.44
N LYS C 19 9.27 -46.40 1.58
CA LYS C 19 9.86 -45.36 2.38
C LYS C 19 11.24 -45.70 2.91
N GLN C 20 11.45 -46.95 3.27
CA GLN C 20 12.70 -47.40 3.81
C GLN C 20 13.83 -47.24 2.79
N LYS C 21 13.53 -47.59 1.56
CA LYS C 21 14.48 -47.42 0.49
C LYS C 21 14.88 -45.93 0.36
N ILE C 22 13.89 -45.04 0.41
CA ILE C 22 14.14 -43.64 0.24
C ILE C 22 14.98 -43.17 1.37
N ALA C 23 14.61 -43.60 2.58
CA ALA C 23 15.33 -43.18 3.76
C ALA C 23 16.80 -43.57 3.65
N ASP C 24 17.07 -44.78 3.16
CA ASP C 24 18.45 -45.23 2.99
C ASP C 24 19.20 -44.33 2.02
N ALA C 25 18.56 -43.96 0.92
CA ALA C 25 19.17 -43.08 -0.04
C ALA C 25 19.44 -41.68 0.57
N VAL C 26 18.51 -41.18 1.37
CA VAL C 26 18.70 -39.88 2.01
C VAL C 26 19.90 -39.92 2.96
N LYS C 27 20.03 -41.01 3.70
CA LYS C 27 21.14 -41.16 4.60
C LYS C 27 22.47 -41.14 3.84
N VAL C 28 22.51 -41.83 2.71
CA VAL C 28 23.68 -41.78 1.83
C VAL C 28 23.97 -40.33 1.41
N ILE C 29 22.93 -39.61 1.04
CA ILE C 29 23.11 -38.22 0.62
C ILE C 29 23.73 -37.37 1.73
N LEU C 30 23.22 -37.52 2.95
CA LEU C 30 23.73 -36.79 4.09
C LEU C 30 25.20 -37.08 4.39
N GLU C 31 25.61 -38.35 4.28
CA GLU C 31 27.01 -38.69 4.41
C GLU C 31 27.80 -38.00 3.31
N ALA C 32 27.31 -38.11 2.09
CA ALA C 32 28.03 -37.65 0.94
C ALA C 32 28.26 -36.13 0.97
N VAL C 33 27.34 -35.37 1.55
CA VAL C 33 27.53 -33.91 1.60
C VAL C 33 28.43 -33.49 2.75
N GLY C 34 28.81 -34.41 3.62
CA GLY C 34 29.76 -34.12 4.66
C GLY C 34 29.08 -33.85 5.99
N GLU C 35 27.87 -34.34 6.14
CA GLU C 35 27.14 -34.20 7.39
C GLU C 35 27.40 -35.44 8.24
N ASN C 36 27.04 -35.36 9.52
CA ASN C 36 27.01 -36.53 10.38
C ASN C 36 25.58 -37.04 10.55
N PRO C 37 25.21 -38.07 9.81
CA PRO C 37 23.83 -38.57 9.82
C PRO C 37 23.38 -39.16 11.12
N ASP C 38 24.32 -39.39 12.04
CA ASP C 38 23.97 -39.92 13.37
C ASP C 38 23.77 -38.87 14.42
N ARG C 39 23.99 -37.60 14.07
CA ARG C 39 23.73 -36.53 15.05
C ARG C 39 22.22 -36.41 15.29
N GLU C 40 21.89 -35.90 16.45
CA GLU C 40 20.54 -35.93 16.91
C GLU C 40 19.56 -35.30 15.94
N GLY C 41 19.95 -34.18 15.34
CA GLY C 41 19.03 -33.41 14.47
C GLY C 41 18.77 -34.05 13.13
N LEU C 42 19.57 -35.05 12.77
CA LEU C 42 19.41 -35.72 11.52
C LEU C 42 18.93 -37.16 11.60
N ILE C 43 18.92 -37.74 12.78
CA ILE C 43 18.61 -39.14 12.86
C ILE C 43 17.23 -39.48 12.25
N ASP C 44 16.23 -38.62 12.41
CA ASP C 44 14.89 -38.83 11.87
C ASP C 44 14.64 -38.20 10.56
N THR C 45 15.69 -37.59 10.01
CA THR C 45 15.52 -36.85 8.77
C THR C 45 15.24 -37.76 7.57
N PRO C 46 15.99 -38.86 7.46
CA PRO C 46 15.70 -39.78 6.33
C PRO C 46 14.25 -40.21 6.22
N MET C 47 13.65 -40.63 7.33
CA MET C 47 12.24 -41.06 7.30
C MET C 47 11.29 -39.89 7.11
N ARG C 48 11.62 -38.75 7.70
CA ARG C 48 10.79 -37.57 7.48
C ARG C 48 10.76 -37.20 6.02
N VAL C 49 11.92 -37.23 5.37
CA VAL C 49 11.99 -36.91 3.97
C VAL C 49 11.16 -37.93 3.18
N ALA C 50 11.23 -39.19 3.56
CA ALA C 50 10.47 -40.20 2.86
C ALA C 50 9.00 -39.93 2.98
N ARG C 51 8.53 -39.63 4.18
CA ARG C 51 7.11 -39.36 4.39
C ARG C 51 6.67 -38.10 3.65
N MET C 52 7.55 -37.11 3.62
CA MET C 52 7.25 -35.93 2.86
C MET C 52 7.10 -36.26 1.37
N TYR C 53 8.02 -37.03 0.82
CA TYR C 53 7.95 -37.34 -0.59
C TYR C 53 6.67 -38.13 -0.89
N GLU C 54 6.29 -38.99 0.02
CA GLU C 54 5.08 -39.74 -0.15
C GLU C 54 3.89 -38.80 -0.30
N GLU C 55 3.91 -37.72 0.45
CA GLU C 55 2.84 -36.76 0.40
C GLU C 55 2.92 -35.86 -0.83
N VAL C 56 4.07 -35.21 -1.06
CA VAL C 56 4.16 -34.21 -2.14
C VAL C 56 4.22 -34.84 -3.53
N PHE C 57 4.53 -36.13 -3.62
CA PHE C 57 4.49 -36.79 -4.92
C PHE C 57 3.34 -37.75 -5.05
N ALA C 58 2.33 -37.62 -4.21
CA ALA C 58 1.21 -38.57 -4.23
C ALA C 58 0.50 -38.59 -5.58
N GLY C 59 0.58 -37.47 -6.30
CA GLY C 59 -0.07 -37.30 -7.57
C GLY C 59 0.39 -38.28 -8.62
N LEU C 60 1.59 -38.83 -8.44
CA LEU C 60 2.09 -39.87 -9.32
C LEU C 60 1.19 -41.10 -9.35
N LYS C 61 0.39 -41.29 -8.30
CA LYS C 61 -0.45 -42.47 -8.19
C LYS C 61 -1.92 -42.16 -8.46
N LYS C 62 -2.24 -40.93 -8.84
CA LYS C 62 -3.63 -40.51 -8.99
C LYS C 62 -3.88 -40.02 -10.39
N ASP C 63 -5.09 -40.29 -10.88
CA ASP C 63 -5.59 -39.60 -12.06
C ASP C 63 -6.24 -38.30 -11.58
N PRO C 64 -5.65 -37.14 -11.92
CA PRO C 64 -6.21 -35.86 -11.46
C PRO C 64 -7.56 -35.52 -12.10
N SER C 65 -7.90 -36.16 -13.22
CA SER C 65 -9.16 -35.89 -13.91
C SER C 65 -10.40 -36.45 -13.21
N VAL C 66 -10.23 -37.33 -12.22
CA VAL C 66 -11.40 -37.95 -11.55
C VAL C 66 -12.26 -36.95 -10.80
N HIS C 67 -11.68 -35.84 -10.39
CA HIS C 67 -12.45 -34.85 -9.63
C HIS C 67 -13.57 -34.22 -10.42
N PHE C 68 -13.49 -34.26 -11.74
CA PHE C 68 -14.55 -33.70 -12.56
C PHE C 68 -15.51 -34.78 -13.01
N ASP C 69 -15.42 -35.98 -12.44
CA ASP C 69 -16.44 -36.98 -12.78
C ASP C 69 -17.85 -36.61 -12.33
N THR C 70 -17.97 -35.64 -11.41
CA THR C 70 -19.26 -35.04 -10.99
C THR C 70 -19.34 -33.56 -11.34
N ILE C 71 -20.28 -33.18 -12.20
CA ILE C 71 -20.44 -31.79 -12.63
C ILE C 71 -21.88 -31.30 -12.46
N PHE C 72 -22.08 -30.01 -12.16
CA PHE C 72 -23.42 -29.43 -12.02
C PHE C 72 -24.02 -28.88 -13.32
N GLU C 73 -25.31 -29.12 -13.58
CA GLU C 73 -26.00 -28.55 -14.73
C GLU C 73 -26.93 -27.41 -14.31
N GLU C 74 -26.56 -26.20 -14.69
CA GLU C 74 -27.28 -24.98 -14.46
C GLU C 74 -27.55 -24.50 -15.91
N GLN C 75 -28.23 -23.36 -16.09
CA GLN C 75 -28.49 -22.73 -17.42
C GLN C 75 -27.53 -21.53 -17.78
N HIS C 76 -26.35 -21.61 -17.19
CA HIS C 76 -25.34 -20.52 -17.17
C HIS C 76 -24.22 -20.58 -18.22
N GLU C 77 -23.99 -19.47 -18.94
CA GLU C 77 -23.15 -19.46 -20.14
C GLU C 77 -22.04 -18.41 -20.14
N GLU C 78 -21.88 -17.75 -19.01
CA GLU C 78 -20.94 -16.65 -18.94
C GLU C 78 -19.71 -16.97 -18.10
N LEU C 79 -18.75 -16.10 -18.27
CA LEU C 79 -17.42 -16.29 -17.72
C LEU C 79 -17.38 -16.54 -16.22
N VAL C 80 -16.65 -17.57 -15.86
CA VAL C 80 -16.33 -17.86 -14.48
C VAL C 80 -14.83 -17.80 -14.33
N LEU C 81 -14.36 -17.07 -13.33
CA LEU C 81 -12.94 -16.97 -13.06
C LEU C 81 -12.69 -17.26 -11.61
N VAL C 82 -11.80 -18.20 -11.35
CA VAL C 82 -11.40 -18.49 -10.01
C VAL C 82 -9.96 -18.08 -9.93
N LYS C 83 -9.66 -17.09 -9.11
CA LYS C 83 -8.32 -16.54 -9.07
C LYS C 83 -7.66 -16.69 -7.72
N ASP C 84 -6.35 -16.63 -7.73
CA ASP C 84 -5.53 -16.76 -6.52
C ASP C 84 -5.72 -18.08 -5.81
N ILE C 85 -5.68 -19.15 -6.57
CA ILE C 85 -5.69 -20.49 -6.02
C ILE C 85 -4.24 -20.84 -5.68
N ARG C 86 -3.95 -20.96 -4.39
CA ARG C 86 -2.58 -21.27 -3.96
C ARG C 86 -2.21 -22.66 -4.44
N PHE C 87 -0.97 -22.82 -4.90
CA PHE C 87 -0.48 -24.16 -5.20
C PHE C 87 0.98 -24.22 -4.85
N SER C 88 1.50 -25.42 -4.74
CA SER C 88 2.93 -25.66 -4.66
C SER C 88 3.29 -26.97 -5.32
N SER C 89 4.54 -27.11 -5.69
CA SER C 89 4.96 -28.27 -6.42
C SER C 89 6.45 -28.36 -6.22
N MET C 90 7.11 -29.30 -6.87
CA MET C 90 8.55 -29.46 -6.76
C MET C 90 9.12 -29.41 -8.17
N CYS C 91 10.14 -28.58 -8.44
CA CYS C 91 10.72 -28.55 -9.79
C CYS C 91 11.27 -29.95 -10.03
N GLU C 92 11.04 -30.48 -11.22
CA GLU C 92 11.62 -31.74 -11.58
C GLU C 92 13.14 -31.65 -11.81
N HIS C 93 13.64 -30.45 -12.08
CA HIS C 93 15.08 -30.27 -12.29
C HIS C 93 15.91 -30.46 -11.01
N HIS C 94 15.39 -29.98 -9.89
CA HIS C 94 16.16 -29.89 -8.63
C HIS C 94 15.44 -30.41 -7.42
N LEU C 95 14.18 -30.81 -7.60
CA LEU C 95 13.37 -31.29 -6.50
C LEU C 95 13.28 -30.32 -5.35
N VAL C 96 13.09 -29.04 -5.69
CA VAL C 96 12.85 -28.03 -4.69
C VAL C 96 11.55 -27.34 -5.00
N PRO C 97 10.89 -26.86 -3.96
CA PRO C 97 9.57 -26.32 -4.16
C PRO C 97 9.52 -25.08 -5.03
N PHE C 98 8.44 -24.97 -5.81
CA PHE C 98 8.00 -23.71 -6.33
C PHE C 98 6.52 -23.56 -5.96
N PHE C 99 6.08 -22.31 -5.82
CA PHE C 99 4.77 -22.05 -5.27
C PHE C 99 4.26 -20.72 -5.74
N GLY C 100 2.95 -20.58 -5.76
CA GLY C 100 2.32 -19.29 -6.06
C GLY C 100 0.84 -19.48 -6.23
N VAL C 101 0.29 -18.92 -7.30
CA VAL C 101 -1.12 -18.96 -7.50
C VAL C 101 -1.45 -19.38 -8.90
N ALA C 102 -2.63 -19.97 -9.03
CA ALA C 102 -3.20 -20.29 -10.32
C ALA C 102 -4.50 -19.55 -10.47
N HIS C 103 -4.78 -19.10 -11.69
CA HIS C 103 -6.01 -18.46 -12.04
C HIS C 103 -6.64 -19.24 -13.15
N VAL C 104 -7.90 -19.59 -13.00
CA VAL C 104 -8.57 -20.47 -13.97
C VAL C 104 -9.87 -19.85 -14.38
N ALA C 105 -10.02 -19.65 -15.67
CA ALA C 105 -11.16 -19.01 -16.21
C ALA C 105 -11.75 -19.92 -17.25
N TYR C 106 -13.08 -20.00 -17.29
CA TYR C 106 -13.67 -20.75 -18.36
C TYR C 106 -15.04 -20.23 -18.76
N LEU C 107 -15.43 -20.62 -19.97
CA LEU C 107 -16.76 -20.30 -20.49
C LEU C 107 -17.58 -21.57 -20.52
N PRO C 108 -18.50 -21.71 -19.59
CA PRO C 108 -19.26 -22.95 -19.53
C PRO C 108 -20.01 -23.18 -20.83
N GLN C 109 -20.22 -24.42 -21.14
CA GLN C 109 -21.05 -24.83 -22.24
C GLN C 109 -22.19 -25.72 -21.74
N ASN C 110 -23.42 -25.43 -22.17
CA ASN C 110 -24.60 -26.19 -21.76
C ASN C 110 -24.75 -26.26 -20.25
N GLY C 111 -24.37 -25.17 -19.56
CA GLY C 111 -24.47 -25.07 -18.10
C GLY C 111 -23.60 -26.01 -17.27
N ARG C 112 -22.60 -26.62 -17.88
CA ARG C 112 -21.69 -27.49 -17.14
C ARG C 112 -20.72 -26.61 -16.37
N VAL C 113 -20.89 -26.56 -15.05
CA VAL C 113 -20.03 -25.75 -14.18
C VAL C 113 -19.27 -26.62 -13.20
N ALA C 114 -18.03 -26.23 -12.95
CA ALA C 114 -17.15 -26.96 -12.08
C ALA C 114 -17.37 -26.53 -10.65
N GLY C 115 -17.46 -27.49 -9.74
CA GLY C 115 -17.35 -27.15 -8.33
C GLY C 115 -15.98 -26.51 -8.07
N LEU C 116 -15.97 -25.47 -7.25
CA LEU C 116 -14.73 -24.75 -6.95
C LEU C 116 -13.70 -25.65 -6.31
N SER C 117 -14.13 -26.43 -5.34
CA SER C 117 -13.21 -27.29 -4.68
C SER C 117 -12.66 -28.37 -5.63
N LYS C 118 -13.46 -28.79 -6.61
CA LYS C 118 -13.00 -29.77 -7.58
C LYS C 118 -11.89 -29.16 -8.44
N LEU C 119 -12.04 -27.91 -8.79
CA LEU C 119 -11.03 -27.19 -9.52
C LEU C 119 -9.70 -27.18 -8.76
N ALA C 120 -9.78 -26.84 -7.49
CA ALA C 120 -8.61 -26.73 -6.65
C ALA C 120 -7.95 -28.08 -6.53
N ARG C 121 -8.75 -29.14 -6.46
CA ARG C 121 -8.21 -30.48 -6.34
C ARG C 121 -7.44 -30.91 -7.57
N VAL C 122 -7.91 -30.49 -8.74
CA VAL C 122 -7.23 -30.79 -9.96
C VAL C 122 -5.86 -30.09 -9.98
N VAL C 123 -5.85 -28.82 -9.60
CA VAL C 123 -4.62 -28.11 -9.51
C VAL C 123 -3.66 -28.83 -8.55
N ASP C 124 -4.14 -29.17 -7.36
CA ASP C 124 -3.31 -29.88 -6.39
C ASP C 124 -2.78 -31.18 -6.88
N ASP C 125 -3.65 -31.99 -7.49
CA ASP C 125 -3.26 -33.31 -7.91
C ASP C 125 -2.23 -33.28 -9.04
N VAL C 126 -2.43 -32.37 -10.00
CA VAL C 126 -1.48 -32.23 -11.08
C VAL C 126 -0.14 -31.75 -10.50
N SER C 127 -0.20 -30.90 -9.47
CA SER C 127 0.94 -30.32 -8.81
C SER C 127 1.73 -31.28 -7.97
N ARG C 128 1.09 -32.31 -7.45
CA ARG C 128 1.74 -33.23 -6.50
C ARG C 128 2.56 -34.30 -7.22
N ARG C 129 3.55 -33.83 -7.95
CA ARG C 129 4.52 -34.69 -8.61
C ARG C 129 5.62 -33.77 -9.10
N PRO C 130 6.79 -34.31 -9.42
CA PRO C 130 7.84 -33.45 -9.96
C PRO C 130 7.37 -32.81 -11.22
N GLN C 131 7.51 -31.50 -11.34
CA GLN C 131 6.86 -30.77 -12.42
C GLN C 131 7.69 -29.71 -13.07
N LEU C 132 7.20 -29.28 -14.23
CA LEU C 132 7.45 -27.96 -14.80
C LEU C 132 6.18 -27.13 -14.68
N GLN C 133 6.32 -25.85 -14.40
CA GLN C 133 5.19 -24.98 -14.28
C GLN C 133 4.38 -24.97 -15.57
N GLU C 134 5.09 -24.98 -16.68
CA GLU C 134 4.48 -24.99 -17.97
C GLU C 134 3.55 -26.20 -18.10
N ARG C 135 4.00 -27.36 -17.64
CA ARG C 135 3.22 -28.58 -17.81
C ARG C 135 2.00 -28.59 -16.90
N ILE C 136 2.14 -28.03 -15.70
CA ILE C 136 0.99 -27.97 -14.80
C ILE C 136 -0.09 -27.12 -15.49
N THR C 137 0.36 -26.02 -16.09
CA THR C 137 -0.54 -25.06 -16.69
C THR C 137 -1.33 -25.72 -17.81
N THR C 138 -0.64 -26.34 -18.76
CA THR C 138 -1.34 -26.96 -19.85
C THR C 138 -2.19 -28.16 -19.40
N THR C 139 -1.72 -28.94 -18.44
CA THR C 139 -2.41 -30.12 -18.03
C THR C 139 -3.74 -29.79 -17.40
N VAL C 140 -3.72 -28.76 -16.56
CA VAL C 140 -4.94 -28.27 -15.94
C VAL C 140 -5.92 -27.83 -17.05
N ALA C 141 -5.40 -27.12 -18.05
CA ALA C 141 -6.24 -26.64 -19.09
C ALA C 141 -6.86 -27.83 -19.84
N GLU C 142 -6.05 -28.84 -20.14
CA GLU C 142 -6.47 -29.99 -20.93
C GLU C 142 -7.52 -30.77 -20.19
N ILE C 143 -7.28 -31.00 -18.92
CA ILE C 143 -8.24 -31.70 -18.10
C ILE C 143 -9.58 -30.99 -18.09
N MET C 144 -9.56 -29.67 -17.99
CA MET C 144 -10.78 -28.95 -18.02
C MET C 144 -11.49 -29.07 -19.35
N MET C 145 -10.76 -28.99 -20.46
CA MET C 145 -11.41 -29.11 -21.76
C MET C 145 -12.03 -30.48 -21.90
N GLU C 146 -11.31 -31.50 -21.45
CA GLU C 146 -11.80 -32.82 -21.59
C GLU C 146 -13.00 -33.11 -20.72
N LYS C 147 -12.97 -32.70 -19.46
CA LYS C 147 -14.00 -33.08 -18.50
C LYS C 147 -15.14 -32.13 -18.34
N LEU C 148 -14.92 -30.85 -18.56
CA LEU C 148 -15.99 -29.87 -18.50
C LEU C 148 -16.60 -29.59 -19.86
N LYS C 149 -15.83 -29.83 -20.91
CA LYS C 149 -16.24 -29.51 -22.27
C LYS C 149 -16.82 -28.10 -22.35
N PRO C 150 -16.06 -27.09 -21.87
CA PRO C 150 -16.52 -25.72 -21.93
C PRO C 150 -16.24 -25.12 -23.28
N LEU C 151 -16.72 -23.91 -23.51
CA LEU C 151 -16.42 -23.24 -24.76
C LEU C 151 -14.95 -22.93 -24.82
N GLY C 152 -14.33 -22.77 -23.67
CA GLY C 152 -12.94 -22.39 -23.63
C GLY C 152 -12.44 -22.31 -22.21
N VAL C 153 -11.13 -22.34 -22.09
CA VAL C 153 -10.50 -22.24 -20.81
C VAL C 153 -9.25 -21.38 -20.94
N MET C 154 -8.94 -20.66 -19.89
CA MET C 154 -7.70 -19.93 -19.80
C MET C 154 -7.11 -20.19 -18.41
N VAL C 155 -5.86 -20.65 -18.38
CA VAL C 155 -5.19 -20.93 -17.12
C VAL C 155 -3.92 -20.10 -17.07
N ILE C 156 -3.74 -19.40 -15.98
CA ILE C 156 -2.53 -18.66 -15.75
C ILE C 156 -1.97 -19.07 -14.41
N MET C 157 -0.65 -19.27 -14.38
CA MET C 157 0.03 -19.56 -13.12
C MET C 157 1.17 -18.60 -12.91
N GLU C 158 1.35 -18.23 -11.66
CA GLU C 158 2.36 -17.31 -11.26
C GLU C 158 3.08 -17.91 -10.07
N ALA C 159 4.39 -18.03 -10.13
CA ALA C 159 5.10 -18.73 -9.06
C ALA C 159 6.52 -18.28 -8.88
N GLU C 160 7.04 -18.53 -7.69
CA GLU C 160 8.42 -18.27 -7.38
C GLU C 160 9.08 -19.63 -7.26
N HIS C 161 10.26 -19.75 -7.84
CA HIS C 161 11.01 -21.00 -7.83
C HIS C 161 12.18 -20.90 -6.91
N MET C 162 12.25 -21.80 -5.94
CA MET C 162 13.44 -21.87 -5.07
C MET C 162 14.64 -22.40 -5.86
N CYS C 163 14.41 -23.27 -6.89
CA CYS C 163 15.40 -23.71 -7.98
C CYS C 163 16.31 -22.40 -8.14
N MET C 164 15.69 -21.22 -8.11
CA MET C 164 16.32 -19.92 -8.39
C MET C 164 16.65 -18.94 -7.24
N THR C 165 16.02 -19.09 -6.07
CA THR C 165 16.21 -18.17 -4.96
C THR C 165 17.39 -18.57 -4.06
N ILE C 166 17.61 -19.86 -3.92
CA ILE C 166 18.59 -20.40 -2.97
C ILE C 166 19.88 -20.84 -3.64
N ARG C 167 19.85 -20.92 -4.96
CA ARG C 167 20.82 -21.66 -5.68
C ARG C 167 21.63 -20.60 -6.47
N GLY C 168 22.36 -21.05 -7.49
CA GLY C 168 23.49 -20.26 -8.02
C GLY C 168 23.15 -18.90 -8.57
N VAL C 169 22.08 -18.86 -9.38
CA VAL C 169 21.61 -17.59 -9.97
C VAL C 169 21.23 -16.62 -8.84
N ASN C 170 20.68 -17.11 -7.71
CA ASN C 170 20.32 -16.26 -6.56
C ASN C 170 19.55 -14.99 -6.91
N LYS C 171 18.32 -15.20 -7.36
CA LYS C 171 17.46 -14.13 -7.80
C LYS C 171 16.13 -14.24 -7.07
N PRO C 172 16.11 -13.79 -5.81
CA PRO C 172 14.86 -13.81 -5.06
C PRO C 172 13.90 -12.77 -5.61
N GLY C 173 12.61 -13.08 -5.59
CA GLY C 173 11.62 -12.16 -6.10
C GLY C 173 11.21 -12.37 -7.56
N THR C 174 11.94 -13.22 -8.27
CA THR C 174 11.63 -13.52 -9.62
C THR C 174 10.39 -14.39 -9.65
N LYS C 175 9.46 -14.00 -10.50
CA LYS C 175 8.22 -14.71 -10.68
C LYS C 175 8.16 -15.28 -12.09
N THR C 176 7.72 -16.51 -12.22
CA THR C 176 7.50 -17.07 -13.52
C THR C 176 6.02 -17.15 -13.77
N ILE C 177 5.62 -16.76 -14.97
CA ILE C 177 4.22 -16.71 -15.32
C ILE C 177 4.00 -17.51 -16.59
N THR C 178 3.11 -18.48 -16.49
CA THR C 178 2.78 -19.33 -17.60
C THR C 178 1.30 -19.23 -17.93
N SER C 179 0.92 -19.55 -19.15
CA SER C 179 -0.48 -19.52 -19.51
C SER C 179 -0.82 -20.57 -20.54
N ALA C 180 -2.09 -20.95 -20.56
CA ALA C 180 -2.60 -21.89 -21.55
C ALA C 180 -4.00 -21.43 -21.90
N VAL C 181 -4.27 -21.29 -23.19
CA VAL C 181 -5.57 -20.96 -23.63
C VAL C 181 -6.09 -22.05 -24.52
N ARG C 182 -7.37 -22.37 -24.36
CA ARG C 182 -8.02 -23.32 -25.27
C ARG C 182 -9.37 -22.82 -25.66
N GLY C 183 -9.87 -23.33 -26.78
CA GLY C 183 -11.21 -23.04 -27.22
C GLY C 183 -11.35 -21.56 -27.54
N ALA C 184 -12.44 -20.98 -27.05
CA ALA C 184 -12.76 -19.60 -27.38
C ALA C 184 -11.68 -18.61 -26.96
N PHE C 185 -10.94 -18.92 -25.89
CA PHE C 185 -9.92 -17.99 -25.42
C PHE C 185 -8.77 -17.91 -26.39
N LYS C 186 -8.61 -18.94 -27.20
CA LYS C 186 -7.54 -18.98 -28.18
C LYS C 186 -7.76 -17.95 -29.29
N ASN C 187 -9.01 -17.67 -29.63
CA ASN C 187 -9.33 -16.81 -30.76
C ASN C 187 -9.88 -15.45 -30.39
N ASP C 188 -10.30 -15.27 -29.15
CA ASP C 188 -10.95 -14.04 -28.73
C ASP C 188 -10.04 -13.24 -27.79
N ASP C 189 -9.29 -12.32 -28.38
CA ASP C 189 -8.36 -11.52 -27.62
C ASP C 189 -9.07 -10.62 -26.61
N LYS C 190 -10.28 -10.19 -26.90
CA LYS C 190 -11.00 -9.33 -25.97
C LYS C 190 -11.28 -10.06 -24.69
N LEU C 191 -11.68 -11.30 -24.85
CA LEU C 191 -11.97 -12.13 -23.73
C LEU C 191 -10.71 -12.34 -22.88
N ARG C 192 -9.60 -12.69 -23.53
CA ARG C 192 -8.35 -12.88 -22.79
C ARG C 192 -8.00 -11.64 -22.01
N SER C 193 -8.22 -10.51 -22.66
CA SER C 193 -7.93 -9.22 -22.10
C SER C 193 -8.77 -8.89 -20.87
N GLU C 194 -10.04 -9.25 -20.92
CA GLU C 194 -10.91 -9.06 -19.80
C GLU C 194 -10.49 -9.94 -18.61
N VAL C 195 -10.12 -11.20 -18.88
CA VAL C 195 -9.65 -12.05 -17.83
C VAL C 195 -8.43 -11.41 -17.16
N LEU C 196 -7.51 -10.92 -17.96
CA LEU C 196 -6.29 -10.34 -17.42
C LEU C 196 -6.64 -9.12 -16.55
N ALA C 197 -7.62 -8.32 -16.96
CA ALA C 197 -7.98 -7.17 -16.14
C ALA C 197 -8.54 -7.62 -14.81
N LEU C 198 -9.40 -8.63 -14.84
CA LEU C 198 -10.03 -9.12 -13.61
C LEU C 198 -9.01 -9.75 -12.65
N ILE C 199 -7.95 -10.34 -13.20
CA ILE C 199 -6.91 -10.94 -12.37
C ILE C 199 -6.05 -9.91 -11.66
N LYS C 200 -5.87 -8.72 -12.26
CA LYS C 200 -5.01 -7.69 -11.62
C LYS C 200 -5.48 -7.29 -10.20
N HIS C 201 -6.63 -6.65 -10.09
CA HIS C 201 -7.14 -6.11 -8.80
C HIS C 201 -6.27 -6.35 -7.54
N GLN D 16 40.77 23.26 -6.54
CA GLN D 16 40.88 22.80 -7.94
C GLN D 16 41.41 21.38 -7.98
N ILE D 17 40.63 20.48 -8.56
CA ILE D 17 41.06 19.08 -8.64
C ILE D 17 41.79 18.89 -9.95
N ASP D 18 42.79 18.02 -9.97
CA ASP D 18 43.47 17.72 -11.22
C ASP D 18 42.67 16.67 -11.99
N LYS D 19 41.70 17.14 -12.78
CA LYS D 19 40.84 16.27 -13.55
C LYS D 19 41.57 15.43 -14.58
N GLN D 20 42.60 16.01 -15.20
CA GLN D 20 43.33 15.28 -16.21
C GLN D 20 43.98 14.04 -15.59
N LYS D 21 44.53 14.20 -14.41
CA LYS D 21 45.21 13.12 -13.75
C LYS D 21 44.25 12.00 -13.44
N ILE D 22 43.05 12.37 -12.99
CA ILE D 22 42.00 11.39 -12.73
C ILE D 22 41.55 10.70 -14.00
N ALA D 23 41.35 11.48 -15.04
CA ALA D 23 40.97 10.90 -16.36
C ALA D 23 41.99 9.88 -16.83
N ASP D 24 43.28 10.18 -16.67
CA ASP D 24 44.30 9.24 -17.09
C ASP D 24 44.16 7.95 -16.32
N ALA D 25 43.93 8.06 -15.02
CA ALA D 25 43.83 6.88 -14.16
C ALA D 25 42.58 6.05 -14.53
N VAL D 26 41.50 6.73 -14.86
CA VAL D 26 40.29 6.03 -15.30
C VAL D 26 40.51 5.29 -16.62
N LYS D 27 41.24 5.91 -17.55
CA LYS D 27 41.57 5.25 -18.80
C LYS D 27 42.38 3.98 -18.55
N VAL D 28 43.36 4.07 -17.66
CA VAL D 28 44.15 2.91 -17.30
C VAL D 28 43.27 1.80 -16.74
N ILE D 29 42.34 2.17 -15.88
CA ILE D 29 41.41 1.20 -15.31
C ILE D 29 40.57 0.51 -16.38
N LEU D 30 40.08 1.27 -17.34
CA LEU D 30 39.29 0.71 -18.44
C LEU D 30 40.10 -0.27 -19.28
N GLU D 31 41.35 0.05 -19.55
CA GLU D 31 42.19 -0.89 -20.32
C GLU D 31 42.44 -2.13 -19.50
N ALA D 32 42.75 -1.93 -18.23
CA ALA D 32 43.07 -3.05 -17.34
C ALA D 32 41.93 -4.02 -17.18
N VAL D 33 40.68 -3.55 -17.21
CA VAL D 33 39.54 -4.49 -17.07
C VAL D 33 39.18 -5.19 -18.38
N GLY D 34 39.80 -4.79 -19.49
CA GLY D 34 39.62 -5.49 -20.75
C GLY D 34 38.60 -4.81 -21.63
N GLU D 35 38.39 -3.53 -21.39
CA GLU D 35 37.48 -2.75 -22.18
C GLU D 35 38.25 -2.01 -23.26
N ASN D 36 37.54 -1.52 -24.26
CA ASN D 36 38.16 -0.71 -25.31
C ASN D 36 37.89 0.75 -25.04
N PRO D 37 38.88 1.43 -24.46
CA PRO D 37 38.68 2.82 -24.09
C PRO D 37 38.37 3.77 -25.24
N ASP D 38 38.53 3.34 -26.47
CA ASP D 38 38.28 4.26 -27.55
C ASP D 38 36.99 4.01 -28.25
N ARG D 39 36.22 3.08 -27.75
CA ARG D 39 34.88 2.87 -28.34
C ARG D 39 34.03 4.05 -27.97
N GLU D 40 33.04 4.32 -28.80
CA GLU D 40 32.29 5.58 -28.69
C GLU D 40 31.69 5.83 -27.32
N GLY D 41 31.18 4.77 -26.68
CA GLY D 41 30.54 4.92 -25.39
C GLY D 41 31.49 5.23 -24.26
N LEU D 42 32.79 5.02 -24.45
CA LEU D 42 33.77 5.26 -23.39
C LEU D 42 34.71 6.42 -23.63
N ILE D 43 34.75 6.96 -24.84
CA ILE D 43 35.75 8.00 -25.17
C ILE D 43 35.77 9.16 -24.18
N ASP D 44 34.60 9.65 -23.79
CA ASP D 44 34.49 10.72 -22.85
C ASP D 44 34.33 10.29 -21.41
N THR D 45 34.39 9.00 -21.14
CA THR D 45 34.09 8.49 -19.81
C THR D 45 35.15 8.93 -18.81
N PRO D 46 36.43 8.85 -19.18
CA PRO D 46 37.45 9.34 -18.23
C PRO D 46 37.20 10.75 -17.70
N MET D 47 36.93 11.70 -18.58
CA MET D 47 36.70 13.08 -18.15
C MET D 47 35.35 13.20 -17.41
N ARG D 48 34.35 12.43 -17.84
CA ARG D 48 33.07 12.46 -17.16
C ARG D 48 33.23 11.97 -15.72
N VAL D 49 33.97 10.90 -15.54
CA VAL D 49 34.23 10.39 -14.22
C VAL D 49 35.00 11.46 -13.42
N ALA D 50 35.97 12.14 -14.04
CA ALA D 50 36.73 13.16 -13.32
C ALA D 50 35.80 14.27 -12.87
N ARG D 51 34.93 14.73 -13.76
CA ARG D 51 33.97 15.80 -13.40
C ARG D 51 32.98 15.34 -12.34
N MET D 52 32.56 14.09 -12.43
CA MET D 52 31.71 13.52 -11.40
C MET D 52 32.42 13.49 -10.03
N TYR D 53 33.67 13.03 -10.00
CA TYR D 53 34.40 13.01 -8.75
C TYR D 53 34.60 14.40 -8.18
N GLU D 54 34.82 15.36 -9.05
CA GLU D 54 34.94 16.73 -8.61
C GLU D 54 33.69 17.13 -7.89
N GLU D 55 32.55 16.73 -8.40
CA GLU D 55 31.30 17.12 -7.82
C GLU D 55 31.02 16.34 -6.55
N VAL D 56 31.10 15.00 -6.60
CA VAL D 56 30.71 14.19 -5.45
C VAL D 56 31.73 14.22 -4.33
N PHE D 57 32.95 14.64 -4.59
CA PHE D 57 33.93 14.74 -3.55
C PHE D 57 34.27 16.17 -3.20
N ALA D 58 33.42 17.10 -3.61
CA ALA D 58 33.69 18.53 -3.39
C ALA D 58 33.84 18.86 -1.91
N GLY D 59 33.19 18.06 -1.06
CA GLY D 59 33.21 18.27 0.38
C GLY D 59 34.58 18.17 1.01
N LEU D 60 35.52 17.52 0.32
CA LEU D 60 36.90 17.46 0.79
C LEU D 60 37.53 18.81 0.89
N LYS D 61 36.99 19.79 0.16
CA LYS D 61 37.56 21.13 0.13
C LYS D 61 36.75 22.13 0.95
N LYS D 62 35.70 21.68 1.62
CA LYS D 62 34.78 22.58 2.31
C LYS D 62 34.72 22.27 3.78
N ASP D 63 34.57 23.31 4.60
CA ASP D 63 34.15 23.12 5.97
C ASP D 63 32.61 23.10 5.97
N PRO D 64 32.00 21.95 6.32
CA PRO D 64 30.55 21.84 6.27
C PRO D 64 29.86 22.65 7.37
N SER D 65 30.60 23.04 8.39
CA SER D 65 30.08 23.83 9.50
C SER D 65 29.71 25.29 9.15
N VAL D 66 30.22 25.81 8.03
CA VAL D 66 30.03 27.22 7.70
C VAL D 66 28.58 27.55 7.43
N HIS D 67 27.77 26.57 7.05
CA HIS D 67 26.37 26.84 6.74
C HIS D 67 25.58 27.28 7.95
N PHE D 68 26.07 26.99 9.14
CA PHE D 68 25.39 27.44 10.36
C PHE D 68 26.03 28.73 10.91
N ASP D 69 26.90 29.40 10.14
CA ASP D 69 27.40 30.73 10.55
C ASP D 69 26.26 31.72 10.26
N THR D 70 25.12 31.29 10.75
CA THR D 70 23.88 31.95 10.34
C THR D 70 22.84 31.28 11.14
N ILE D 71 22.12 32.04 11.96
CA ILE D 71 21.06 31.47 12.79
C ILE D 71 19.98 32.52 13.09
N PHE D 72 18.77 32.05 13.28
CA PHE D 72 17.58 32.95 13.52
C PHE D 72 16.80 32.96 14.88
N GLU D 73 16.95 34.02 15.67
CA GLU D 73 16.54 34.09 17.07
C GLU D 73 15.04 34.26 17.20
N GLU D 74 14.33 33.15 17.42
CA GLU D 74 12.87 33.18 17.56
C GLU D 74 12.29 32.90 18.95
N GLN D 75 13.06 32.35 19.86
CA GLN D 75 12.52 31.89 21.14
C GLN D 75 11.37 30.91 21.04
N HIS D 76 11.78 29.75 20.56
CA HIS D 76 11.04 28.52 20.44
C HIS D 76 11.93 27.42 21.03
N GLU D 77 11.37 26.55 21.87
CA GLU D 77 12.12 25.58 22.69
C GLU D 77 11.75 24.12 22.44
N GLU D 78 10.85 23.89 21.50
CA GLU D 78 10.28 22.56 21.31
C GLU D 78 10.83 21.87 20.09
N LEU D 79 10.55 20.58 20.05
CA LEU D 79 11.12 19.69 19.08
C LEU D 79 10.89 20.11 17.64
N VAL D 80 11.98 20.11 16.88
CA VAL D 80 11.94 20.28 15.44
C VAL D 80 12.54 19.03 14.79
N LEU D 81 11.82 18.46 13.84
CA LEU D 81 12.29 17.28 13.14
C LEU D 81 12.19 17.56 11.66
N VAL D 82 13.30 17.37 10.96
CA VAL D 82 13.29 17.45 9.52
C VAL D 82 13.58 16.06 9.03
N LYS D 83 12.61 15.47 8.34
CA LYS D 83 12.73 14.08 7.97
C LYS D 83 12.72 13.88 6.46
N ASP D 84 13.25 12.75 6.05
CA ASP D 84 13.34 12.37 4.66
C ASP D 84 14.13 13.38 3.83
N ILE D 85 15.30 13.75 4.34
CA ILE D 85 16.24 14.53 3.60
C ILE D 85 17.06 13.57 2.74
N ARG D 86 16.88 13.62 1.43
CA ARG D 86 17.63 12.74 0.56
C ARG D 86 19.12 13.05 0.63
N PHE D 87 19.94 12.01 0.62
CA PHE D 87 21.38 12.21 0.49
C PHE D 87 21.97 11.07 -0.31
N SER D 88 23.18 11.28 -0.79
CA SER D 88 23.97 10.22 -1.35
C SER D 88 25.43 10.49 -1.05
N SER D 89 26.22 9.44 -1.13
CA SER D 89 27.61 9.56 -0.82
C SER D 89 28.29 8.39 -1.50
N MET D 90 29.59 8.22 -1.26
CA MET D 90 30.33 7.11 -1.86
C MET D 90 30.98 6.36 -0.75
N CYS D 91 30.82 5.04 -0.67
CA CYS D 91 31.49 4.28 0.38
C CYS D 91 32.99 4.46 0.18
N GLU D 92 33.70 4.72 1.25
CA GLU D 92 35.16 4.85 1.16
C GLU D 92 35.84 3.50 0.91
N HIS D 93 35.15 2.38 1.21
CA HIS D 93 35.75 1.08 0.98
C HIS D 93 35.81 0.67 -0.48
N HIS D 94 34.78 1.06 -1.25
CA HIS D 94 34.66 0.64 -2.66
C HIS D 94 34.42 1.74 -3.66
N LEU D 95 34.27 2.97 -3.17
CA LEU D 95 33.95 4.10 -4.02
C LEU D 95 32.73 3.82 -4.89
N VAL D 96 31.72 3.20 -4.29
CA VAL D 96 30.43 3.11 -4.95
C VAL D 96 29.35 3.79 -4.13
N PRO D 97 28.36 4.36 -4.82
CA PRO D 97 27.36 5.12 -4.10
C PRO D 97 26.56 4.35 -3.08
N PHE D 98 26.21 5.04 -2.01
CA PHE D 98 25.12 4.66 -1.17
C PHE D 98 24.23 5.87 -1.03
N PHE D 99 22.94 5.63 -0.81
CA PHE D 99 21.97 6.73 -0.84
C PHE D 99 20.74 6.38 -0.03
N GLY D 100 20.04 7.40 0.42
CA GLY D 100 18.81 7.21 1.17
C GLY D 100 18.34 8.49 1.79
N VAL D 101 17.91 8.42 3.04
CA VAL D 101 17.41 9.62 3.72
C VAL D 101 18.09 9.84 5.05
N ALA D 102 18.13 11.10 5.46
CA ALA D 102 18.52 11.48 6.78
C ALA D 102 17.32 12.10 7.47
N HIS D 103 17.23 11.85 8.76
CA HIS D 103 16.28 12.51 9.61
C HIS D 103 17.04 13.22 10.70
N VAL D 104 16.74 14.50 10.91
CA VAL D 104 17.42 15.28 11.92
C VAL D 104 16.42 15.92 12.85
N ALA D 105 16.58 15.66 14.11
CA ALA D 105 15.72 16.21 15.13
C ALA D 105 16.57 16.99 16.14
N TYR D 106 16.06 18.12 16.61
CA TYR D 106 16.75 18.79 17.67
C TYR D 106 15.83 19.60 18.55
N LEU D 107 16.34 19.92 19.74
CA LEU D 107 15.63 20.68 20.72
C LEU D 107 16.36 22.00 20.79
N PRO D 108 15.81 23.03 20.14
CA PRO D 108 16.44 24.33 20.17
C PRO D 108 16.59 24.91 21.56
N GLN D 109 17.43 25.92 21.64
CA GLN D 109 17.78 26.50 22.89
C GLN D 109 17.45 27.97 23.10
N ASN D 110 18.02 28.84 22.32
CA ASN D 110 17.77 30.27 22.44
C ASN D 110 17.55 30.92 21.08
N GLY D 111 16.48 30.52 20.36
CA GLY D 111 16.15 31.05 19.05
C GLY D 111 17.17 30.68 18.00
N ARG D 112 18.09 29.77 18.35
CA ARG D 112 19.12 29.33 17.43
C ARG D 112 18.61 28.24 16.50
N VAL D 113 17.43 28.46 15.93
CA VAL D 113 16.83 27.50 15.02
C VAL D 113 17.59 27.50 13.71
N ALA D 114 17.72 26.31 13.14
CA ALA D 114 18.46 26.12 11.92
C ALA D 114 17.57 26.34 10.72
N GLY D 115 18.03 27.09 9.75
CA GLY D 115 17.34 27.17 8.48
C GLY D 115 17.32 25.76 7.90
N LEU D 116 16.18 25.40 7.34
CA LEU D 116 16.01 24.07 6.78
C LEU D 116 17.00 23.82 5.62
N SER D 117 17.17 24.78 4.74
CA SER D 117 18.11 24.59 3.68
C SER D 117 19.56 24.51 4.19
N LYS D 118 19.86 25.18 5.31
CA LYS D 118 21.21 25.14 5.89
C LYS D 118 21.49 23.73 6.43
N LEU D 119 20.47 23.13 7.02
CA LEU D 119 20.57 21.75 7.47
C LEU D 119 20.92 20.81 6.33
N ALA D 120 20.19 20.94 5.24
CA ALA D 120 20.35 20.08 4.11
C ALA D 120 21.73 20.25 3.53
N ARG D 121 22.22 21.48 3.51
CA ARG D 121 23.55 21.76 3.01
C ARG D 121 24.64 21.09 3.84
N VAL D 122 24.45 21.05 5.16
CA VAL D 122 25.39 20.37 6.03
C VAL D 122 25.42 18.88 5.67
N VAL D 123 24.25 18.28 5.53
CA VAL D 123 24.18 16.88 5.19
C VAL D 123 24.90 16.65 3.89
N ASP D 124 24.60 17.46 2.89
CA ASP D 124 25.24 17.33 1.60
C ASP D 124 26.73 17.47 1.67
N ASP D 125 27.20 18.48 2.39
CA ASP D 125 28.62 18.75 2.44
C ASP D 125 29.37 17.67 3.14
N VAL D 126 28.83 17.15 4.22
CA VAL D 126 29.48 16.09 4.94
C VAL D 126 29.52 14.85 4.05
N SER D 127 28.44 14.66 3.29
CA SER D 127 28.28 13.52 2.38
C SER D 127 29.16 13.53 1.17
N ARG D 128 29.57 14.72 0.73
CA ARG D 128 30.30 14.85 -0.51
C ARG D 128 31.79 14.57 -0.33
N ARG D 129 32.08 13.35 0.10
CA ARG D 129 33.44 12.86 0.21
C ARG D 129 33.34 11.38 0.47
N PRO D 130 34.46 10.64 0.30
CA PRO D 130 34.37 9.21 0.60
C PRO D 130 34.00 9.02 2.05
N GLN D 131 32.97 8.22 2.31
CA GLN D 131 32.42 8.16 3.65
C GLN D 131 32.08 6.78 4.18
N LEU D 132 31.84 6.74 5.48
CA LEU D 132 31.07 5.69 6.15
C LEU D 132 29.81 6.36 6.55
N GLN D 133 28.70 5.64 6.40
CA GLN D 133 27.40 6.15 6.84
C GLN D 133 27.45 6.55 8.33
N GLU D 134 28.10 5.73 9.14
CA GLU D 134 28.28 6.02 10.57
C GLU D 134 28.91 7.38 10.79
N ARG D 135 29.93 7.71 9.99
CA ARG D 135 30.65 8.96 10.22
C ARG D 135 29.84 10.15 9.79
N ILE D 136 29.05 9.98 8.73
CA ILE D 136 28.19 11.08 8.29
C ILE D 136 27.20 11.39 9.39
N THR D 137 26.66 10.33 9.96
CA THR D 137 25.64 10.45 11.00
C THR D 137 26.23 11.22 12.21
N THR D 138 27.36 10.77 12.74
CA THR D 138 27.92 11.46 13.91
C THR D 138 28.40 12.86 13.57
N THR D 139 28.95 13.06 12.38
CA THR D 139 29.51 14.37 12.04
C THR D 139 28.43 15.43 11.96
N VAL D 140 27.32 15.05 11.34
CA VAL D 140 26.17 15.96 11.29
C VAL D 140 25.69 16.30 12.70
N ALA D 141 25.63 15.30 13.57
CA ALA D 141 25.18 15.52 14.91
C ALA D 141 26.15 16.46 15.65
N GLU D 142 27.46 16.24 15.48
CA GLU D 142 28.50 17.07 16.16
C GLU D 142 28.44 18.51 15.68
N ILE D 143 28.31 18.68 14.37
CA ILE D 143 28.23 20.03 13.82
C ILE D 143 27.05 20.77 14.39
N MET D 144 25.93 20.09 14.52
CA MET D 144 24.77 20.71 15.08
C MET D 144 24.92 21.08 16.54
N MET D 145 25.51 20.20 17.33
CA MET D 145 25.77 20.56 18.72
C MET D 145 26.72 21.77 18.80
N GLU D 146 27.75 21.79 17.96
CA GLU D 146 28.75 22.87 18.01
C GLU D 146 28.12 24.20 17.60
N LYS D 147 27.39 24.19 16.50
CA LYS D 147 26.96 25.44 15.88
C LYS D 147 25.61 25.94 16.35
N LEU D 148 24.72 25.02 16.71
CA LEU D 148 23.39 25.40 17.12
C LEU D 148 23.26 25.46 18.63
N LYS D 149 24.14 24.74 19.32
CA LYS D 149 24.10 24.62 20.78
C LYS D 149 22.69 24.35 21.29
N PRO D 150 22.05 23.32 20.76
CA PRO D 150 20.68 22.98 21.15
C PRO D 150 20.72 22.12 22.39
N LEU D 151 19.56 21.87 22.97
CA LEU D 151 19.50 21.01 24.15
C LEU D 151 19.87 19.61 23.77
N GLY D 152 19.65 19.27 22.51
CA GLY D 152 20.03 17.94 22.05
C GLY D 152 19.79 17.78 20.58
N VAL D 153 20.38 16.75 20.03
CA VAL D 153 20.17 16.43 18.65
C VAL D 153 20.06 14.91 18.49
N MET D 154 19.28 14.50 17.51
CA MET D 154 19.21 13.10 17.12
C MET D 154 19.23 13.02 15.62
N VAL D 155 20.16 12.23 15.10
CA VAL D 155 20.30 12.06 13.66
C VAL D 155 20.19 10.60 13.33
N ILE D 156 19.30 10.30 12.38
CA ILE D 156 19.13 8.95 11.88
C ILE D 156 19.30 8.97 10.37
N MET D 157 20.06 8.00 9.86
CA MET D 157 20.22 7.86 8.43
C MET D 157 19.88 6.45 8.05
N GLU D 158 19.24 6.34 6.89
CA GLU D 158 18.79 5.09 6.35
C GLU D 158 19.21 5.04 4.91
N ALA D 159 19.90 3.98 4.51
CA ALA D 159 20.47 3.96 3.16
C ALA D 159 20.64 2.58 2.62
N GLU D 160 20.69 2.54 1.30
CA GLU D 160 21.04 1.33 0.62
C GLU D 160 22.45 1.50 0.06
N HIS D 161 23.24 0.45 0.19
CA HIS D 161 24.60 0.45 -0.28
C HIS D 161 24.71 -0.41 -1.53
N MET D 162 25.19 0.19 -2.61
CA MET D 162 25.57 -0.58 -3.79
C MET D 162 26.82 -1.46 -3.51
N CYS D 163 27.78 -1.01 -2.64
CA CYS D 163 28.92 -1.82 -2.03
C CYS D 163 28.30 -3.26 -1.99
N MET D 164 27.01 -3.38 -1.64
CA MET D 164 26.30 -4.65 -1.38
C MET D 164 25.28 -5.21 -2.39
N THR D 165 24.74 -4.37 -3.27
CA THR D 165 23.69 -4.78 -4.22
C THR D 165 24.28 -5.36 -5.52
N ILE D 166 25.44 -4.85 -5.92
CA ILE D 166 26.04 -5.17 -7.22
C ILE D 166 27.16 -6.18 -7.12
N ARG D 167 27.61 -6.46 -5.91
CA ARG D 167 28.77 -7.31 -5.76
C ARG D 167 28.42 -8.75 -5.46
N GLY D 168 29.44 -9.59 -5.24
CA GLY D 168 29.25 -11.04 -5.07
C GLY D 168 28.26 -11.38 -3.99
N VAL D 169 28.35 -10.66 -2.89
CA VAL D 169 27.43 -10.83 -1.80
C VAL D 169 25.96 -10.69 -2.27
N ASN D 170 25.70 -9.75 -3.18
CA ASN D 170 24.42 -9.62 -3.85
C ASN D 170 23.16 -9.64 -2.95
N LYS D 171 22.95 -8.60 -2.16
CA LYS D 171 21.78 -8.49 -1.28
C LYS D 171 21.02 -7.18 -1.53
N PRO D 172 20.20 -7.15 -2.58
CA PRO D 172 19.48 -5.93 -2.89
C PRO D 172 18.34 -5.81 -1.88
N GLY D 173 18.01 -4.58 -1.51
CA GLY D 173 16.92 -4.34 -0.54
C GLY D 173 17.35 -4.24 0.91
N THR D 174 18.63 -4.54 1.16
CA THR D 174 19.22 -4.32 2.45
C THR D 174 19.39 -2.83 2.72
N LYS D 175 18.91 -2.42 3.89
CA LYS D 175 19.03 -1.05 4.33
C LYS D 175 19.94 -1.01 5.55
N THR D 176 20.83 -0.04 5.60
CA THR D 176 21.62 0.17 6.82
C THR D 176 21.07 1.42 7.52
N ILE D 177 20.90 1.33 8.83
CA ILE D 177 20.37 2.42 9.62
C ILE D 177 21.35 2.78 10.73
N THR D 178 21.73 4.04 10.79
CA THR D 178 22.65 4.54 11.76
C THR D 178 21.98 5.62 12.56
N SER D 179 22.45 5.84 13.78
CA SER D 179 21.95 6.94 14.57
C SER D 179 23.02 7.56 15.46
N ALA D 180 22.80 8.82 15.82
CA ALA D 180 23.64 9.52 16.74
C ALA D 180 22.74 10.37 17.59
N VAL D 181 22.91 10.27 18.91
CA VAL D 181 22.17 11.10 19.83
C VAL D 181 23.14 11.92 20.67
N ARG D 182 22.80 13.18 20.87
CA ARG D 182 23.58 14.03 21.75
C ARG D 182 22.64 14.81 22.66
N GLY D 183 23.18 15.23 23.79
CA GLY D 183 22.46 16.10 24.70
C GLY D 183 21.28 15.39 25.29
N ALA D 184 20.16 16.07 25.31
CA ALA D 184 18.98 15.53 25.94
C ALA D 184 18.51 14.21 25.34
N PHE D 185 18.75 14.00 24.06
CA PHE D 185 18.29 12.75 23.43
C PHE D 185 19.07 11.55 23.97
N LYS D 186 20.26 11.80 24.49
CA LYS D 186 21.09 10.72 25.01
C LYS D 186 20.47 10.15 26.26
N ASN D 187 19.79 10.98 27.05
CA ASN D 187 19.30 10.55 28.37
C ASN D 187 17.80 10.36 28.46
N ASP D 188 17.07 10.89 27.47
CA ASP D 188 15.65 10.86 27.52
C ASP D 188 15.10 9.87 26.47
N ASP D 189 14.88 8.64 26.91
CA ASP D 189 14.39 7.60 26.02
C ASP D 189 12.98 7.92 25.49
N LYS D 190 12.16 8.64 26.24
CA LYS D 190 10.80 8.97 25.77
C LYS D 190 10.89 9.87 24.55
N LEU D 191 11.81 10.82 24.63
CA LEU D 191 12.03 11.73 23.54
C LEU D 191 12.52 10.99 22.29
N ARG D 192 13.49 10.09 22.46
CA ARG D 192 13.97 9.32 21.33
C ARG D 192 12.85 8.54 20.69
N SER D 193 12.03 7.99 21.55
CA SER D 193 10.90 7.23 21.15
C SER D 193 9.88 8.03 20.34
N GLU D 194 9.66 9.26 20.75
CA GLU D 194 8.72 10.10 20.05
C GLU D 194 9.25 10.45 18.66
N VAL D 195 10.53 10.74 18.58
CA VAL D 195 11.13 10.99 17.30
C VAL D 195 10.93 9.79 16.39
N LEU D 196 11.22 8.60 16.91
CA LEU D 196 11.08 7.42 16.08
C LEU D 196 9.64 7.23 15.60
N ALA D 197 8.68 7.53 16.43
CA ALA D 197 7.33 7.39 15.99
C ALA D 197 7.07 8.36 14.84
N LEU D 198 7.53 9.59 14.99
CA LEU D 198 7.23 10.64 14.01
C LEU D 198 7.90 10.37 12.67
N ILE D 199 9.03 9.69 12.72
CA ILE D 199 9.73 9.30 11.50
C ILE D 199 9.04 8.15 10.73
N LYS D 200 8.30 7.27 11.40
CA LYS D 200 7.60 6.16 10.68
C LYS D 200 6.64 6.67 9.58
N HIS D 201 5.59 7.35 9.98
CA HIS D 201 4.51 7.80 9.08
C HIS D 201 4.70 7.64 7.56
N GLN E 16 -43.95 6.55 17.34
CA GLN E 16 -44.49 6.96 16.01
C GLN E 16 -44.30 8.49 15.95
N ILE E 17 -43.41 8.98 15.05
CA ILE E 17 -43.13 10.42 15.00
C ILE E 17 -44.02 11.03 13.94
N ASP E 18 -44.19 12.32 14.02
CA ASP E 18 -45.10 13.00 13.13
C ASP E 18 -44.38 13.36 11.82
N LYS E 19 -44.41 12.43 10.88
CA LYS E 19 -43.71 12.59 9.62
C LYS E 19 -44.24 13.76 8.79
N GLN E 20 -45.55 13.97 8.83
CA GLN E 20 -46.17 15.04 8.04
C GLN E 20 -45.66 16.38 8.49
N LYS E 21 -45.54 16.54 9.80
CA LYS E 21 -45.02 17.78 10.37
C LYS E 21 -43.58 18.02 9.88
N ILE E 22 -42.78 16.96 9.87
CA ILE E 22 -41.39 17.08 9.44
C ILE E 22 -41.36 17.43 7.96
N ALA E 23 -42.20 16.77 7.19
CA ALA E 23 -42.26 17.02 5.75
C ALA E 23 -42.61 18.47 5.45
N ASP E 24 -43.55 19.02 6.19
CA ASP E 24 -43.90 20.44 6.02
C ASP E 24 -42.71 21.36 6.31
N ALA E 25 -41.96 21.06 7.36
CA ALA E 25 -40.81 21.84 7.70
C ALA E 25 -39.74 21.73 6.61
N VAL E 26 -39.56 20.54 6.06
CA VAL E 26 -38.55 20.37 5.03
C VAL E 26 -38.92 21.17 3.80
N LYS E 27 -40.20 21.18 3.45
CA LYS E 27 -40.67 21.95 2.30
C LYS E 27 -40.40 23.45 2.49
N VAL E 28 -40.67 23.95 3.68
CA VAL E 28 -40.33 25.32 4.01
C VAL E 28 -38.81 25.57 3.83
N ILE E 29 -37.98 24.64 4.29
CA ILE E 29 -36.55 24.78 4.14
C ILE E 29 -36.13 24.88 2.67
N LEU E 30 -36.71 24.01 1.83
CA LEU E 30 -36.41 24.01 0.40
C LEU E 30 -36.81 25.32 -0.27
N GLU E 31 -37.96 25.88 0.09
CA GLU E 31 -38.35 27.18 -0.45
C GLU E 31 -37.34 28.22 0.01
N ALA E 32 -37.03 28.19 1.30
CA ALA E 32 -36.18 29.21 1.89
C ALA E 32 -34.82 29.27 1.29
N VAL E 33 -34.27 28.12 0.88
CA VAL E 33 -32.91 28.12 0.28
C VAL E 33 -32.92 28.50 -1.19
N GLY E 34 -34.09 28.64 -1.78
CA GLY E 34 -34.19 29.14 -3.14
C GLY E 34 -34.38 28.04 -4.14
N GLU E 35 -34.91 26.92 -3.67
CA GLU E 35 -35.14 25.79 -4.52
C GLU E 35 -36.60 25.76 -4.93
N ASN E 36 -36.94 24.99 -5.95
CA ASN E 36 -38.33 24.85 -6.38
C ASN E 36 -38.87 23.52 -5.87
N PRO E 37 -39.61 23.55 -4.78
CA PRO E 37 -40.06 22.33 -4.15
C PRO E 37 -41.01 21.48 -4.98
N ASP E 38 -41.54 22.05 -6.06
CA ASP E 38 -42.45 21.30 -6.91
C ASP E 38 -41.75 20.60 -8.05
N ARG E 39 -40.45 20.84 -8.24
CA ARG E 39 -39.77 20.18 -9.35
C ARG E 39 -39.71 18.70 -9.07
N GLU E 40 -39.58 17.92 -10.12
CA GLU E 40 -39.71 16.48 -10.05
C GLU E 40 -38.80 15.84 -9.00
N GLY E 41 -37.55 16.29 -8.94
CA GLY E 41 -36.57 15.68 -8.08
C GLY E 41 -36.81 15.96 -6.61
N LEU E 42 -37.63 16.96 -6.30
CA LEU E 42 -37.88 17.34 -4.91
C LEU E 42 -39.26 17.04 -4.37
N ILE E 43 -40.19 16.69 -5.24
CA ILE E 43 -41.55 16.47 -4.80
C ILE E 43 -41.68 15.57 -3.60
N ASP E 44 -41.00 14.42 -3.65
CA ASP E 44 -41.07 13.43 -2.58
C ASP E 44 -40.00 13.60 -1.53
N THR E 45 -39.18 14.64 -1.64
CA THR E 45 -38.03 14.79 -0.75
C THR E 45 -38.49 15.02 0.68
N PRO E 46 -39.48 15.88 0.88
CA PRO E 46 -39.92 16.10 2.25
C PRO E 46 -40.27 14.82 3.01
N MET E 47 -41.04 13.95 2.40
CA MET E 47 -41.45 12.72 3.05
C MET E 47 -40.28 11.74 3.15
N ARG E 48 -39.41 11.75 2.16
CA ARG E 48 -38.22 10.91 2.21
C ARG E 48 -37.33 11.32 3.38
N VAL E 49 -37.18 12.61 3.57
CA VAL E 49 -36.39 13.09 4.68
C VAL E 49 -37.07 12.69 5.98
N ALA E 50 -38.38 12.79 6.03
CA ALA E 50 -39.09 12.41 7.25
C ALA E 50 -38.84 10.94 7.58
N ARG E 51 -38.96 10.07 6.59
CA ARG E 51 -38.77 8.65 6.81
C ARG E 51 -37.33 8.34 7.18
N MET E 52 -36.42 9.06 6.59
CA MET E 52 -35.02 8.91 6.96
C MET E 52 -34.80 9.30 8.42
N TYR E 53 -35.34 10.43 8.86
CA TYR E 53 -35.18 10.83 10.23
C TYR E 53 -35.79 9.82 11.19
N GLU E 54 -36.92 9.25 10.80
CA GLU E 54 -37.52 8.22 11.61
C GLU E 54 -36.56 7.06 11.82
N GLU E 55 -35.82 6.72 10.79
CA GLU E 55 -34.90 5.62 10.88
C GLU E 55 -33.62 5.98 11.64
N VAL E 56 -32.97 7.06 11.25
CA VAL E 56 -31.65 7.39 11.83
C VAL E 56 -31.75 7.93 13.24
N PHE E 57 -32.94 8.36 13.64
CA PHE E 57 -33.12 8.82 15.00
C PHE E 57 -33.97 7.88 15.82
N ALA E 58 -34.11 6.65 15.36
CA ALA E 58 -34.89 5.65 16.10
C ALA E 58 -34.37 5.39 17.53
N GLY E 59 -33.06 5.58 17.75
CA GLY E 59 -32.42 5.37 19.05
C GLY E 59 -32.97 6.26 20.17
N LEU E 60 -33.59 7.37 19.80
CA LEU E 60 -34.31 8.22 20.76
C LEU E 60 -35.41 7.48 21.50
N LYS E 61 -35.90 6.38 20.92
CA LYS E 61 -37.00 5.60 21.54
C LYS E 61 -36.56 4.30 22.16
N LYS E 62 -35.27 4.06 22.21
CA LYS E 62 -34.79 2.78 22.69
C LYS E 62 -33.78 2.95 23.80
N ASP E 63 -33.78 2.01 24.74
CA ASP E 63 -32.69 1.90 25.70
C ASP E 63 -31.61 0.98 25.08
N PRO E 64 -30.42 1.54 24.77
CA PRO E 64 -29.37 0.74 24.14
C PRO E 64 -28.74 -0.32 25.04
N SER E 65 -28.92 -0.20 26.36
CA SER E 65 -28.38 -1.18 27.31
C SER E 65 -29.13 -2.54 27.34
N VAL E 66 -30.33 -2.61 26.76
CA VAL E 66 -31.12 -3.85 26.81
C VAL E 66 -30.48 -5.00 26.05
N HIS E 67 -29.66 -4.68 25.04
CA HIS E 67 -29.06 -5.72 24.21
C HIS E 67 -28.03 -6.53 25.01
N PHE E 68 -27.51 -6.03 26.13
CA PHE E 68 -26.45 -6.80 26.76
C PHE E 68 -26.87 -8.06 27.38
N ASP E 69 -26.94 -9.08 26.53
CA ASP E 69 -27.05 -10.45 26.95
C ASP E 69 -25.56 -10.85 26.99
N THR E 70 -24.96 -10.93 28.16
CA THR E 70 -23.57 -11.32 28.21
C THR E 70 -23.60 -12.84 28.04
N ILE E 71 -22.46 -13.38 27.67
CA ILE E 71 -22.22 -14.80 27.70
C ILE E 71 -21.22 -15.07 28.80
N PHE E 72 -21.37 -16.20 29.46
CA PHE E 72 -20.40 -16.69 30.45
C PHE E 72 -19.50 -17.76 29.83
N GLU E 73 -18.21 -17.44 29.72
CA GLU E 73 -17.20 -18.42 29.42
C GLU E 73 -16.37 -18.65 30.64
N GLU E 74 -16.58 -19.80 31.29
CA GLU E 74 -15.62 -20.30 32.25
C GLU E 74 -15.21 -19.09 33.10
N GLN E 75 -13.91 -18.88 33.33
CA GLN E 75 -13.40 -17.80 34.16
C GLN E 75 -12.60 -16.79 33.28
N HIS E 76 -12.99 -16.63 32.01
CA HIS E 76 -12.03 -16.00 31.06
C HIS E 76 -11.73 -14.59 31.52
N GLU E 77 -10.45 -14.21 31.67
CA GLU E 77 -10.09 -12.90 32.26
C GLU E 77 -9.18 -12.03 31.42
N GLU E 78 -8.94 -12.43 30.19
CA GLU E 78 -7.96 -11.74 29.37
C GLU E 78 -8.56 -10.88 28.30
N LEU E 79 -7.71 -10.01 27.75
CA LEU E 79 -8.13 -8.95 26.87
C LEU E 79 -8.91 -9.41 25.63
N VAL E 80 -10.03 -8.74 25.40
CA VAL E 80 -10.82 -8.92 24.17
C VAL E 80 -10.99 -7.59 23.47
N LEU E 81 -10.68 -7.53 22.20
CA LEU E 81 -10.76 -6.31 21.43
C LEU E 81 -11.53 -6.56 20.18
N VAL E 82 -12.55 -5.76 19.96
CA VAL E 82 -13.26 -5.83 18.76
C VAL E 82 -12.98 -4.53 18.07
N LYS E 83 -12.37 -4.60 16.89
CA LYS E 83 -11.96 -3.41 16.22
C LYS E 83 -12.59 -3.24 14.83
N ASP E 84 -12.61 -2.00 14.36
CA ASP E 84 -13.16 -1.63 13.06
C ASP E 84 -14.65 -1.97 12.95
N ILE E 85 -15.39 -1.61 13.99
CA ILE E 85 -16.83 -1.68 13.94
C ILE E 85 -17.35 -0.41 13.27
N ARG E 86 -17.93 -0.56 12.08
CA ARG E 86 -18.44 0.59 11.35
C ARG E 86 -19.61 1.18 12.08
N PHE E 87 -19.69 2.52 12.11
CA PHE E 87 -20.83 3.20 12.66
C PHE E 87 -21.06 4.48 11.91
N SER E 88 -22.26 5.02 12.06
CA SER E 88 -22.56 6.35 11.55
C SER E 88 -23.56 6.99 12.48
N SER E 89 -23.63 8.31 12.44
CA SER E 89 -24.54 9.03 13.32
C SER E 89 -24.79 10.39 12.65
N MET E 90 -25.49 11.29 13.30
CA MET E 90 -25.72 12.63 12.79
C MET E 90 -25.21 13.63 13.81
N CYS E 91 -24.40 14.60 13.41
CA CYS E 91 -23.90 15.56 14.40
C CYS E 91 -25.14 16.27 14.89
N GLU E 92 -25.22 16.50 16.19
CA GLU E 92 -26.32 17.27 16.72
C GLU E 92 -26.20 18.76 16.35
N HIS E 93 -25.01 19.23 16.02
CA HIS E 93 -24.84 20.64 15.70
C HIS E 93 -25.43 21.02 14.36
N HIS E 94 -25.31 20.13 13.38
CA HIS E 94 -25.68 20.43 11.99
C HIS E 94 -26.59 19.41 11.36
N LEU E 95 -26.87 18.33 12.07
CA LEU E 95 -27.69 17.24 11.55
C LEU E 95 -27.17 16.71 10.25
N VAL E 96 -25.86 16.56 10.16
CA VAL E 96 -25.27 15.94 9.02
C VAL E 96 -24.45 14.73 9.49
N PRO E 97 -24.39 13.68 8.66
CA PRO E 97 -23.74 12.47 9.10
C PRO E 97 -22.24 12.63 9.44
N PHE E 98 -21.83 11.88 10.45
CA PHE E 98 -20.43 11.53 10.61
C PHE E 98 -20.34 10.00 10.75
N PHE E 99 -19.21 9.44 10.35
CA PHE E 99 -19.11 7.99 10.23
C PHE E 99 -17.64 7.57 10.36
N GLY E 100 -17.43 6.32 10.77
CA GLY E 100 -16.13 5.75 10.81
C GLY E 100 -16.17 4.45 11.52
N VAL E 101 -15.23 4.24 12.44
CA VAL E 101 -15.15 2.99 13.14
C VAL E 101 -15.08 3.21 14.63
N ALA E 102 -15.53 2.20 15.35
CA ALA E 102 -15.33 2.11 16.78
C ALA E 102 -14.46 0.89 17.07
N HIS E 103 -13.61 1.03 18.09
CA HIS E 103 -12.85 -0.06 18.64
C HIS E 103 -13.20 -0.22 20.09
N VAL E 104 -13.54 -1.43 20.51
CA VAL E 104 -13.96 -1.66 21.89
C VAL E 104 -13.14 -2.79 22.50
N ALA E 105 -12.48 -2.48 23.61
CA ALA E 105 -11.60 -3.43 24.28
C ALA E 105 -12.02 -3.55 25.73
N TYR E 106 -11.99 -4.76 26.25
CA TYR E 106 -12.31 -4.88 27.63
C TYR E 106 -11.58 -6.04 28.26
N LEU E 107 -11.51 -5.99 29.58
CA LEU E 107 -10.98 -7.06 30.39
C LEU E 107 -12.13 -7.71 31.12
N PRO E 108 -12.59 -8.86 30.62
CA PRO E 108 -13.68 -9.54 31.29
C PRO E 108 -13.36 -9.84 32.74
N GLN E 109 -14.40 -9.92 33.53
CA GLN E 109 -14.27 -10.28 34.92
C GLN E 109 -15.17 -11.48 35.11
N ASN E 110 -14.63 -12.52 35.73
CA ASN E 110 -15.41 -13.71 36.10
C ASN E 110 -16.06 -14.37 34.90
N GLY E 111 -15.37 -14.31 33.77
CA GLY E 111 -15.82 -14.91 32.51
C GLY E 111 -17.01 -14.28 31.82
N ARG E 112 -17.40 -13.08 32.23
CA ARG E 112 -18.52 -12.42 31.59
C ARG E 112 -18.05 -11.83 30.30
N VAL E 113 -18.45 -12.43 29.18
CA VAL E 113 -18.05 -11.96 27.86
C VAL E 113 -19.25 -11.51 27.04
N ALA E 114 -19.04 -10.47 26.24
CA ALA E 114 -20.07 -9.91 25.40
C ALA E 114 -20.16 -10.60 24.07
N GLY E 115 -21.37 -10.92 23.61
CA GLY E 115 -21.56 -11.37 22.25
C GLY E 115 -21.16 -10.24 21.32
N LEU E 116 -20.48 -10.58 20.26
CA LEU E 116 -19.93 -9.58 19.38
C LEU E 116 -21.05 -8.79 18.69
N SER E 117 -22.07 -9.47 18.26
CA SER E 117 -23.15 -8.78 17.62
C SER E 117 -23.89 -7.87 18.61
N LYS E 118 -23.91 -8.25 19.89
CA LYS E 118 -24.55 -7.41 20.88
C LYS E 118 -23.78 -6.11 21.05
N LEU E 119 -22.46 -6.22 21.03
CA LEU E 119 -21.63 -5.04 21.13
C LEU E 119 -21.94 -4.08 20.00
N ALA E 120 -22.01 -4.60 18.79
CA ALA E 120 -22.26 -3.80 17.61
C ALA E 120 -23.63 -3.14 17.67
N ARG E 121 -24.63 -3.85 18.19
CA ARG E 121 -25.94 -3.27 18.39
C ARG E 121 -25.95 -2.09 19.35
N VAL E 122 -25.14 -2.18 20.39
CA VAL E 122 -25.07 -1.09 21.36
C VAL E 122 -24.51 0.13 20.67
N VAL E 123 -23.44 -0.05 19.92
CA VAL E 123 -22.86 1.04 19.19
C VAL E 123 -23.92 1.65 18.26
N ASP E 124 -24.61 0.83 17.50
CA ASP E 124 -25.66 1.33 16.60
C ASP E 124 -26.77 2.07 17.28
N ASP E 125 -27.26 1.50 18.38
CA ASP E 125 -28.38 2.12 19.10
C ASP E 125 -28.00 3.45 19.72
N VAL E 126 -26.80 3.53 20.32
CA VAL E 126 -26.33 4.77 20.89
C VAL E 126 -26.17 5.81 19.78
N SER E 127 -25.70 5.34 18.63
CA SER E 127 -25.47 6.17 17.46
C SER E 127 -26.72 6.71 16.76
N ARG E 128 -27.85 6.00 16.84
CA ARG E 128 -29.08 6.37 16.10
C ARG E 128 -29.86 7.50 16.80
N ARG E 129 -29.21 8.64 16.95
CA ARG E 129 -29.82 9.83 17.50
C ARG E 129 -28.83 10.96 17.26
N PRO E 130 -29.29 12.22 17.33
CA PRO E 130 -28.32 13.29 17.17
C PRO E 130 -27.26 13.15 18.22
N GLN E 131 -25.99 13.22 17.83
CA GLN E 131 -24.91 12.95 18.75
C GLN E 131 -23.71 13.86 18.68
N LEU E 132 -22.90 13.77 19.73
CA LEU E 132 -21.52 14.12 19.71
C LEU E 132 -20.75 12.82 19.74
N GLN E 133 -19.66 12.78 18.99
CA GLN E 133 -18.83 11.61 18.97
C GLN E 133 -18.35 11.29 20.41
N GLU E 134 -17.99 12.31 21.14
CA GLU E 134 -17.52 12.17 22.51
C GLU E 134 -18.59 11.44 23.35
N ARG E 135 -19.85 11.77 23.18
CA ARG E 135 -20.91 11.17 24.00
C ARG E 135 -21.17 9.75 23.62
N ILE E 136 -21.08 9.44 22.33
CA ILE E 136 -21.22 8.04 21.90
C ILE E 136 -20.14 7.22 22.55
N THR E 137 -18.92 7.78 22.56
CA THR E 137 -17.76 7.08 23.07
C THR E 137 -17.95 6.75 24.57
N THR E 138 -18.24 7.75 25.37
CA THR E 138 -18.42 7.51 26.78
C THR E 138 -19.65 6.65 27.05
N THR E 139 -20.74 6.84 26.30
CA THR E 139 -21.97 6.10 26.61
C THR E 139 -21.78 4.61 26.40
N VAL E 140 -21.12 4.26 25.33
CA VAL E 140 -20.79 2.88 25.05
C VAL E 140 -19.90 2.32 26.18
N ALA E 141 -18.92 3.10 26.62
CA ALA E 141 -18.05 2.63 27.67
C ALA E 141 -18.86 2.42 28.95
N GLU E 142 -19.76 3.34 29.27
CA GLU E 142 -20.54 3.25 30.52
C GLU E 142 -21.42 2.01 30.47
N ILE E 143 -22.09 1.81 29.33
CA ILE E 143 -23.01 0.72 29.21
C ILE E 143 -22.26 -0.59 29.42
N MET E 144 -21.07 -0.67 28.90
CA MET E 144 -20.26 -1.86 29.11
C MET E 144 -19.76 -2.08 30.52
N MET E 145 -19.35 -1.02 31.20
CA MET E 145 -19.10 -1.15 32.61
C MET E 145 -20.37 -1.63 33.38
N GLU E 146 -21.53 -1.06 33.07
CA GLU E 146 -22.76 -1.37 33.82
C GLU E 146 -23.16 -2.82 33.60
N LYS E 147 -23.18 -3.21 32.34
CA LYS E 147 -23.80 -4.47 31.94
C LYS E 147 -22.87 -5.66 31.93
N LEU E 148 -21.61 -5.43 31.71
CA LEU E 148 -20.62 -6.50 31.72
C LEU E 148 -19.83 -6.60 32.99
N LYS E 149 -19.77 -5.51 33.73
CA LYS E 149 -18.94 -5.44 34.93
C LYS E 149 -17.56 -6.00 34.76
N PRO E 150 -16.82 -5.50 33.78
CA PRO E 150 -15.53 -6.03 33.47
C PRO E 150 -14.52 -5.33 34.35
N LEU E 151 -13.28 -5.79 34.32
CA LEU E 151 -12.22 -5.12 35.05
C LEU E 151 -11.94 -3.75 34.44
N GLY E 152 -12.22 -3.58 33.16
CA GLY E 152 -12.05 -2.29 32.53
C GLY E 152 -12.47 -2.31 31.09
N VAL E 153 -12.67 -1.12 30.56
CA VAL E 153 -13.07 -0.99 29.20
C VAL E 153 -12.31 0.16 28.59
N MET E 154 -12.02 0.03 27.30
CA MET E 154 -11.46 1.12 26.54
C MET E 154 -12.24 1.18 25.23
N VAL E 155 -12.75 2.36 24.93
CA VAL E 155 -13.46 2.61 23.68
C VAL E 155 -12.76 3.73 22.92
N ILE E 156 -12.48 3.46 21.65
CA ILE E 156 -11.94 4.47 20.74
C ILE E 156 -12.79 4.56 19.51
N MET E 157 -13.08 5.79 19.11
CA MET E 157 -13.83 6.01 17.89
C MET E 157 -13.06 6.94 17.00
N GLU E 158 -13.15 6.65 15.71
CA GLU E 158 -12.45 7.42 14.69
C GLU E 158 -13.47 7.72 13.62
N ALA E 159 -13.65 9.01 13.31
CA ALA E 159 -14.69 9.34 12.33
C ALA E 159 -14.36 10.56 11.51
N GLU E 160 -15.03 10.63 10.36
CA GLU E 160 -14.99 11.81 9.53
C GLU E 160 -16.32 12.51 9.63
N HIS E 161 -16.28 13.81 9.78
CA HIS E 161 -17.48 14.62 9.94
C HIS E 161 -17.75 15.39 8.66
N MET E 162 -18.94 15.21 8.10
CA MET E 162 -19.37 16.05 7.00
C MET E 162 -19.66 17.49 7.48
N CYS E 163 -20.14 17.68 8.74
CA CYS E 163 -20.16 18.98 9.50
C CYS E 163 -18.96 19.82 8.87
N MET E 164 -17.82 19.14 8.61
CA MET E 164 -16.54 19.76 8.20
C MET E 164 -16.06 19.64 6.76
N THR E 165 -16.56 18.65 6.03
CA THR E 165 -16.09 18.36 4.68
C THR E 165 -16.84 19.20 3.63
N ILE E 166 -18.10 19.47 3.89
CA ILE E 166 -19.00 20.09 2.91
C ILE E 166 -19.19 21.57 3.15
N ARG E 167 -18.74 22.05 4.29
CA ARG E 167 -19.06 23.42 4.68
C ARG E 167 -17.93 24.34 4.34
N GLY E 168 -18.08 25.61 4.69
CA GLY E 168 -17.14 26.66 4.32
C GLY E 168 -15.73 26.35 4.74
N VAL E 169 -15.61 25.83 5.95
CA VAL E 169 -14.32 25.43 6.47
C VAL E 169 -13.62 24.46 5.50
N ASN E 170 -14.39 23.55 4.90
CA ASN E 170 -13.90 22.67 3.84
C ASN E 170 -12.55 21.95 4.11
N LYS E 171 -12.55 20.98 5.03
CA LYS E 171 -11.35 20.21 5.35
C LYS E 171 -11.64 18.70 5.22
N PRO E 172 -11.64 18.21 3.98
CA PRO E 172 -11.90 16.78 3.80
C PRO E 172 -10.68 16.01 4.29
N GLY E 173 -10.91 14.82 4.86
CA GLY E 173 -9.80 13.98 5.32
C GLY E 173 -9.46 14.15 6.79
N THR E 174 -10.07 15.13 7.43
CA THR E 174 -9.92 15.32 8.85
C THR E 174 -10.67 14.22 9.58
N LYS E 175 -9.98 13.61 10.53
CA LYS E 175 -10.52 12.56 11.33
C LYS E 175 -10.57 13.03 12.77
N THR E 176 -11.67 12.74 13.44
CA THR E 176 -11.75 13.00 14.86
C THR E 176 -11.66 11.69 15.60
N ILE E 177 -10.85 11.68 16.65
CA ILE E 177 -10.64 10.49 17.43
C ILE E 177 -10.93 10.76 18.90
N THR E 178 -11.82 9.96 19.46
CA THR E 178 -12.26 10.11 20.82
C THR E 178 -12.00 8.83 21.55
N SER E 179 -11.87 8.92 22.86
CA SER E 179 -11.64 7.74 23.66
C SER E 179 -12.28 7.85 25.01
N ALA E 180 -12.54 6.69 25.60
CA ALA E 180 -13.05 6.60 26.96
C ALA E 180 -12.41 5.39 27.59
N VAL E 181 -11.83 5.58 28.76
CA VAL E 181 -11.26 4.48 29.51
C VAL E 181 -11.91 4.36 30.87
N ARG E 182 -12.21 3.14 31.28
CA ARG E 182 -12.77 2.91 32.60
C ARG E 182 -12.07 1.74 33.23
N GLY E 183 -12.12 1.69 34.55
CA GLY E 183 -11.60 0.59 35.31
C GLY E 183 -10.10 0.49 35.12
N ALA E 184 -9.63 -0.71 34.85
CA ALA E 184 -8.22 -0.96 34.80
C ALA E 184 -7.52 -0.15 33.71
N PHE E 185 -8.22 0.18 32.63
CA PHE E 185 -7.60 0.90 31.53
C PHE E 185 -7.28 2.33 31.93
N LYS E 186 -7.99 2.82 32.92
CA LYS E 186 -7.73 4.15 33.44
C LYS E 186 -6.38 4.26 34.14
N ASN E 187 -5.92 3.19 34.78
CA ASN E 187 -4.70 3.25 35.58
C ASN E 187 -3.51 2.53 34.99
N ASP E 188 -3.76 1.68 34.00
CA ASP E 188 -2.71 0.86 33.45
C ASP E 188 -2.34 1.35 32.02
N ASP E 189 -1.32 2.18 31.96
CA ASP E 189 -0.88 2.70 30.70
C ASP E 189 -0.30 1.63 29.75
N LYS E 190 0.29 0.58 30.28
CA LYS E 190 0.81 -0.51 29.43
C LYS E 190 -0.31 -1.19 28.68
N LEU E 191 -1.40 -1.41 29.38
CA LEU E 191 -2.58 -2.00 28.79
C LEU E 191 -3.16 -1.12 27.70
N ARG E 192 -3.28 0.18 27.98
CA ARG E 192 -3.80 1.11 26.96
C ARG E 192 -2.93 1.06 25.73
N SER E 193 -1.64 1.00 25.98
CA SER E 193 -0.64 0.98 24.94
C SER E 193 -0.75 -0.27 24.06
N GLU E 194 -1.03 -1.41 24.68
CA GLU E 194 -1.16 -2.66 23.95
C GLU E 194 -2.40 -2.65 23.08
N VAL E 195 -3.47 -2.11 23.62
CA VAL E 195 -4.66 -1.93 22.79
C VAL E 195 -4.38 -1.07 21.58
N LEU E 196 -3.70 0.06 21.80
CA LEU E 196 -3.39 0.94 20.66
C LEU E 196 -2.55 0.23 19.61
N ALA E 197 -1.59 -0.58 20.04
CA ALA E 197 -0.78 -1.27 19.07
C ALA E 197 -1.66 -2.22 18.26
N LEU E 198 -2.55 -2.95 18.92
CA LEU E 198 -3.40 -3.95 18.26
C LEU E 198 -4.42 -3.34 17.32
N ILE E 199 -4.81 -2.12 17.62
CA ILE E 199 -5.66 -1.37 16.71
C ILE E 199 -4.95 -0.89 15.44
N LYS E 200 -3.65 -0.58 15.52
CA LYS E 200 -2.88 -0.10 14.37
C LYS E 200 -2.74 -1.22 13.38
N HIS E 201 -1.86 -2.18 13.69
CA HIS E 201 -1.84 -3.54 13.08
C HIS E 201 -2.88 -3.79 11.95
N GLN F 16 -43.68 -17.14 7.02
CA GLN F 16 -43.31 -17.61 8.40
C GLN F 16 -42.83 -19.05 8.30
N ILE F 17 -41.56 -19.28 8.63
CA ILE F 17 -41.01 -20.62 8.51
C ILE F 17 -41.12 -21.29 9.87
N ASP F 18 -41.05 -22.59 9.85
CA ASP F 18 -41.20 -23.37 11.05
C ASP F 18 -39.83 -23.48 11.77
N LYS F 19 -39.56 -22.50 12.62
CA LYS F 19 -38.29 -22.44 13.34
C LYS F 19 -38.07 -23.61 14.27
N GLN F 20 -39.14 -24.10 14.88
CA GLN F 20 -39.01 -25.18 15.83
C GLN F 20 -38.52 -26.44 15.11
N LYS F 21 -39.07 -26.68 13.94
CA LYS F 21 -38.67 -27.83 13.15
C LYS F 21 -37.18 -27.75 12.80
N ILE F 22 -36.72 -26.57 12.42
CA ILE F 22 -35.32 -26.37 12.12
C ILE F 22 -34.44 -26.57 13.34
N ALA F 23 -34.89 -26.01 14.47
CA ALA F 23 -34.17 -26.17 15.71
C ALA F 23 -34.01 -27.63 16.09
N ASP F 24 -35.07 -28.42 15.92
CA ASP F 24 -34.98 -29.86 16.19
C ASP F 24 -33.94 -30.52 15.31
N ALA F 25 -33.91 -30.16 14.03
CA ALA F 25 -32.95 -30.75 13.12
C ALA F 25 -31.49 -30.33 13.52
N VAL F 26 -31.32 -29.09 13.95
CA VAL F 26 -30.00 -28.63 14.34
C VAL F 26 -29.51 -29.39 15.58
N LYS F 27 -30.43 -29.64 16.50
CA LYS F 27 -30.09 -30.40 17.68
C LYS F 27 -29.63 -31.79 17.33
N VAL F 28 -30.34 -32.43 16.40
CA VAL F 28 -29.95 -33.73 15.94
C VAL F 28 -28.54 -33.68 15.35
N ILE F 29 -28.27 -32.65 14.58
CA ILE F 29 -26.94 -32.48 13.99
C ILE F 29 -25.84 -32.37 15.05
N LEU F 30 -26.10 -31.59 16.07
CA LEU F 30 -25.15 -31.42 17.17
C LEU F 30 -24.89 -32.73 17.94
N GLU F 31 -25.93 -33.53 18.17
CA GLU F 31 -25.72 -34.84 18.78
C GLU F 31 -24.88 -35.68 17.86
N ALA F 32 -25.25 -35.68 16.58
CA ALA F 32 -24.62 -36.57 15.63
C ALA F 32 -23.12 -36.30 15.46
N VAL F 33 -22.69 -35.05 15.59
CA VAL F 33 -21.27 -34.76 15.44
C VAL F 33 -20.49 -35.04 16.69
N GLY F 34 -21.17 -35.39 17.76
CA GLY F 34 -20.50 -35.77 19.00
C GLY F 34 -20.41 -34.65 20.02
N GLU F 35 -21.29 -33.68 19.91
CA GLU F 35 -21.29 -32.54 20.80
C GLU F 35 -22.30 -32.78 21.87
N ASN F 36 -22.23 -32.02 22.96
CA ASN F 36 -23.25 -32.08 24.00
C ASN F 36 -24.23 -30.91 23.84
N PRO F 37 -25.41 -31.18 23.25
CA PRO F 37 -26.34 -30.12 22.96
C PRO F 37 -26.91 -29.40 24.16
N ASP F 38 -26.74 -29.96 25.35
CA ASP F 38 -27.24 -29.31 26.55
C ASP F 38 -26.24 -28.36 27.19
N ARG F 39 -24.99 -28.34 26.72
CA ARG F 39 -23.98 -27.51 27.39
C ARG F 39 -24.32 -26.05 27.14
N GLU F 40 -23.87 -25.18 28.04
CA GLU F 40 -24.31 -23.78 28.15
C GLU F 40 -24.17 -23.02 26.80
N GLY F 41 -23.07 -23.26 26.10
CA GLY F 41 -22.80 -22.60 24.82
C GLY F 41 -23.61 -23.06 23.64
N LEU F 42 -24.27 -24.22 23.76
CA LEU F 42 -25.09 -24.74 22.66
C LEU F 42 -26.59 -24.74 22.92
N ILE F 43 -27.03 -24.52 24.14
CA ILE F 43 -28.43 -24.67 24.46
C ILE F 43 -29.33 -23.85 23.56
N ASP F 44 -28.97 -22.62 23.26
CA ASP F 44 -29.78 -21.83 22.36
C ASP F 44 -29.33 -21.83 20.92
N THR F 45 -28.37 -22.65 20.58
CA THR F 45 -27.82 -22.64 19.24
C THR F 45 -28.87 -23.12 18.19
N PRO F 46 -29.61 -24.19 18.48
CA PRO F 46 -30.69 -24.59 17.55
C PRO F 46 -31.65 -23.49 17.15
N MET F 47 -32.14 -22.72 18.11
CA MET F 47 -33.05 -21.62 17.80
C MET F 47 -32.31 -20.45 17.15
N ARG F 48 -31.06 -20.20 17.56
CA ARG F 48 -30.28 -19.14 16.92
C ARG F 48 -30.02 -19.45 15.46
N VAL F 49 -29.68 -20.68 15.18
CA VAL F 49 -29.53 -21.10 13.79
C VAL F 49 -30.87 -20.98 13.02
N ALA F 50 -31.98 -21.36 13.64
CA ALA F 50 -33.29 -21.21 12.99
C ALA F 50 -33.59 -19.74 12.66
N ARG F 51 -33.34 -18.84 13.61
CA ARG F 51 -33.55 -17.41 13.39
C ARG F 51 -32.59 -16.87 12.34
N MET F 52 -31.37 -17.36 12.34
CA MET F 52 -30.43 -16.96 11.32
C MET F 52 -30.93 -17.39 9.95
N TYR F 53 -31.38 -18.62 9.83
CA TYR F 53 -31.84 -19.11 8.51
C TYR F 53 -33.07 -18.33 8.05
N GLU F 54 -33.93 -17.97 8.99
CA GLU F 54 -35.07 -17.15 8.66
C GLU F 54 -34.60 -15.83 8.05
N GLU F 55 -33.54 -15.26 8.58
CA GLU F 55 -33.05 -14.01 8.08
C GLU F 55 -32.32 -14.20 6.75
N VAL F 56 -31.33 -15.10 6.69
CA VAL F 56 -30.45 -15.19 5.51
C VAL F 56 -31.15 -15.85 4.33
N PHE F 57 -32.25 -16.56 4.58
CA PHE F 57 -33.01 -17.14 3.49
C PHE F 57 -34.34 -16.46 3.28
N ALA F 58 -34.50 -15.26 3.82
CA ALA F 58 -35.76 -14.52 3.66
C ALA F 58 -36.15 -14.30 2.19
N GLY F 59 -35.15 -14.24 1.31
CA GLY F 59 -35.35 -13.95 -0.09
C GLY F 59 -36.19 -15.00 -0.81
N LEU F 60 -36.26 -16.20 -0.23
CA LEU F 60 -37.14 -17.26 -0.75
C LEU F 60 -38.59 -16.85 -0.76
N LYS F 61 -38.95 -15.88 0.06
CA LYS F 61 -40.34 -15.45 0.19
C LYS F 61 -40.61 -14.12 -0.49
N LYS F 62 -39.61 -13.55 -1.17
CA LYS F 62 -39.74 -12.20 -1.72
C LYS F 62 -39.52 -12.22 -3.20
N ASP F 63 -40.23 -11.33 -3.90
CA ASP F 63 -39.86 -10.98 -5.25
C ASP F 63 -38.85 -9.82 -5.18
N PRO F 64 -37.59 -10.09 -5.55
CA PRO F 64 -36.57 -9.03 -5.51
C PRO F 64 -36.77 -7.87 -6.49
N SER F 65 -37.57 -8.09 -7.54
CA SER F 65 -37.81 -7.06 -8.54
C SER F 65 -38.70 -5.90 -8.05
N VAL F 66 -39.39 -6.06 -6.91
CA VAL F 66 -40.34 -5.02 -6.44
C VAL F 66 -39.64 -3.71 -6.09
N HIS F 67 -38.35 -3.77 -5.75
CA HIS F 67 -37.63 -2.56 -5.38
C HIS F 67 -37.50 -1.57 -6.51
N PHE F 68 -37.63 -2.03 -7.75
CA PHE F 68 -37.57 -1.11 -8.90
C PHE F 68 -38.97 -0.68 -9.34
N ASP F 69 -40.00 -0.98 -8.54
CA ASP F 69 -41.34 -0.46 -8.89
C ASP F 69 -41.47 1.07 -8.80
N THR F 70 -40.48 1.72 -8.18
CA THR F 70 -40.28 3.17 -8.30
C THR F 70 -38.96 3.51 -9.03
N ILE F 71 -39.02 4.07 -10.24
CA ILE F 71 -37.83 4.57 -10.97
C ILE F 71 -37.97 6.08 -11.25
N PHE F 72 -36.85 6.81 -11.20
CA PHE F 72 -36.86 8.28 -11.36
C PHE F 72 -36.76 8.69 -12.83
N GLU F 73 -37.46 9.76 -13.22
CA GLU F 73 -37.55 10.19 -14.65
C GLU F 73 -36.54 11.26 -15.22
N GLU F 74 -35.58 11.75 -14.45
CA GLU F 74 -34.70 12.80 -15.02
C GLU F 74 -33.95 12.34 -16.25
N GLN F 75 -33.74 13.22 -17.24
CA GLN F 75 -33.17 12.84 -18.56
C GLN F 75 -31.62 12.78 -18.71
N HIS F 76 -31.05 11.58 -18.57
CA HIS F 76 -29.62 11.30 -18.57
C HIS F 76 -29.38 9.95 -19.27
N GLU F 77 -28.38 9.88 -20.17
CA GLU F 77 -28.12 8.68 -21.04
C GLU F 77 -26.76 8.04 -20.88
N GLU F 78 -25.98 8.51 -19.94
CA GLU F 78 -24.60 8.08 -19.84
C GLU F 78 -24.36 7.13 -18.70
N LEU F 79 -23.21 6.51 -18.76
CA LEU F 79 -22.85 5.41 -17.87
C LEU F 79 -22.96 5.75 -16.39
N VAL F 80 -23.60 4.84 -15.66
CA VAL F 80 -23.63 4.87 -14.23
C VAL F 80 -23.05 3.59 -13.73
N LEU F 81 -22.11 3.68 -12.80
CA LEU F 81 -21.50 2.50 -12.20
C LEU F 81 -21.57 2.63 -10.71
N VAL F 82 -22.12 1.62 -10.06
CA VAL F 82 -22.10 1.56 -8.63
C VAL F 82 -21.20 0.42 -8.31
N LYS F 83 -20.11 0.70 -7.62
CA LYS F 83 -19.14 -0.32 -7.34
C LYS F 83 -18.92 -0.56 -5.87
N ASP F 84 -18.41 -1.75 -5.55
CA ASP F 84 -18.11 -2.16 -4.20
C ASP F 84 -19.35 -2.13 -3.34
N ILE F 85 -20.40 -2.74 -3.86
CA ILE F 85 -21.58 -3.04 -3.07
C ILE F 85 -21.34 -4.35 -2.33
N ARG F 86 -21.24 -4.29 -1.00
CA ARG F 86 -21.01 -5.50 -0.21
C ARG F 86 -22.21 -6.41 -0.33
N PHE F 87 -21.96 -7.71 -0.39
CA PHE F 87 -23.04 -8.69 -0.31
C PHE F 87 -22.53 -9.94 0.35
N SER F 88 -23.46 -10.76 0.80
CA SER F 88 -23.11 -12.10 1.27
C SER F 88 -24.31 -13.05 0.92
N SER F 89 -24.04 -14.33 0.89
CA SER F 89 -25.02 -15.28 0.56
C SER F 89 -24.53 -16.59 1.12
N MET F 90 -25.25 -17.67 0.87
CA MET F 90 -24.87 -19.00 1.34
C MET F 90 -24.76 -19.91 0.14
N CYS F 91 -23.65 -20.64 -0.03
CA CYS F 91 -23.52 -21.55 -1.18
C CYS F 91 -24.60 -22.59 -1.01
N GLU F 92 -25.28 -22.91 -2.08
CA GLU F 92 -26.31 -23.93 -2.02
C GLU F 92 -25.70 -25.32 -1.88
N HIS F 93 -24.44 -25.47 -2.28
CA HIS F 93 -23.79 -26.78 -2.18
C HIS F 93 -23.45 -27.19 -0.76
N HIS F 94 -23.09 -26.22 0.09
CA HIS F 94 -22.63 -26.49 1.46
C HIS F 94 -23.26 -25.65 2.54
N LEU F 95 -24.12 -24.72 2.16
CA LEU F 95 -24.79 -23.84 3.10
C LEU F 95 -23.80 -23.11 3.99
N VAL F 96 -22.74 -22.64 3.37
CA VAL F 96 -21.79 -21.84 4.07
C VAL F 96 -21.62 -20.52 3.34
N PRO F 97 -21.32 -19.45 4.09
CA PRO F 97 -21.35 -18.13 3.50
C PRO F 97 -20.28 -17.93 2.45
N PHE F 98 -20.64 -17.15 1.43
CA PHE F 98 -19.67 -16.51 0.58
C PHE F 98 -20.03 -15.04 0.55
N PHE F 99 -19.01 -14.20 0.40
CA PHE F 99 -19.20 -12.76 0.56
C PHE F 99 -18.18 -11.98 -0.23
N GLY F 100 -18.54 -10.75 -0.61
CA GLY F 100 -17.60 -9.91 -1.34
C GLY F 100 -18.32 -8.70 -1.86
N VAL F 101 -18.04 -8.33 -3.10
CA VAL F 101 -18.61 -7.11 -3.63
C VAL F 101 -19.26 -7.37 -4.98
N ALA F 102 -20.25 -6.55 -5.26
CA ALA F 102 -20.86 -6.53 -6.57
C ALA F 102 -20.57 -5.14 -7.16
N HIS F 103 -20.37 -5.12 -8.47
CA HIS F 103 -20.30 -3.90 -9.23
C HIS F 103 -21.38 -3.91 -10.31
N VAL F 104 -22.16 -2.84 -10.40
CA VAL F 104 -23.29 -2.79 -11.32
C VAL F 104 -23.22 -1.54 -12.15
N ALA F 105 -23.19 -1.73 -13.45
CA ALA F 105 -23.05 -0.64 -14.39
C ALA F 105 -24.19 -0.72 -15.37
N TYR F 106 -24.72 0.43 -15.73
CA TYR F 106 -25.73 0.42 -16.74
C TYR F 106 -25.75 1.71 -17.54
N LEU F 107 -26.37 1.62 -18.69
CA LEU F 107 -26.60 2.74 -19.55
C LEU F 107 -28.08 3.05 -19.52
N PRO F 108 -28.46 4.07 -18.77
CA PRO F 108 -29.86 4.43 -18.70
C PRO F 108 -30.44 4.82 -20.04
N GLN F 109 -31.74 4.74 -20.12
CA GLN F 109 -32.35 5.45 -21.21
C GLN F 109 -33.70 6.00 -20.82
N ASN F 110 -34.05 7.09 -21.52
CA ASN F 110 -35.20 7.91 -21.15
C ASN F 110 -35.04 8.38 -19.74
N GLY F 111 -33.80 8.52 -19.30
CA GLY F 111 -33.53 8.97 -17.96
C GLY F 111 -34.04 8.09 -16.84
N ARG F 112 -34.32 6.82 -17.13
CA ARG F 112 -34.76 5.88 -16.09
C ARG F 112 -33.55 5.46 -15.30
N VAL F 113 -33.45 5.99 -14.09
CA VAL F 113 -32.31 5.77 -13.26
C VAL F 113 -32.72 5.08 -12.00
N ALA F 114 -31.86 4.17 -11.53
CA ALA F 114 -32.12 3.41 -10.35
C ALA F 114 -31.65 4.11 -9.09
N GLY F 115 -32.49 4.14 -8.06
CA GLY F 115 -32.05 4.62 -6.77
C GLY F 115 -30.96 3.68 -6.30
N LEU F 116 -29.93 4.24 -5.71
CA LEU F 116 -28.79 3.49 -5.27
C LEU F 116 -29.18 2.48 -4.19
N SER F 117 -29.98 2.89 -3.24
CA SER F 117 -30.42 1.96 -2.23
C SER F 117 -31.34 0.86 -2.81
N LYS F 118 -32.09 1.15 -3.86
CA LYS F 118 -32.91 0.14 -4.50
C LYS F 118 -32.04 -0.92 -5.15
N LEU F 119 -30.96 -0.49 -5.78
CA LEU F 119 -30.03 -1.40 -6.37
C LEU F 119 -29.52 -2.35 -5.33
N ALA F 120 -29.10 -1.81 -4.20
CA ALA F 120 -28.49 -2.59 -3.16
C ALA F 120 -29.49 -3.59 -2.60
N ARG F 121 -30.73 -3.17 -2.47
CA ARG F 121 -31.81 -4.05 -2.02
C ARG F 121 -32.06 -5.22 -2.94
N VAL F 122 -31.92 -4.99 -4.25
CA VAL F 122 -32.05 -6.05 -5.21
C VAL F 122 -30.93 -7.07 -5.01
N VAL F 123 -29.70 -6.58 -4.90
CA VAL F 123 -28.59 -7.45 -4.67
C VAL F 123 -28.85 -8.27 -3.39
N ASP F 124 -29.22 -7.60 -2.30
CA ASP F 124 -29.50 -8.29 -1.07
C ASP F 124 -30.57 -9.34 -1.19
N ASP F 125 -31.68 -8.97 -1.81
CA ASP F 125 -32.82 -9.89 -1.89
C ASP F 125 -32.51 -11.11 -2.71
N VAL F 126 -31.81 -10.92 -3.81
CA VAL F 126 -31.46 -12.05 -4.64
C VAL F 126 -30.50 -12.95 -3.87
N SER F 127 -29.62 -12.31 -3.10
CA SER F 127 -28.62 -13.00 -2.30
C SER F 127 -29.16 -13.79 -1.13
N ARG F 128 -30.30 -13.38 -0.58
CA ARG F 128 -30.82 -13.98 0.65
C ARG F 128 -31.59 -15.28 0.37
N ARG F 129 -30.86 -16.22 -0.18
CA ARG F 129 -31.36 -17.57 -0.39
C ARG F 129 -30.15 -18.41 -0.76
N PRO F 130 -30.26 -19.75 -0.69
CA PRO F 130 -29.14 -20.57 -1.11
C PRO F 130 -28.82 -20.28 -2.54
N GLN F 131 -27.57 -20.00 -2.84
CA GLN F 131 -27.23 -19.50 -4.17
C GLN F 131 -26.00 -20.08 -4.78
N LEU F 132 -25.88 -19.84 -6.08
CA LEU F 132 -24.64 -19.85 -6.81
C LEU F 132 -24.32 -18.40 -7.12
N GLN F 133 -23.04 -18.04 -7.04
CA GLN F 133 -22.64 -16.69 -7.37
C GLN F 133 -23.05 -16.35 -8.81
N GLU F 134 -22.88 -17.29 -9.70
CA GLU F 134 -23.25 -17.12 -11.09
C GLU F 134 -24.71 -16.71 -11.20
N ARG F 135 -25.58 -17.35 -10.43
CA ARG F 135 -27.02 -17.10 -10.57
C ARG F 135 -27.40 -15.74 -9.97
N ILE F 136 -26.71 -15.34 -8.91
CA ILE F 136 -26.94 -14.00 -8.37
C ILE F 136 -26.57 -12.95 -9.41
N THR F 137 -25.45 -13.18 -10.07
CA THR F 137 -24.95 -12.26 -11.04
C THR F 137 -25.98 -12.09 -12.18
N THR F 138 -26.39 -13.18 -12.79
CA THR F 138 -27.28 -13.07 -13.93
C THR F 138 -28.66 -12.55 -13.49
N THR F 139 -29.12 -12.94 -12.31
CA THR F 139 -30.45 -12.56 -11.87
C THR F 139 -30.53 -11.05 -11.69
N VAL F 140 -29.50 -10.49 -11.09
CA VAL F 140 -29.43 -9.07 -10.87
C VAL F 140 -29.42 -8.39 -12.22
N ALA F 141 -28.68 -8.92 -13.16
CA ALA F 141 -28.62 -8.32 -14.48
C ALA F 141 -30.01 -8.39 -15.16
N GLU F 142 -30.69 -9.53 -15.07
CA GLU F 142 -32.00 -9.71 -15.70
C GLU F 142 -33.05 -8.76 -15.08
N ILE F 143 -33.05 -8.66 -13.77
CA ILE F 143 -33.98 -7.77 -13.09
C ILE F 143 -33.80 -6.34 -13.53
N MET F 144 -32.57 -5.93 -13.65
CA MET F 144 -32.31 -4.60 -14.15
C MET F 144 -32.78 -4.37 -15.60
N MET F 145 -32.56 -5.32 -16.49
CA MET F 145 -33.03 -5.18 -17.85
C MET F 145 -34.57 -5.09 -17.85
N GLU F 146 -35.22 -5.94 -17.06
CA GLU F 146 -36.69 -5.98 -17.01
C GLU F 146 -37.27 -4.67 -16.47
N LYS F 147 -36.73 -4.21 -15.35
CA LYS F 147 -37.34 -3.12 -14.61
C LYS F 147 -36.85 -1.75 -14.98
N LEU F 148 -35.61 -1.62 -15.40
CA LEU F 148 -35.06 -0.33 -15.74
C LEU F 148 -35.10 -0.09 -17.21
N LYS F 149 -35.13 -1.17 -17.99
CA LYS F 149 -35.12 -1.09 -19.44
C LYS F 149 -34.02 -0.15 -19.92
N PRO F 150 -32.78 -0.38 -19.49
CA PRO F 150 -31.66 0.44 -19.89
C PRO F 150 -31.12 -0.04 -21.23
N LEU F 151 -30.20 0.72 -21.80
CA LEU F 151 -29.55 0.28 -23.05
C LEU F 151 -28.70 -0.94 -22.80
N GLY F 152 -28.25 -1.11 -21.58
CA GLY F 152 -27.46 -2.28 -21.26
C GLY F 152 -27.11 -2.30 -19.79
N VAL F 153 -26.70 -3.48 -19.34
CA VAL F 153 -26.24 -3.63 -18.00
C VAL F 153 -25.02 -4.51 -17.97
N MET F 154 -24.14 -4.25 -17.02
CA MET F 154 -23.00 -5.14 -16.77
C MET F 154 -22.91 -5.33 -15.27
N VAL F 155 -22.88 -6.58 -14.83
CA VAL F 155 -22.77 -6.90 -13.42
C VAL F 155 -21.55 -7.76 -13.25
N ILE F 156 -20.73 -7.38 -12.29
CA ILE F 156 -19.59 -8.18 -11.90
C ILE F 156 -19.61 -8.42 -10.40
N MET F 157 -19.34 -9.66 -10.00
CA MET F 157 -19.27 -9.99 -8.59
C MET F 157 -17.95 -10.66 -8.31
N GLU F 158 -17.43 -10.32 -7.16
CA GLU F 158 -16.19 -10.85 -6.68
C GLU F 158 -16.42 -11.34 -5.26
N ALA F 159 -16.06 -12.58 -4.98
CA ALA F 159 -16.33 -13.13 -3.65
C ALA F 159 -15.36 -14.19 -3.21
N GLU F 160 -15.29 -14.34 -1.89
CA GLU F 160 -14.56 -15.43 -1.29
C GLU F 160 -15.59 -16.43 -0.77
N HIS F 161 -15.32 -17.70 -1.02
CA HIS F 161 -16.19 -18.77 -0.57
C HIS F 161 -15.55 -19.50 0.61
N MET F 162 -16.26 -19.55 1.71
CA MET F 162 -15.87 -20.41 2.81
C MET F 162 -16.01 -21.92 2.44
N CYS F 163 -17.01 -22.31 1.57
CA CYS F 163 -17.13 -23.65 0.87
C CYS F 163 -15.63 -24.10 0.74
N MET F 164 -14.73 -23.16 0.45
CA MET F 164 -13.31 -23.38 0.14
C MET F 164 -12.21 -23.11 1.16
N THR F 165 -12.47 -22.21 2.09
CA THR F 165 -11.45 -21.72 3.02
C THR F 165 -11.34 -22.63 4.26
N ILE F 166 -12.46 -23.21 4.66
CA ILE F 166 -12.55 -23.95 5.92
C ILE F 166 -12.54 -25.45 5.73
N ARG F 167 -12.64 -25.89 4.49
CA ARG F 167 -12.79 -27.32 4.22
C ARG F 167 -11.46 -27.93 3.85
N GLY F 168 -11.48 -29.23 3.55
CA GLY F 168 -10.25 -30.02 3.30
C GLY F 168 -9.38 -29.43 2.23
N VAL F 169 -10.02 -28.98 1.17
CA VAL F 169 -9.33 -28.30 0.09
C VAL F 169 -8.47 -27.11 0.62
N ASN F 170 -8.99 -26.36 1.58
CA ASN F 170 -8.23 -25.34 2.31
C ASN F 170 -7.44 -24.36 1.45
N LYS F 171 -8.13 -23.48 0.73
CA LYS F 171 -7.49 -22.47 -0.10
C LYS F 171 -8.03 -21.08 0.27
N PRO F 172 -7.53 -20.52 1.38
CA PRO F 172 -7.91 -19.17 1.74
C PRO F 172 -7.33 -18.14 0.75
N GLY F 173 -8.08 -17.08 0.46
CA GLY F 173 -7.63 -16.04 -0.45
C GLY F 173 -8.12 -16.20 -1.89
N THR F 174 -8.72 -17.35 -2.19
CA THR F 174 -9.26 -17.61 -3.50
C THR F 174 -10.50 -16.76 -3.70
N LYS F 175 -10.54 -16.06 -4.82
CA LYS F 175 -11.64 -15.21 -5.15
C LYS F 175 -12.32 -15.76 -6.38
N THR F 176 -13.62 -15.78 -6.37
CA THR F 176 -14.37 -16.12 -7.58
C THR F 176 -14.97 -14.85 -8.17
N ILE F 177 -14.86 -14.73 -9.48
CA ILE F 177 -15.37 -13.56 -10.18
C ILE F 177 -16.31 -13.98 -11.29
N THR F 178 -17.50 -13.43 -11.25
CA THR F 178 -18.53 -13.74 -12.24
C THR F 178 -18.93 -12.46 -12.92
N SER F 179 -19.48 -12.57 -14.12
CA SER F 179 -20.04 -11.42 -14.80
C SER F 179 -21.23 -11.76 -15.66
N ALA F 180 -22.03 -10.74 -15.92
CA ALA F 180 -23.17 -10.84 -16.80
C ALA F 180 -23.27 -9.55 -17.57
N VAL F 181 -23.35 -9.66 -18.90
CA VAL F 181 -23.55 -8.49 -19.72
C VAL F 181 -24.84 -8.61 -20.51
N ARG F 182 -25.59 -7.53 -20.57
CA ARG F 182 -26.77 -7.50 -21.39
C ARG F 182 -26.83 -6.21 -22.19
N GLY F 183 -27.57 -6.25 -23.29
CA GLY F 183 -27.79 -5.09 -24.13
C GLY F 183 -26.51 -4.60 -24.78
N ALA F 184 -26.28 -3.30 -24.69
CA ALA F 184 -25.13 -2.68 -25.31
C ALA F 184 -23.79 -3.20 -24.81
N PHE F 185 -23.73 -3.63 -23.57
CA PHE F 185 -22.46 -4.16 -23.03
C PHE F 185 -22.07 -5.48 -23.71
N LYS F 186 -23.06 -6.17 -24.26
CA LYS F 186 -22.80 -7.45 -24.89
C LYS F 186 -22.04 -7.27 -26.18
N ASN F 187 -22.27 -6.18 -26.90
CA ASN F 187 -21.67 -6.02 -28.25
C ASN F 187 -20.58 -4.91 -28.27
N ASP F 188 -20.45 -4.13 -27.19
CA ASP F 188 -19.45 -3.04 -27.16
C ASP F 188 -18.31 -3.33 -26.19
N ASP F 189 -17.25 -3.90 -26.73
CA ASP F 189 -16.08 -4.27 -25.91
C ASP F 189 -15.37 -3.05 -25.31
N LYS F 190 -15.40 -1.91 -25.99
CA LYS F 190 -14.79 -0.71 -25.46
C LYS F 190 -15.50 -0.30 -24.15
N LEU F 191 -16.82 -0.37 -24.16
CA LEU F 191 -17.61 -0.04 -23.01
C LEU F 191 -17.31 -0.98 -21.84
N ARG F 192 -17.26 -2.27 -22.12
CA ARG F 192 -16.93 -3.23 -21.09
C ARG F 192 -15.59 -2.93 -20.47
N SER F 193 -14.68 -2.57 -21.34
CA SER F 193 -13.32 -2.25 -20.98
C SER F 193 -13.24 -1.02 -20.07
N GLU F 194 -14.06 -0.03 -20.36
CA GLU F 194 -14.06 1.19 -19.56
C GLU F 194 -14.60 0.88 -18.17
N VAL F 195 -15.63 0.07 -18.11
CA VAL F 195 -16.17 -0.34 -16.82
C VAL F 195 -15.10 -1.03 -16.00
N LEU F 196 -14.40 -1.96 -16.63
CA LEU F 196 -13.34 -2.68 -15.92
C LEU F 196 -12.24 -1.74 -15.42
N ALA F 197 -11.89 -0.73 -16.19
CA ALA F 197 -10.89 0.21 -15.72
C ALA F 197 -11.41 0.95 -14.51
N LEU F 198 -12.66 1.40 -14.56
CA LEU F 198 -13.25 2.18 -13.46
C LEU F 198 -13.41 1.37 -12.18
N ILE F 199 -13.60 0.08 -12.33
CA ILE F 199 -13.70 -0.82 -11.16
C ILE F 199 -12.37 -1.08 -10.48
N LYS F 200 -11.26 -1.03 -11.22
CA LYS F 200 -9.95 -1.25 -10.63
C LYS F 200 -9.67 -0.28 -9.47
N HIS F 201 -9.64 1.01 -9.71
CA HIS F 201 -9.51 1.91 -8.52
C HIS F 201 -8.08 2.02 -8.14
N GLN G 16 41.90 -13.17 -16.22
CA GLN G 16 42.78 -12.47 -15.23
C GLN G 16 43.03 -11.03 -15.63
N ILE G 17 42.67 -10.09 -14.75
CA ILE G 17 43.02 -8.69 -14.98
C ILE G 17 44.13 -8.26 -14.04
N ASP G 18 44.77 -7.17 -14.41
CA ASP G 18 45.88 -6.67 -13.64
C ASP G 18 45.41 -5.78 -12.49
N LYS G 19 45.12 -6.41 -11.36
CA LYS G 19 44.55 -5.71 -10.21
C LYS G 19 45.49 -4.67 -9.64
N GLN G 20 46.77 -4.95 -9.66
CA GLN G 20 47.76 -4.05 -9.10
C GLN G 20 47.77 -2.75 -9.87
N LYS G 21 47.68 -2.86 -11.17
CA LYS G 21 47.61 -1.68 -12.04
C LYS G 21 46.41 -0.82 -11.68
N ILE G 22 45.26 -1.47 -11.50
CA ILE G 22 44.05 -0.77 -11.18
C ILE G 22 44.19 -0.10 -9.82
N ALA G 23 44.74 -0.85 -8.88
CA ALA G 23 44.96 -0.30 -7.55
C ALA G 23 45.86 0.93 -7.54
N ASP G 24 46.90 0.91 -8.34
CA ASP G 24 47.74 2.09 -8.47
C ASP G 24 46.94 3.28 -9.01
N ALA G 25 46.10 3.04 -10.00
CA ALA G 25 45.31 4.13 -10.58
C ALA G 25 44.32 4.67 -9.56
N VAL G 26 43.73 3.79 -8.76
CA VAL G 26 42.78 4.23 -7.75
C VAL G 26 43.47 5.10 -6.71
N LYS G 27 44.67 4.71 -6.33
CA LYS G 27 45.43 5.50 -5.38
C LYS G 27 45.71 6.89 -5.91
N VAL G 28 46.07 6.97 -7.19
CA VAL G 28 46.27 8.26 -7.83
C VAL G 28 44.99 9.09 -7.75
N ILE G 29 43.85 8.45 -8.01
CA ILE G 29 42.58 9.15 -7.97
C ILE G 29 42.28 9.71 -6.59
N LEU G 30 42.51 8.91 -5.57
CA LEU G 30 42.32 9.35 -4.20
C LEU G 30 43.23 10.53 -3.82
N GLU G 31 44.49 10.52 -4.24
CA GLU G 31 45.37 11.70 -3.97
C GLU G 31 44.85 12.90 -4.72
N ALA G 32 44.49 12.68 -5.98
CA ALA G 32 44.04 13.77 -6.82
C ALA G 32 42.77 14.46 -6.30
N VAL G 33 41.86 13.73 -5.66
CA VAL G 33 40.64 14.37 -5.13
C VAL G 33 40.86 15.06 -3.78
N GLY G 34 42.05 14.90 -3.19
CA GLY G 34 42.42 15.62 -1.97
C GLY G 34 42.26 14.78 -0.72
N GLU G 35 42.26 13.47 -0.91
CA GLU G 35 42.03 12.56 0.17
C GLU G 35 43.39 12.10 0.64
N ASN G 36 43.43 11.52 1.83
CA ASN G 36 44.66 10.95 2.35
C ASN G 36 44.65 9.44 2.17
N PRO G 37 45.35 8.95 1.16
CA PRO G 37 45.26 7.52 0.82
C PRO G 37 45.84 6.62 1.88
N ASP G 38 46.57 7.18 2.84
CA ASP G 38 47.18 6.38 3.88
C ASP G 38 46.30 6.25 5.12
N ARG G 39 45.19 6.96 5.18
CA ARG G 39 44.35 6.87 6.36
C ARG G 39 43.72 5.50 6.42
N GLU G 40 43.36 5.08 7.62
CA GLU G 40 42.98 3.69 7.85
C GLU G 40 41.85 3.21 6.94
N GLY G 41 40.86 4.05 6.72
CA GLY G 41 39.70 3.68 5.93
C GLY G 41 39.96 3.52 4.45
N LEU G 42 41.08 4.06 3.97
CA LEU G 42 41.40 3.99 2.54
C LEU G 42 42.57 3.09 2.16
N ILE G 43 43.36 2.64 3.13
CA ILE G 43 44.54 1.85 2.82
C ILE G 43 44.27 0.70 1.87
N ASP G 44 43.22 -0.06 2.14
CA ASP G 44 42.88 -1.20 1.32
C ASP G 44 41.91 -0.90 0.21
N THR G 45 41.53 0.36 0.05
CA THR G 45 40.49 0.70 -0.90
C THR G 45 40.93 0.43 -2.34
N PRO G 46 42.17 0.77 -2.68
CA PRO G 46 42.60 0.52 -4.05
C PRO G 46 42.45 -0.92 -4.49
N MET G 47 42.87 -1.86 -3.65
CA MET G 47 42.76 -3.27 -3.98
C MET G 47 41.29 -3.74 -3.92
N ARG G 48 40.50 -3.16 -3.01
CA ARG G 48 39.08 -3.50 -2.93
C ARG G 48 38.35 -3.08 -4.20
N VAL G 49 38.68 -1.89 -4.68
CA VAL G 49 38.09 -1.42 -5.92
C VAL G 49 38.54 -2.31 -7.08
N ALA G 50 39.81 -2.71 -7.09
CA ALA G 50 40.27 -3.62 -8.14
C ALA G 50 39.48 -4.94 -8.13
N ARG G 51 39.31 -5.52 -6.95
CA ARG G 51 38.59 -6.79 -6.85
C ARG G 51 37.12 -6.63 -7.22
N MET G 52 36.55 -5.50 -6.87
CA MET G 52 35.20 -5.22 -7.30
C MET G 52 35.08 -5.14 -8.81
N TYR G 53 35.98 -4.41 -9.46
CA TYR G 53 35.92 -4.31 -10.91
C TYR G 53 36.08 -5.67 -11.55
N GLU G 54 36.95 -6.49 -10.96
CA GLU G 54 37.13 -7.83 -11.50
C GLU G 54 35.80 -8.57 -11.51
N GLU G 55 35.01 -8.37 -10.47
CA GLU G 55 33.76 -9.06 -10.35
C GLU G 55 32.68 -8.46 -11.24
N VAL G 56 32.47 -7.14 -11.15
CA VAL G 56 31.36 -6.51 -11.88
C VAL G 56 31.61 -6.40 -13.38
N PHE G 57 32.86 -6.50 -13.80
CA PHE G 57 33.17 -6.49 -15.21
C PHE G 57 33.63 -7.83 -15.72
N ALA G 58 33.33 -8.90 -14.99
CA ALA G 58 33.71 -10.25 -15.43
C ALA G 58 33.12 -10.64 -16.81
N GLY G 59 31.98 -10.07 -17.17
CA GLY G 59 31.32 -10.36 -18.42
C GLY G 59 32.13 -10.03 -19.66
N LEU G 60 33.11 -9.13 -19.52
CA LEU G 60 34.01 -8.80 -20.60
C LEU G 60 34.82 -9.99 -21.06
N LYS G 61 34.94 -11.00 -20.20
CA LYS G 61 35.73 -12.19 -20.53
C LYS G 61 34.86 -13.40 -20.91
N LYS G 62 33.54 -13.22 -21.00
CA LYS G 62 32.67 -14.34 -21.21
C LYS G 62 31.72 -14.15 -22.37
N ASP G 63 31.37 -15.23 -23.03
CA ASP G 63 30.27 -15.23 -24.00
C ASP G 63 28.97 -15.55 -23.25
N PRO G 64 28.04 -14.56 -23.19
CA PRO G 64 26.80 -14.79 -22.44
C PRO G 64 25.83 -15.80 -23.10
N SER G 65 26.03 -16.06 -24.38
CA SER G 65 25.18 -17.01 -25.14
C SER G 65 25.38 -18.48 -24.79
N VAL G 66 26.48 -18.82 -24.12
CA VAL G 66 26.80 -20.21 -23.86
C VAL G 66 25.77 -20.87 -22.89
N HIS G 67 25.10 -20.07 -22.06
CA HIS G 67 24.17 -20.60 -21.06
C HIS G 67 22.91 -21.26 -21.68
N PHE G 68 22.52 -20.86 -22.88
CA PHE G 68 21.38 -21.46 -23.56
C PHE G 68 21.93 -22.36 -24.61
N ASP G 69 21.21 -23.40 -25.00
CA ASP G 69 19.86 -23.71 -24.61
C ASP G 69 19.89 -24.90 -23.65
N THR G 70 19.54 -24.70 -22.39
CA THR G 70 19.02 -25.81 -21.61
C THR G 70 17.61 -25.74 -22.16
N ILE G 71 17.34 -26.50 -23.24
CA ILE G 71 16.03 -26.55 -23.88
C ILE G 71 15.52 -27.94 -23.64
N PHE G 72 14.42 -28.08 -22.90
CA PHE G 72 13.62 -29.34 -22.89
C PHE G 72 12.52 -29.31 -23.95
N GLU G 73 12.13 -30.48 -24.42
CA GLU G 73 10.99 -30.61 -25.33
C GLU G 73 9.75 -30.86 -24.52
N GLU G 74 8.73 -30.03 -24.74
CA GLU G 74 7.39 -30.17 -24.13
C GLU G 74 6.09 -30.35 -24.97
N GLN G 75 6.08 -30.00 -26.24
CA GLN G 75 4.84 -29.82 -27.01
C GLN G 75 4.07 -28.55 -26.59
N HIS G 76 4.77 -27.47 -26.18
CA HIS G 76 4.20 -26.31 -25.47
C HIS G 76 4.46 -25.09 -26.33
N GLU G 77 3.41 -24.34 -26.63
CA GLU G 77 3.50 -23.27 -27.63
C GLU G 77 3.05 -21.90 -27.06
N GLU G 78 2.79 -21.82 -25.77
CA GLU G 78 2.22 -20.62 -25.21
C GLU G 78 3.21 -19.81 -24.41
N LEU G 79 2.79 -18.59 -24.17
CA LEU G 79 3.61 -17.60 -23.58
C LEU G 79 4.23 -17.97 -22.24
N VAL G 80 5.53 -17.66 -22.11
CA VAL G 80 6.25 -17.81 -20.87
C VAL G 80 6.87 -16.49 -20.53
N LEU G 81 6.65 -16.02 -19.30
CA LEU G 81 7.15 -14.73 -18.87
C LEU G 81 7.86 -14.92 -17.55
N VAL G 82 9.09 -14.45 -17.50
CA VAL G 82 9.82 -14.42 -16.25
C VAL G 82 10.01 -12.98 -15.90
N LYS G 83 9.44 -12.56 -14.78
CA LYS G 83 9.44 -11.16 -14.45
C LYS G 83 10.15 -10.86 -13.14
N ASP G 84 10.51 -9.61 -12.98
CA ASP G 84 11.19 -9.12 -11.80
C ASP G 84 12.49 -9.86 -11.56
N ILE G 85 13.27 -10.04 -12.62
CA ILE G 85 14.62 -10.54 -12.50
C ILE G 85 15.50 -9.35 -12.10
N ARG G 86 16.01 -9.36 -10.88
CA ARG G 86 16.92 -8.29 -10.46
C ARG G 86 18.17 -8.29 -11.29
N PHE G 87 18.65 -7.11 -11.65
CA PHE G 87 19.95 -6.98 -12.28
C PHE G 87 20.62 -5.70 -11.83
N SER G 88 21.92 -5.63 -12.05
CA SER G 88 22.65 -4.40 -11.87
C SER G 88 23.76 -4.36 -12.88
N SER G 89 24.24 -3.17 -13.17
CA SER G 89 25.28 -3.01 -14.14
C SER G 89 25.99 -1.69 -13.80
N MET G 90 26.95 -1.26 -14.61
CA MET G 90 27.61 0.01 -14.42
C MET G 90 27.40 0.82 -15.68
N CYS G 91 26.94 2.09 -15.58
CA CYS G 91 26.81 2.91 -16.81
C CYS G 91 28.20 3.06 -17.39
N GLU G 92 28.29 2.94 -18.70
CA GLU G 92 29.55 3.11 -19.35
C GLU G 92 29.99 4.58 -19.39
N HIS G 93 29.04 5.49 -19.23
CA HIS G 93 29.36 6.92 -19.24
C HIS G 93 30.06 7.41 -17.99
N HIS G 94 29.68 6.86 -16.84
CA HIS G 94 30.19 7.32 -15.55
C HIS G 94 30.72 6.24 -14.63
N LEU G 95 30.61 4.97 -15.05
CA LEU G 95 31.03 3.85 -14.22
C LEU G 95 30.40 3.85 -12.84
N VAL G 96 29.12 4.19 -12.81
CA VAL G 96 28.37 4.10 -11.59
C VAL G 96 27.16 3.19 -11.79
N PRO G 97 26.73 2.52 -10.72
CA PRO G 97 25.78 1.46 -10.91
C PRO G 97 24.44 1.99 -11.37
N PHE G 98 23.77 1.19 -12.17
CA PHE G 98 22.33 1.29 -12.32
C PHE G 98 21.76 -0.12 -12.11
N PHE G 99 20.53 -0.17 -11.63
CA PHE G 99 19.97 -1.42 -11.16
C PHE G 99 18.44 -1.39 -11.21
N GLY G 100 17.84 -2.56 -11.27
CA GLY G 100 16.41 -2.67 -11.29
C GLY G 100 15.98 -4.07 -11.66
N VAL G 101 14.99 -4.17 -12.55
CA VAL G 101 14.50 -5.49 -12.91
C VAL G 101 14.44 -5.64 -14.40
N ALA G 102 14.55 -6.88 -14.82
CA ALA G 102 14.27 -7.26 -16.21
C ALA G 102 13.08 -8.19 -16.26
N HIS G 103 12.33 -8.08 -17.32
CA HIS G 103 11.22 -8.96 -17.59
C HIS G 103 11.43 -9.57 -18.97
N VAL G 104 11.36 -10.89 -19.06
CA VAL G 104 11.61 -11.60 -20.30
C VAL G 104 10.48 -12.53 -20.64
N ALA G 105 9.93 -12.32 -21.81
CA ALA G 105 8.79 -13.09 -22.28
C ALA G 105 9.15 -13.73 -23.61
N TYR G 106 8.71 -14.95 -23.83
CA TYR G 106 8.85 -15.51 -25.16
C TYR G 106 7.73 -16.48 -25.51
N LEU G 107 7.61 -16.72 -26.82
CA LEU G 107 6.69 -17.71 -27.37
C LEU G 107 7.49 -18.89 -27.89
N PRO G 108 7.46 -20.00 -27.17
CA PRO G 108 8.29 -21.12 -27.56
C PRO G 108 7.89 -21.62 -28.92
N GLN G 109 8.85 -22.21 -29.62
CA GLN G 109 8.60 -22.81 -30.90
C GLN G 109 8.97 -24.25 -30.80
N ASN G 110 8.08 -25.13 -31.27
CA ASN G 110 8.33 -26.56 -31.34
C ASN G 110 8.64 -27.14 -29.96
N GLY G 111 8.01 -26.58 -28.93
CA GLY G 111 8.21 -27.01 -27.55
C GLY G 111 9.58 -26.78 -26.91
N ARG G 112 10.40 -25.94 -27.52
CA ARG G 112 11.72 -25.64 -26.96
C ARG G 112 11.52 -24.66 -25.83
N VAL G 113 11.72 -25.12 -24.59
CA VAL G 113 11.64 -24.22 -23.43
C VAL G 113 12.98 -24.00 -22.75
N ALA G 114 13.21 -22.75 -22.32
CA ALA G 114 14.45 -22.33 -21.70
C ALA G 114 14.39 -22.65 -20.23
N GLY G 115 15.49 -23.14 -19.65
CA GLY G 115 15.59 -23.20 -18.23
C GLY G 115 15.46 -21.77 -17.70
N LEU G 116 14.71 -21.60 -16.65
CA LEU G 116 14.51 -20.29 -16.06
C LEU G 116 15.80 -19.68 -15.52
N SER G 117 16.60 -20.49 -14.86
CA SER G 117 17.86 -19.98 -14.35
C SER G 117 18.83 -19.60 -15.51
N LYS G 118 18.71 -20.26 -16.65
CA LYS G 118 19.60 -19.94 -17.79
C LYS G 118 19.30 -18.55 -18.29
N LEU G 119 18.03 -18.21 -18.32
CA LEU G 119 17.61 -16.85 -18.64
C LEU G 119 18.25 -15.78 -17.76
N ALA G 120 18.14 -16.00 -16.47
CA ALA G 120 18.73 -15.12 -15.50
C ALA G 120 20.24 -14.98 -15.66
N ARG G 121 20.92 -16.10 -15.95
CA ARG G 121 22.37 -16.04 -16.15
C ARG G 121 22.75 -15.15 -17.35
N VAL G 122 21.93 -15.21 -18.39
CA VAL G 122 22.19 -14.41 -19.58
C VAL G 122 22.09 -12.93 -19.24
N VAL G 123 21.05 -12.57 -18.50
CA VAL G 123 20.90 -11.20 -18.08
C VAL G 123 22.10 -10.76 -17.25
N ASP G 124 22.50 -11.57 -16.29
CA ASP G 124 23.66 -11.24 -15.50
C ASP G 124 24.92 -11.04 -16.35
N ASP G 125 25.14 -11.96 -17.27
CA ASP G 125 26.41 -11.97 -17.97
C ASP G 125 26.49 -10.79 -18.89
N VAL G 126 25.38 -10.47 -19.52
CA VAL G 126 25.35 -9.32 -20.43
C VAL G 126 25.55 -8.05 -19.61
N SER G 127 25.02 -8.06 -18.38
CA SER G 127 25.10 -6.94 -17.47
C SER G 127 26.47 -6.67 -16.90
N ARG G 128 27.30 -7.70 -16.78
CA ARG G 128 28.56 -7.59 -16.02
C ARG G 128 29.70 -6.99 -16.87
N ARG G 129 29.47 -5.76 -17.31
CA ARG G 129 30.40 -5.01 -18.09
C ARG G 129 29.84 -3.62 -18.17
N PRO G 130 30.68 -2.64 -18.51
CA PRO G 130 30.13 -1.30 -18.68
C PRO G 130 29.06 -1.31 -19.75
N GLN G 131 27.91 -0.72 -19.46
CA GLN G 131 26.73 -0.87 -20.37
C GLN G 131 25.91 0.36 -20.55
N LEU G 132 25.08 0.28 -21.57
CA LEU G 132 23.87 1.06 -21.69
C LEU G 132 22.72 0.13 -21.45
N GLN G 133 21.69 0.61 -20.76
CA GLN G 133 20.53 -0.19 -20.51
C GLN G 133 19.92 -0.68 -21.83
N GLU G 134 19.92 0.18 -22.82
CA GLU G 134 19.37 -0.13 -24.14
C GLU G 134 20.07 -1.33 -24.71
N ARG G 135 21.39 -1.38 -24.57
CA ARG G 135 22.16 -2.44 -25.19
C ARG G 135 21.94 -3.74 -24.46
N ILE G 136 21.81 -3.68 -23.14
CA ILE G 136 21.53 -4.91 -22.38
C ILE G 136 20.20 -5.50 -22.87
N THR G 137 19.22 -4.62 -23.05
CA THR G 137 17.90 -5.02 -23.45
C THR G 137 17.91 -5.73 -24.81
N THR G 138 18.48 -5.09 -25.82
CA THR G 138 18.51 -5.70 -27.13
C THR G 138 19.39 -6.95 -27.17
N THR G 139 20.52 -6.94 -26.46
CA THR G 139 21.42 -8.08 -26.51
C THR G 139 20.76 -9.33 -25.95
N VAL G 140 20.07 -9.18 -24.83
CA VAL G 140 19.34 -10.28 -24.23
C VAL G 140 18.29 -10.80 -25.20
N ALA G 141 17.61 -9.88 -25.89
CA ALA G 141 16.60 -10.29 -26.87
C ALA G 141 17.21 -11.04 -28.02
N GLU G 142 18.35 -10.56 -28.52
CA GLU G 142 19.03 -11.18 -29.66
C GLU G 142 19.52 -12.58 -29.30
N ILE G 143 20.16 -12.70 -28.14
CA ILE G 143 20.68 -13.98 -27.71
C ILE G 143 19.53 -15.01 -27.64
N MET G 144 18.40 -14.60 -27.13
CA MET G 144 17.27 -15.50 -27.08
C MET G 144 16.74 -15.91 -28.43
N MET G 145 16.65 -14.98 -29.37
CA MET G 145 16.23 -15.36 -30.72
C MET G 145 17.22 -16.34 -31.31
N GLU G 146 18.52 -16.08 -31.11
CA GLU G 146 19.57 -16.94 -31.69
C GLU G 146 19.55 -18.34 -31.10
N LYS G 147 19.51 -18.42 -29.78
CA LYS G 147 19.73 -19.68 -29.09
C LYS G 147 18.45 -20.47 -28.81
N LEU G 148 17.31 -19.81 -28.66
CA LEU G 148 16.05 -20.52 -28.38
C LEU G 148 15.24 -20.71 -29.62
N LYS G 149 15.46 -19.84 -30.62
CA LYS G 149 14.67 -19.85 -31.83
C LYS G 149 13.16 -19.92 -31.54
N PRO G 150 12.68 -19.00 -30.72
CA PRO G 150 11.25 -18.99 -30.39
C PRO G 150 10.49 -18.26 -31.47
N LEU G 151 9.18 -18.28 -31.40
CA LEU G 151 8.37 -17.48 -32.30
C LEU G 151 8.59 -15.99 -32.06
N GLY G 152 8.94 -15.62 -30.84
CA GLY G 152 9.21 -14.22 -30.55
C GLY G 152 9.76 -14.05 -29.15
N VAL G 153 10.34 -12.89 -28.90
CA VAL G 153 10.75 -12.52 -27.53
C VAL G 153 10.39 -11.06 -27.26
N MET G 154 10.12 -10.77 -26.01
CA MET G 154 9.95 -9.40 -25.57
C MET G 154 10.74 -9.25 -24.32
N VAL G 155 11.60 -8.26 -24.30
CA VAL G 155 12.39 -7.94 -23.11
C VAL G 155 12.09 -6.52 -22.67
N ILE G 156 11.79 -6.37 -21.39
CA ILE G 156 11.65 -5.03 -20.79
C ILE G 156 12.55 -4.90 -19.59
N MET G 157 13.21 -3.76 -19.48
CA MET G 157 14.04 -3.48 -18.32
C MET G 157 13.65 -2.18 -17.72
N GLU G 158 13.71 -2.13 -16.40
CA GLU G 158 13.36 -0.97 -15.63
C GLU G 158 14.43 -0.73 -14.60
N ALA G 159 14.99 0.47 -14.57
CA ALA G 159 16.15 0.70 -13.70
C ALA G 159 16.31 2.12 -13.25
N GLU G 160 17.00 2.26 -12.14
CA GLU G 160 17.35 3.55 -11.62
C GLU G 160 18.84 3.73 -11.84
N HIS G 161 19.23 4.92 -12.31
CA HIS G 161 20.62 5.22 -12.59
C HIS G 161 21.19 6.16 -11.57
N MET G 162 22.26 5.73 -10.91
CA MET G 162 22.97 6.63 -9.99
C MET G 162 23.69 7.74 -10.78
N CYS G 163 24.13 7.45 -12.04
CA CYS G 163 24.59 8.45 -13.09
C CYS G 163 23.75 9.75 -12.73
N MET G 164 22.48 9.55 -12.36
CA MET G 164 21.50 10.63 -12.13
C MET G 164 21.10 11.06 -10.73
N THR G 165 21.24 10.16 -9.77
CA THR G 165 20.72 10.38 -8.42
C THR G 165 21.73 11.15 -7.57
N ILE G 166 23.02 10.92 -7.84
CA ILE G 166 24.10 11.42 -6.99
C ILE G 166 24.79 12.62 -7.58
N ARG G 167 24.52 12.91 -8.84
CA ARG G 167 25.22 14.00 -9.51
C ARG G 167 24.46 15.32 -9.47
N GLY G 168 25.02 16.32 -10.12
CA GLY G 168 24.49 17.70 -10.08
C GLY G 168 23.06 17.79 -10.49
N VAL G 169 22.72 17.04 -11.54
CA VAL G 169 21.34 16.93 -11.98
C VAL G 169 20.36 16.50 -10.84
N ASN G 170 20.79 15.55 -10.00
CA ASN G 170 20.09 15.13 -8.78
C ASN G 170 18.60 14.88 -8.91
N LYS G 171 18.25 13.79 -9.58
CA LYS G 171 16.86 13.41 -9.77
C LYS G 171 16.66 11.98 -9.26
N PRO G 172 16.53 11.85 -7.94
CA PRO G 172 16.29 10.52 -7.41
C PRO G 172 14.86 10.08 -7.76
N GLY G 173 14.67 8.78 -7.99
CA GLY G 173 13.34 8.23 -8.29
C GLY G 173 13.05 8.11 -9.76
N THR G 174 13.94 8.65 -10.59
CA THR G 174 13.82 8.55 -12.03
C THR G 174 14.11 7.14 -12.46
N LYS G 175 13.19 6.57 -13.23
CA LYS G 175 13.31 5.22 -13.73
C LYS G 175 13.46 5.27 -15.24
N THR G 176 14.38 4.48 -15.78
CA THR G 176 14.48 4.36 -17.21
C THR G 176 13.94 3.01 -17.59
N ILE G 177 13.12 3.01 -18.62
CA ILE G 177 12.50 1.76 -19.09
C ILE G 177 12.83 1.57 -20.56
N THR G 178 13.40 0.41 -20.85
CA THR G 178 13.75 0.05 -22.22
C THR G 178 13.00 -1.21 -22.63
N SER G 179 12.81 -1.39 -23.94
CA SER G 179 12.21 -2.62 -24.42
C SER G 179 12.76 -3.04 -25.77
N ALA G 180 12.67 -4.33 -26.03
CA ALA G 180 13.07 -4.89 -27.29
C ALA G 180 12.05 -5.96 -27.61
N VAL G 181 11.50 -5.90 -28.80
CA VAL G 181 10.61 -6.95 -29.28
C VAL G 181 11.16 -7.60 -30.55
N ARG G 182 11.05 -8.92 -30.64
CA ARG G 182 11.45 -9.64 -31.85
C ARG G 182 10.40 -10.64 -32.20
N GLY G 183 10.39 -11.00 -33.47
CA GLY G 183 9.52 -12.07 -33.95
C GLY G 183 8.07 -11.66 -33.84
N ALA G 184 7.26 -12.56 -33.31
CA ALA G 184 5.83 -12.32 -33.22
C ALA G 184 5.46 -11.10 -32.38
N PHE G 185 6.27 -10.77 -31.39
CA PHE G 185 5.95 -9.62 -30.53
C PHE G 185 6.06 -8.30 -31.28
N LYS G 186 6.84 -8.31 -32.33
CA LYS G 186 6.99 -7.13 -33.16
C LYS G 186 5.71 -6.78 -33.90
N ASN G 187 4.91 -7.77 -34.26
CA ASN G 187 3.76 -7.54 -35.11
C ASN G 187 2.43 -7.70 -34.41
N ASP G 188 2.44 -8.31 -33.24
CA ASP G 188 1.21 -8.61 -32.54
C ASP G 188 1.08 -7.73 -31.30
N ASP G 189 0.36 -6.63 -31.47
CA ASP G 189 0.15 -5.70 -30.38
C ASP G 189 -0.67 -6.31 -29.22
N LYS G 190 -1.58 -7.22 -29.53
CA LYS G 190 -2.39 -7.86 -28.48
C LYS G 190 -1.49 -8.65 -27.53
N LEU G 191 -0.53 -9.34 -28.12
CA LEU G 191 0.43 -10.08 -27.36
C LEU G 191 1.33 -9.19 -26.49
N ARG G 192 1.85 -8.12 -27.07
CA ARG G 192 2.62 -7.18 -26.28
C ARG G 192 1.81 -6.68 -25.09
N SER G 193 0.56 -6.40 -25.38
CA SER G 193 -0.34 -5.84 -24.41
C SER G 193 -0.57 -6.79 -23.23
N GLU G 194 -0.67 -8.08 -23.54
CA GLU G 194 -0.91 -9.07 -22.52
C GLU G 194 0.33 -9.19 -21.62
N VAL G 195 1.50 -9.15 -22.23
CA VAL G 195 2.71 -9.15 -21.46
C VAL G 195 2.77 -7.96 -20.50
N LEU G 196 2.46 -6.79 -21.01
CA LEU G 196 2.44 -5.62 -20.16
C LEU G 196 1.45 -5.75 -19.01
N ALA G 197 0.28 -6.33 -19.26
CA ALA G 197 -0.68 -6.49 -18.17
C ALA G 197 -0.08 -7.42 -17.11
N LEU G 198 0.52 -8.52 -17.54
CA LEU G 198 1.05 -9.50 -16.60
C LEU G 198 2.24 -8.97 -15.79
N ILE G 199 2.96 -8.03 -16.36
CA ILE G 199 4.06 -7.40 -15.68
C ILE G 199 3.63 -6.40 -14.64
N LYS G 200 2.48 -5.77 -14.84
CA LYS G 200 1.89 -4.93 -13.83
C LYS G 200 1.47 -6.05 -12.86
N HIS G 201 1.06 -5.70 -11.64
CA HIS G 201 0.58 -6.63 -10.59
C HIS G 201 1.38 -6.27 -9.36
N GLN H 16 -8.45 46.30 4.50
CA GLN H 16 -8.24 46.73 3.09
C GLN H 16 -6.77 46.74 2.73
N ILE H 17 -6.41 45.99 1.70
CA ILE H 17 -5.04 46.00 1.21
C ILE H 17 -4.95 46.89 -0.03
N ASP H 18 -3.84 47.58 -0.23
CA ASP H 18 -3.66 48.37 -1.44
C ASP H 18 -3.15 47.48 -2.58
N LYS H 19 -4.09 46.86 -3.28
CA LYS H 19 -3.76 45.91 -4.33
C LYS H 19 -3.01 46.53 -5.48
N GLN H 20 -3.34 47.77 -5.81
CA GLN H 20 -2.72 48.43 -6.94
C GLN H 20 -1.24 48.62 -6.69
N LYS H 21 -0.90 49.01 -5.47
CA LYS H 21 0.49 49.21 -5.08
C LYS H 21 1.27 47.89 -5.22
N ILE H 22 0.65 46.79 -4.78
CA ILE H 22 1.28 45.49 -4.90
C ILE H 22 1.46 45.13 -6.36
N ALA H 23 0.42 45.34 -7.16
CA ALA H 23 0.48 45.02 -8.56
C ALA H 23 1.60 45.77 -9.25
N ASP H 24 1.79 47.04 -8.90
CA ASP H 24 2.90 47.83 -9.48
C ASP H 24 4.25 47.24 -9.12
N ALA H 25 4.39 46.82 -7.87
CA ALA H 25 5.62 46.17 -7.44
C ALA H 25 5.87 44.83 -8.14
N VAL H 26 4.81 44.05 -8.36
CA VAL H 26 4.95 42.79 -9.08
C VAL H 26 5.40 43.02 -10.51
N LYS H 27 4.83 44.05 -11.15
CA LYS H 27 5.23 44.37 -12.53
C LYS H 27 6.71 44.73 -12.60
N VAL H 28 7.18 45.50 -11.63
CA VAL H 28 8.60 45.83 -11.54
C VAL H 28 9.44 44.56 -11.42
N ILE H 29 8.97 43.64 -10.59
CA ILE H 29 9.69 42.39 -10.40
C ILE H 29 9.80 41.63 -11.71
N LEU H 30 8.70 41.54 -12.44
CA LEU H 30 8.68 40.79 -13.70
C LEU H 30 9.62 41.40 -14.72
N GLU H 31 9.66 42.73 -14.80
CA GLU H 31 10.63 43.32 -15.71
C GLU H 31 12.06 43.00 -15.21
N ALA H 32 12.29 43.13 -13.91
CA ALA H 32 13.63 42.96 -13.34
C ALA H 32 14.18 41.57 -13.53
N VAL H 33 13.33 40.56 -13.57
CA VAL H 33 13.84 39.19 -13.79
C VAL H 33 14.06 38.86 -15.27
N GLY H 34 13.66 39.75 -16.15
CA GLY H 34 13.91 39.56 -17.57
C GLY H 34 12.73 39.00 -18.32
N GLU H 35 11.54 39.19 -17.78
CA GLU H 35 10.34 38.70 -18.39
C GLU H 35 9.68 39.85 -19.17
N ASN H 36 8.75 39.53 -20.05
CA ASN H 36 8.00 40.54 -20.76
C ASN H 36 6.61 40.72 -20.16
N PRO H 37 6.44 41.78 -19.36
CA PRO H 37 5.20 41.90 -18.57
C PRO H 37 3.97 42.13 -19.43
N ASP H 38 4.18 42.45 -20.70
CA ASP H 38 3.07 42.71 -21.60
C ASP H 38 2.61 41.49 -22.38
N ARG H 39 3.32 40.37 -22.27
CA ARG H 39 2.88 39.15 -22.94
C ARG H 39 1.58 38.64 -22.30
N GLU H 40 0.82 37.89 -23.10
CA GLU H 40 -0.54 37.58 -22.74
C GLU H 40 -0.67 36.89 -21.40
N GLY H 41 0.23 35.98 -21.12
CA GLY H 41 0.17 35.20 -19.89
C GLY H 41 0.45 35.99 -18.65
N LEU H 42 1.07 37.17 -18.79
CA LEU H 42 1.48 37.95 -17.63
C LEU H 42 0.69 39.21 -17.40
N ILE H 43 -0.12 39.60 -18.38
CA ILE H 43 -0.81 40.87 -18.28
C ILE H 43 -1.59 41.03 -16.97
N ASP H 44 -2.33 39.99 -16.59
CA ASP H 44 -3.12 40.02 -15.37
C ASP H 44 -2.40 39.50 -14.13
N THR H 45 -1.14 39.16 -14.26
CA THR H 45 -0.44 38.48 -13.18
C THR H 45 -0.24 39.42 -11.97
N PRO H 46 0.15 40.67 -12.21
CA PRO H 46 0.29 41.59 -11.09
C PRO H 46 -0.94 41.67 -10.19
N MET H 47 -2.12 41.81 -10.78
CA MET H 47 -3.35 41.88 -9.98
C MET H 47 -3.70 40.52 -9.36
N ARG H 48 -3.43 39.44 -10.08
CA ARG H 48 -3.69 38.11 -9.54
C ARG H 48 -2.84 37.86 -8.32
N VAL H 49 -1.57 38.25 -8.38
CA VAL H 49 -0.69 38.11 -7.22
C VAL H 49 -1.16 39.00 -6.07
N ALA H 50 -1.61 40.21 -6.38
CA ALA H 50 -2.16 41.06 -5.33
C ALA H 50 -3.36 40.41 -4.65
N ARG H 51 -4.29 39.87 -5.44
CA ARG H 51 -5.49 39.24 -4.88
C ARG H 51 -5.13 37.98 -4.08
N MET H 52 -4.14 37.25 -4.57
CA MET H 52 -3.65 36.13 -3.83
C MET H 52 -3.07 36.54 -2.47
N TYR H 53 -2.22 37.57 -2.44
CA TYR H 53 -1.67 38.02 -1.17
C TYR H 53 -2.76 38.49 -0.21
N GLU H 54 -3.77 39.14 -0.75
CA GLU H 54 -4.87 39.57 0.07
C GLU H 54 -5.50 38.38 0.77
N GLU H 55 -5.61 37.27 0.05
CA GLU H 55 -6.25 36.11 0.60
C GLU H 55 -5.33 35.36 1.56
N VAL H 56 -4.11 35.05 1.13
CA VAL H 56 -3.21 34.22 1.94
C VAL H 56 -2.59 34.97 3.13
N PHE H 57 -2.64 36.29 3.12
CA PHE H 57 -2.20 37.04 4.29
C PHE H 57 -3.33 37.69 5.05
N ALA H 58 -4.55 37.25 4.82
CA ALA H 58 -5.72 37.85 5.49
C ALA H 58 -5.65 37.78 7.02
N GLY H 59 -4.94 36.79 7.54
CA GLY H 59 -4.77 36.60 8.97
C GLY H 59 -4.07 37.73 9.69
N LEU H 60 -3.31 38.53 8.95
CA LEU H 60 -2.69 39.74 9.51
C LEU H 60 -3.72 40.71 10.04
N LYS H 61 -4.95 40.61 9.56
CA LYS H 61 -6.01 41.55 9.94
C LYS H 61 -7.00 40.95 10.92
N LYS H 62 -6.76 39.73 11.38
CA LYS H 62 -7.71 39.00 12.17
C LYS H 62 -7.12 38.44 13.48
N ASP H 63 -7.93 38.41 14.52
CA ASP H 63 -7.55 37.71 15.74
C ASP H 63 -7.99 36.27 15.56
N PRO H 64 -7.05 35.34 15.67
CA PRO H 64 -7.47 33.94 15.45
C PRO H 64 -8.20 33.33 16.63
N SER H 65 -8.10 33.95 17.79
CA SER H 65 -8.76 33.39 18.95
C SER H 65 -10.25 33.75 19.02
N VAL H 66 -10.67 34.77 18.26
CA VAL H 66 -11.95 35.40 18.57
C VAL H 66 -13.22 34.57 18.24
N HIS H 67 -13.11 33.72 17.24
CA HIS H 67 -14.17 32.84 16.77
C HIS H 67 -14.10 31.52 17.44
N PHE H 68 -13.18 31.30 18.36
CA PHE H 68 -13.10 30.02 18.94
C PHE H 68 -14.13 29.90 20.05
N ASP H 69 -15.15 29.08 19.83
CA ASP H 69 -16.28 28.97 20.67
C ASP H 69 -15.98 27.59 21.18
N THR H 70 -16.37 27.24 22.38
CA THR H 70 -16.36 25.85 22.82
C THR H 70 -17.76 25.24 22.84
N ILE H 71 -17.81 23.92 22.83
CA ILE H 71 -19.01 23.14 23.02
C ILE H 71 -18.91 22.55 24.40
N PHE H 72 -20.05 22.46 25.06
CA PHE H 72 -20.14 21.95 26.38
C PHE H 72 -20.80 20.56 26.47
N GLU H 73 -20.02 19.56 26.86
CA GLU H 73 -20.52 18.24 27.21
C GLU H 73 -20.27 17.92 28.65
N GLU H 74 -21.31 17.83 29.42
CA GLU H 74 -21.08 17.89 30.82
C GLU H 74 -20.16 16.78 31.28
N GLN H 75 -19.14 17.13 32.08
CA GLN H 75 -18.26 16.16 32.67
C GLN H 75 -17.28 15.47 31.75
N HIS H 76 -17.19 15.79 30.45
CA HIS H 76 -16.36 14.96 29.55
C HIS H 76 -14.90 15.31 29.79
N GLU H 77 -14.07 14.31 30.11
CA GLU H 77 -12.66 14.56 30.50
C GLU H 77 -11.63 13.76 29.75
N GLU H 78 -12.02 13.10 28.68
CA GLU H 78 -11.09 12.20 28.03
C GLU H 78 -10.53 12.74 26.74
N LEU H 79 -9.43 12.11 26.30
CA LEU H 79 -8.71 12.54 25.14
C LEU H 79 -9.54 12.70 23.87
N VAL H 80 -9.34 13.84 23.23
CA VAL H 80 -9.88 14.11 21.91
C VAL H 80 -8.73 14.47 20.99
N LEU H 81 -8.69 13.85 19.82
CA LEU H 81 -7.65 14.14 18.84
C LEU H 81 -8.31 14.42 17.50
N VAL H 82 -7.96 15.54 16.91
CA VAL H 82 -8.38 15.84 15.56
C VAL H 82 -7.15 15.81 14.71
N LYS H 83 -7.10 14.89 13.77
CA LYS H 83 -5.88 14.71 13.00
C LYS H 83 -6.08 14.97 11.55
N ASP H 84 -4.99 15.23 10.86
CA ASP H 84 -4.95 15.43 9.41
C ASP H 84 -5.80 16.60 9.01
N ILE H 85 -5.61 17.70 9.73
CA ILE H 85 -6.21 18.98 9.35
C ILE H 85 -5.27 19.66 8.35
N ARG H 86 -5.69 19.77 7.10
CA ARG H 86 -4.88 20.34 6.07
C ARG H 86 -4.65 21.81 6.41
N PHE H 87 -3.43 22.28 6.19
CA PHE H 87 -3.14 23.71 6.28
C PHE H 87 -2.10 24.10 5.26
N SER H 88 -2.04 25.38 4.97
CA SER H 88 -0.97 25.94 4.17
C SER H 88 -0.63 27.31 4.67
N SER H 89 0.57 27.75 4.37
CA SER H 89 1.02 29.05 4.86
C SER H 89 2.13 29.49 3.92
N MET H 90 2.78 30.61 4.20
CA MET H 90 3.90 31.08 3.37
C MET H 90 5.08 31.28 4.26
N CYS H 91 6.26 30.72 3.92
CA CYS H 91 7.44 30.92 4.80
C CYS H 91 7.72 32.41 4.79
N GLU H 92 7.97 32.96 5.97
CA GLU H 92 8.33 34.36 6.06
C GLU H 92 9.73 34.66 5.52
N HIS H 93 10.57 33.65 5.43
CA HIS H 93 11.91 33.84 4.85
C HIS H 93 11.92 34.04 3.33
N HIS H 94 11.07 33.33 2.61
CA HIS H 94 11.05 33.34 1.15
C HIS H 94 9.71 33.64 0.50
N LEU H 95 8.65 33.74 1.30
CA LEU H 95 7.30 33.95 0.80
C LEU H 95 6.88 32.91 -0.19
N VAL H 96 7.24 31.66 0.10
CA VAL H 96 6.78 30.55 -0.71
C VAL H 96 6.05 29.54 0.16
N PRO H 97 5.05 28.88 -0.41
CA PRO H 97 4.15 28.11 0.41
C PRO H 97 4.83 26.97 1.07
N PHE H 98 4.37 26.65 2.26
CA PHE H 98 4.55 25.33 2.82
C PHE H 98 3.17 24.83 3.24
N PHE H 99 3.00 23.53 3.25
CA PHE H 99 1.68 22.93 3.43
C PHE H 99 1.79 21.51 3.97
N GLY H 100 0.75 21.07 4.64
CA GLY H 100 0.72 19.72 5.16
C GLY H 100 -0.45 19.56 6.11
N VAL H 101 -0.22 18.95 7.26
CA VAL H 101 -1.31 18.67 8.17
C VAL H 101 -0.96 19.09 9.54
N ALA H 102 -2.00 19.41 10.30
CA ALA H 102 -1.89 19.64 11.74
C ALA H 102 -2.73 18.63 12.49
N HIS H 103 -2.21 18.20 13.63
CA HIS H 103 -2.90 17.29 14.49
C HIS H 103 -3.01 17.98 15.80
N VAL H 104 -4.22 18.00 16.35
CA VAL H 104 -4.44 18.66 17.63
C VAL H 104 -5.15 17.74 18.61
N ALA H 105 -4.50 17.54 19.76
CA ALA H 105 -5.01 16.67 20.79
C ALA H 105 -5.16 17.43 22.09
N TYR H 106 -6.23 17.15 22.83
CA TYR H 106 -6.34 17.81 24.10
C TYR H 106 -7.14 16.97 25.09
N LEU H 107 -6.96 17.30 26.36
CA LEU H 107 -7.69 16.71 27.46
C LEU H 107 -8.64 17.72 28.01
N PRO H 108 -9.93 17.61 27.64
CA PRO H 108 -10.85 18.57 28.10
C PRO H 108 -10.87 18.64 29.60
N GLN H 109 -11.27 19.80 30.12
CA GLN H 109 -11.51 19.97 31.52
C GLN H 109 -12.95 20.38 31.70
N ASN H 110 -13.64 19.66 32.58
CA ASN H 110 -15.00 20.03 33.02
C ASN H 110 -15.96 20.13 31.88
N GLY H 111 -15.72 19.29 30.88
CA GLY H 111 -16.55 19.20 29.70
C GLY H 111 -16.46 20.27 28.63
N ARG H 112 -15.43 21.13 28.73
CA ARG H 112 -15.25 22.11 27.68
C ARG H 112 -14.63 21.52 26.44
N VAL H 113 -15.40 21.41 25.37
CA VAL H 113 -14.91 20.79 24.13
C VAL H 113 -14.94 21.77 22.95
N ALA H 114 -14.01 21.62 22.04
CA ALA H 114 -13.87 22.50 20.87
C ALA H 114 -14.65 22.03 19.66
N GLY H 115 -15.41 22.92 19.03
CA GLY H 115 -16.07 22.58 17.77
C GLY H 115 -15.00 22.32 16.75
N LEU H 116 -15.19 21.30 15.93
CA LEU H 116 -14.19 20.86 15.00
C LEU H 116 -13.89 21.96 14.02
N SER H 117 -14.93 22.58 13.48
CA SER H 117 -14.71 23.62 12.49
C SER H 117 -14.05 24.85 13.12
N LYS H 118 -14.27 25.09 14.40
CA LYS H 118 -13.61 26.17 15.09
C LYS H 118 -12.11 25.90 15.20
N LEU H 119 -11.76 24.67 15.51
CA LEU H 119 -10.38 24.29 15.56
C LEU H 119 -9.68 24.57 14.24
N ALA H 120 -10.33 24.16 13.16
CA ALA H 120 -9.75 24.27 11.84
C ALA H 120 -9.57 25.70 11.46
N ARG H 121 -10.51 26.51 11.86
CA ARG H 121 -10.41 27.91 11.60
C ARG H 121 -9.26 28.62 12.31
N VAL H 122 -8.97 28.18 13.52
CA VAL H 122 -7.87 28.73 14.25
C VAL H 122 -6.60 28.39 13.52
N VAL H 123 -6.49 27.15 13.09
CA VAL H 123 -5.30 26.75 12.34
C VAL H 123 -5.17 27.61 11.08
N ASP H 124 -6.25 27.74 10.33
CA ASP H 124 -6.22 28.56 9.13
C ASP H 124 -5.85 30.00 9.40
N ASP H 125 -6.48 30.61 10.41
CA ASP H 125 -6.25 32.01 10.68
C ASP H 125 -4.83 32.30 11.15
N VAL H 126 -4.27 31.42 11.97
CA VAL H 126 -2.89 31.57 12.42
C VAL H 126 -1.96 31.43 11.22
N SER H 127 -2.33 30.54 10.32
CA SER H 127 -1.55 30.23 9.13
C SER H 127 -1.54 31.32 8.08
N ARG H 128 -2.60 32.11 8.00
CA ARG H 128 -2.80 33.04 6.88
C ARG H 128 -2.01 34.31 7.12
N ARG H 129 -0.70 34.16 7.19
CA ARG H 129 0.23 35.27 7.32
C ARG H 129 1.61 34.70 7.15
N PRO H 130 2.61 35.53 6.87
CA PRO H 130 3.97 34.99 6.72
C PRO H 130 4.39 34.33 8.04
N GLN H 131 4.86 33.10 7.97
CA GLN H 131 5.02 32.31 9.18
C GLN H 131 6.30 31.51 9.24
N LEU H 132 6.57 31.04 10.45
CA LEU H 132 7.37 29.88 10.69
C LEU H 132 6.43 28.78 11.13
N GLN H 133 6.70 27.55 10.71
CA GLN H 133 5.94 26.40 11.17
C GLN H 133 5.94 26.29 12.69
N GLU H 134 7.07 26.55 13.30
CA GLU H 134 7.17 26.49 14.73
C GLU H 134 6.23 27.44 15.39
N ARG H 135 6.14 28.64 14.88
CA ARG H 135 5.28 29.64 15.52
C ARG H 135 3.81 29.29 15.34
N ILE H 136 3.45 28.71 14.20
CA ILE H 136 2.06 28.29 14.03
C ILE H 136 1.75 27.25 15.08
N THR H 137 2.70 26.34 15.29
CA THR H 137 2.49 25.22 16.19
C THR H 137 2.25 25.71 17.61
N THR H 138 3.14 26.55 18.13
CA THR H 138 2.96 27.02 19.48
C THR H 138 1.77 27.93 19.62
N THR H 139 1.52 28.77 18.64
CA THR H 139 0.41 29.70 18.74
C THR H 139 -0.95 28.93 18.86
N VAL H 140 -1.10 27.89 18.06
CA VAL H 140 -2.32 27.10 18.09
C VAL H 140 -2.45 26.44 19.46
N ALA H 141 -1.34 25.97 19.98
CA ALA H 141 -1.35 25.38 21.32
C ALA H 141 -1.75 26.39 22.38
N GLU H 142 -1.22 27.59 22.29
CA GLU H 142 -1.48 28.63 23.31
C GLU H 142 -2.97 28.97 23.25
N ILE H 143 -3.45 29.22 22.05
CA ILE H 143 -4.83 29.66 21.86
C ILE H 143 -5.77 28.62 22.48
N MET H 144 -5.44 27.36 22.32
CA MET H 144 -6.22 26.31 22.95
C MET H 144 -6.15 26.21 24.45
N MET H 145 -4.97 26.40 25.02
CA MET H 145 -4.91 26.55 26.46
C MET H 145 -5.79 27.73 26.90
N GLU H 146 -5.72 28.85 26.19
CA GLU H 146 -6.41 30.06 26.65
C GLU H 146 -7.93 29.86 26.58
N LYS H 147 -8.39 29.35 25.47
CA LYS H 147 -9.80 29.42 25.10
C LYS H 147 -10.58 28.22 25.48
N LEU H 148 -9.88 27.11 25.66
CA LEU H 148 -10.52 25.90 26.15
C LEU H 148 -10.24 25.57 27.59
N LYS H 149 -9.14 26.10 28.13
CA LYS H 149 -8.68 25.76 29.48
C LYS H 149 -8.73 24.26 29.74
N PRO H 150 -8.10 23.47 28.89
CA PRO H 150 -8.11 22.03 29.07
C PRO H 150 -7.05 21.62 30.06
N LEU H 151 -7.03 20.36 30.41
CA LEU H 151 -5.93 19.82 31.23
C LEU H 151 -4.61 19.84 30.45
N GLY H 152 -4.67 19.79 29.12
CA GLY H 152 -3.45 19.87 28.34
C GLY H 152 -3.74 19.82 26.88
N VAL H 153 -2.74 20.19 26.10
CA VAL H 153 -2.87 20.19 24.67
C VAL H 153 -1.57 19.69 24.05
N MET H 154 -1.69 19.03 22.91
CA MET H 154 -0.55 18.65 22.11
C MET H 154 -0.87 18.98 20.67
N VAL H 155 0.01 19.72 20.04
CA VAL H 155 -0.12 20.07 18.65
C VAL H 155 1.09 19.60 17.88
N ILE H 156 0.84 18.90 16.79
CA ILE H 156 1.89 18.44 15.90
C ILE H 156 1.57 18.91 14.50
N MET H 157 2.58 19.45 13.81
CA MET H 157 2.39 19.83 12.42
C MET H 157 3.45 19.19 11.58
N GLU H 158 3.03 18.79 10.39
CA GLU H 158 3.89 18.10 9.44
C GLU H 158 3.71 18.79 8.11
N ALA H 159 4.80 19.24 7.50
CA ALA H 159 4.65 20.00 6.27
C ALA H 159 5.83 19.85 5.35
N GLU H 160 5.57 20.14 4.09
CA GLU H 160 6.61 20.23 3.10
C GLU H 160 6.80 21.70 2.77
N HIS H 161 8.06 22.10 2.67
CA HIS H 161 8.41 23.47 2.35
C HIS H 161 8.92 23.57 0.93
N MET H 162 8.27 24.41 0.13
CA MET H 162 8.79 24.73 -1.20
C MET H 162 10.08 25.60 -1.08
N CYS H 163 10.22 26.45 -0.01
CA CYS H 163 11.51 27.14 0.46
C CYS H 163 12.64 26.13 -0.01
N MET H 164 12.39 24.82 0.16
CA MET H 164 13.36 23.72 -0.07
C MET H 164 13.25 22.80 -1.29
N THR H 165 12.10 22.72 -1.92
CA THR H 165 11.88 21.81 -3.05
C THR H 165 12.28 22.45 -4.39
N ILE H 166 12.10 23.76 -4.51
CA ILE H 166 12.24 24.45 -5.80
C ILE H 166 13.56 25.18 -5.91
N ARG H 167 14.28 25.29 -4.80
CA ARG H 167 15.49 26.11 -4.80
C ARG H 167 16.73 25.26 -5.02
N GLY H 168 17.89 25.91 -4.97
CA GLY H 168 19.18 25.26 -5.29
C GLY H 168 19.43 24.02 -4.47
N VAL H 169 19.10 24.12 -3.19
CA VAL H 169 19.21 22.99 -2.30
C VAL H 169 18.47 21.76 -2.86
N ASN H 170 17.30 21.97 -3.47
CA ASN H 170 16.51 20.94 -4.18
C ASN H 170 16.36 19.60 -3.43
N LYS H 171 15.57 19.58 -2.36
CA LYS H 171 15.30 18.35 -1.60
C LYS H 171 13.79 18.10 -1.50
N PRO H 172 13.21 17.57 -2.58
CA PRO H 172 11.79 17.29 -2.55
C PRO H 172 11.52 16.09 -1.66
N GLY H 173 10.38 16.09 -0.96
CA GLY H 173 10.02 15.00 -0.08
C GLY H 173 10.40 15.21 1.37
N THR H 174 11.18 16.26 1.63
CA THR H 174 11.57 16.59 2.99
C THR H 174 10.36 17.12 3.73
N LYS H 175 10.12 16.57 4.90
CA LYS H 175 9.02 16.97 5.76
C LYS H 175 9.57 17.58 7.02
N THR H 176 8.99 18.68 7.45
CA THR H 176 9.34 19.26 8.73
C THR H 176 8.24 18.98 9.70
N ILE H 177 8.62 18.56 10.89
CA ILE H 177 7.66 18.21 11.92
C ILE H 177 7.94 19.01 13.17
N THR H 178 6.91 19.71 13.64
CA THR H 178 7.02 20.53 14.83
C THR H 178 6.02 20.03 15.85
N SER H 179 6.30 20.28 17.12
CA SER H 179 5.33 19.97 18.16
C SER H 179 5.35 20.96 19.31
N ALA H 180 4.21 21.05 19.99
CA ALA H 180 4.06 21.90 21.15
C ALA H 180 3.21 21.12 22.12
N VAL H 181 3.68 21.01 23.36
CA VAL H 181 2.92 20.39 24.40
C VAL H 181 2.69 21.35 25.54
N ARG H 182 1.48 21.34 26.10
CA ARG H 182 1.16 22.16 27.26
C ARG H 182 0.35 21.36 28.25
N GLY H 183 0.44 21.78 29.51
CA GLY H 183 -0.32 21.16 30.57
C GLY H 183 0.11 19.73 30.81
N ALA H 184 -0.87 18.85 30.91
CA ALA H 184 -0.61 17.47 31.21
C ALA H 184 0.29 16.79 30.19
N PHE H 185 0.26 17.21 28.93
CA PHE H 185 1.04 16.54 27.90
C PHE H 185 2.53 16.82 28.10
N LYS H 186 2.82 17.91 28.79
CA LYS H 186 4.20 18.25 29.09
C LYS H 186 4.85 17.28 30.07
N ASN H 187 4.10 16.71 31.00
CA ASN H 187 4.72 15.88 32.08
C ASN H 187 4.33 14.39 31.92
N ASP H 188 3.36 14.06 31.05
CA ASP H 188 2.91 12.70 30.90
C ASP H 188 3.34 12.08 29.56
N ASP H 189 4.47 11.40 29.58
CA ASP H 189 5.00 10.80 28.37
C ASP H 189 4.09 9.70 27.81
N LYS H 190 3.38 8.98 28.67
CA LYS H 190 2.48 7.92 28.20
C LYS H 190 1.39 8.51 27.31
N LEU H 191 0.86 9.63 27.76
CA LEU H 191 -0.15 10.33 27.02
C LEU H 191 0.36 10.84 25.68
N ARG H 192 1.55 11.44 25.68
CA ARG H 192 2.14 11.86 24.41
C ARG H 192 2.24 10.67 23.47
N SER H 193 2.67 9.57 24.04
CA SER H 193 2.92 8.37 23.28
C SER H 193 1.64 7.84 22.63
N GLU H 194 0.54 7.93 23.36
CA GLU H 194 -0.73 7.42 22.87
C GLU H 194 -1.24 8.28 21.72
N VAL H 195 -1.04 9.57 21.86
CA VAL H 195 -1.34 10.46 20.76
C VAL H 195 -0.55 10.11 19.51
N LEU H 196 0.74 9.90 19.68
CA LEU H 196 1.55 9.59 18.55
C LEU H 196 1.06 8.29 17.90
N ALA H 197 0.67 7.30 18.69
CA ALA H 197 0.24 6.05 18.10
C ALA H 197 -1.03 6.27 17.27
N LEU H 198 -1.95 7.05 17.81
CA LEU H 198 -3.21 7.34 17.12
C LEU H 198 -3.03 8.17 15.85
N ILE H 199 -2.00 8.98 15.81
CA ILE H 199 -1.71 9.76 14.61
C ILE H 199 -1.13 8.92 13.49
N LYS H 200 -0.39 7.86 13.80
CA LYS H 200 0.21 7.02 12.74
C LYS H 200 -0.80 6.47 11.73
N HIS H 201 -1.67 5.60 12.18
CA HIS H 201 -2.67 4.92 11.32
C HIS H 201 -2.79 5.36 9.84
N GLN I 16 -28.97 36.46 -0.25
CA GLN I 16 -29.51 36.46 1.15
C GLN I 16 -30.59 35.40 1.31
N ILE I 17 -30.40 34.49 2.25
CA ILE I 17 -31.39 33.47 2.57
C ILE I 17 -32.13 33.85 3.84
N ASP I 18 -33.40 33.47 4.00
CA ASP I 18 -34.11 33.73 5.25
C ASP I 18 -33.75 32.65 6.29
N LYS I 19 -32.65 32.89 7.00
CA LYS I 19 -32.13 31.92 7.96
C LYS I 19 -33.06 31.69 9.12
N GLN I 20 -33.75 32.72 9.55
CA GLN I 20 -34.65 32.60 10.69
C GLN I 20 -35.79 31.63 10.36
N LYS I 21 -36.31 31.73 9.14
CA LYS I 21 -37.38 30.85 8.70
C LYS I 21 -36.90 29.40 8.72
N ILE I 22 -35.68 29.18 8.24
CA ILE I 22 -35.12 27.85 8.24
C ILE I 22 -34.93 27.34 9.67
N ALA I 23 -34.39 28.19 10.53
CA ALA I 23 -34.17 27.82 11.91
C ALA I 23 -35.47 27.42 12.60
N ASP I 24 -36.56 28.14 12.32
CA ASP I 24 -37.87 27.79 12.90
C ASP I 24 -38.32 26.41 12.43
N ALA I 25 -38.12 26.11 11.15
CA ALA I 25 -38.48 24.82 10.61
C ALA I 25 -37.63 23.70 11.22
N VAL I 26 -36.34 23.96 11.42
CA VAL I 26 -35.47 22.96 12.03
C VAL I 26 -35.91 22.68 13.44
N LYS I 27 -36.29 23.70 14.18
CA LYS I 27 -36.76 23.51 15.55
C LYS I 27 -38.01 22.63 15.60
N VAL I 28 -38.92 22.89 14.68
CA VAL I 28 -40.10 22.05 14.55
C VAL I 28 -39.71 20.59 14.28
N ILE I 29 -38.74 20.39 13.39
CA ILE I 29 -38.27 19.04 13.07
C ILE I 29 -37.72 18.33 14.31
N LEU I 30 -36.90 19.04 15.08
CA LEU I 30 -36.36 18.47 16.30
C LEU I 30 -37.44 18.07 17.31
N GLU I 31 -38.45 18.90 17.50
CA GLU I 31 -39.54 18.53 18.39
C GLU I 31 -40.22 17.31 17.83
N ALA I 32 -40.51 17.33 16.54
CA ALA I 32 -41.27 16.26 15.92
C ALA I 32 -40.59 14.90 16.01
N VAL I 33 -39.25 14.86 16.01
CA VAL I 33 -38.55 13.57 16.09
C VAL I 33 -38.41 13.09 17.53
N GLY I 34 -38.78 13.91 18.50
CA GLY I 34 -38.83 13.46 19.90
C GLY I 34 -37.64 13.94 20.66
N GLU I 35 -37.00 14.99 20.18
CA GLU I 35 -35.80 15.49 20.80
C GLU I 35 -36.22 16.68 21.66
N ASN I 36 -35.33 17.08 22.56
CA ASN I 36 -35.55 18.27 23.38
C ASN I 36 -34.77 19.46 22.82
N PRO I 37 -35.46 20.34 22.09
CA PRO I 37 -34.76 21.43 21.39
C PRO I 37 -34.08 22.42 22.31
N ASP I 38 -34.39 22.38 23.60
CA ASP I 38 -33.80 23.31 24.55
C ASP I 38 -32.57 22.75 25.23
N ARG I 39 -32.23 21.48 25.00
CA ARG I 39 -31.05 20.94 25.64
C ARG I 39 -29.81 21.59 25.03
N GLU I 40 -28.73 21.59 25.80
CA GLU I 40 -27.57 22.39 25.51
C GLU I 40 -27.00 22.14 24.12
N GLY I 41 -26.95 20.88 23.74
CA GLY I 41 -26.38 20.49 22.46
C GLY I 41 -27.20 20.87 21.25
N LEU I 42 -28.47 21.21 21.45
CA LEU I 42 -29.33 21.58 20.33
C LEU I 42 -29.73 23.03 20.25
N ILE I 43 -29.45 23.82 21.28
CA ILE I 43 -29.93 25.18 21.32
C ILE I 43 -29.59 25.97 20.07
N ASP I 44 -28.35 25.88 19.64
CA ASP I 44 -27.87 26.61 18.50
C ASP I 44 -27.98 25.85 17.20
N THR I 45 -28.55 24.65 17.24
CA THR I 45 -28.56 23.80 16.06
C THR I 45 -29.41 24.40 14.92
N PRO I 46 -30.58 24.93 15.25
CA PRO I 46 -31.41 25.49 14.18
C PRO I 46 -30.69 26.54 13.35
N MET I 47 -30.01 27.48 14.01
CA MET I 47 -29.26 28.49 13.28
C MET I 47 -28.02 27.93 12.59
N ARG I 48 -27.37 26.96 13.21
CA ARG I 48 -26.22 26.32 12.59
C ARG I 48 -26.61 25.62 11.32
N VAL I 49 -27.76 24.92 11.36
CA VAL I 49 -28.27 24.28 10.14
C VAL I 49 -28.62 25.32 9.09
N ALA I 50 -29.21 26.42 9.50
CA ALA I 50 -29.51 27.49 8.56
C ALA I 50 -28.25 28.04 7.88
N ARG I 51 -27.21 28.31 8.67
CA ARG I 51 -25.93 28.84 8.13
C ARG I 51 -25.25 27.82 7.23
N MET I 52 -25.35 26.56 7.61
CA MET I 52 -24.84 25.52 6.74
C MET I 52 -25.56 25.47 5.39
N TYR I 53 -26.90 25.50 5.41
CA TYR I 53 -27.64 25.48 4.15
C TYR I 53 -27.30 26.68 3.30
N GLU I 54 -27.09 27.82 3.93
CA GLU I 54 -26.70 29.00 3.18
C GLU I 54 -25.42 28.77 2.42
N GLU I 55 -24.48 28.06 3.04
CA GLU I 55 -23.18 27.81 2.41
C GLU I 55 -23.26 26.72 1.37
N VAL I 56 -23.83 25.56 1.74
CA VAL I 56 -23.86 24.42 0.79
C VAL I 56 -24.86 24.55 -0.36
N PHE I 57 -25.84 25.43 -0.23
CA PHE I 57 -26.76 25.67 -1.33
C PHE I 57 -26.56 27.01 -1.99
N ALA I 58 -25.41 27.63 -1.77
CA ALA I 58 -25.15 28.96 -2.34
C ALA I 58 -25.23 28.97 -3.89
N GLY I 59 -24.96 27.83 -4.52
CA GLY I 59 -24.99 27.70 -5.96
C GLY I 59 -26.35 28.00 -6.59
N LEU I 60 -27.42 27.89 -5.80
CA LEU I 60 -28.76 28.23 -6.27
C LEU I 60 -28.85 29.69 -6.67
N LYS I 61 -27.95 30.51 -6.18
CA LYS I 61 -27.94 31.96 -6.47
C LYS I 61 -26.86 32.38 -7.48
N LYS I 62 -26.14 31.43 -8.05
CA LYS I 62 -25.04 31.77 -8.93
C LYS I 62 -25.13 31.07 -10.28
N ASP I 63 -24.62 31.74 -11.32
CA ASP I 63 -24.42 31.09 -12.61
C ASP I 63 -23.06 30.42 -12.61
N PRO I 64 -23.13 29.01 -12.64
CA PRO I 64 -21.86 28.35 -12.39
C PRO I 64 -20.71 28.80 -13.24
N SER I 65 -21.03 29.42 -14.37
CA SER I 65 -20.00 29.86 -15.29
C SER I 65 -20.65 30.20 -16.60
N VAL I 66 -20.60 31.45 -16.99
CA VAL I 66 -20.43 32.57 -16.09
C VAL I 66 -19.02 33.04 -15.78
N HIS I 67 -17.98 32.39 -16.29
CA HIS I 67 -16.63 32.91 -16.02
C HIS I 67 -15.42 32.25 -16.69
N PHE I 68 -15.52 31.97 -17.98
CA PHE I 68 -14.50 31.18 -18.65
C PHE I 68 -13.60 31.93 -19.61
N ASP I 69 -12.57 32.57 -19.09
CA ASP I 69 -11.67 33.30 -19.95
C ASP I 69 -10.47 32.44 -20.29
N THR I 70 -10.12 32.44 -21.55
CA THR I 70 -8.94 31.68 -22.00
C THR I 70 -7.74 32.53 -22.48
N ILE I 71 -6.61 31.89 -22.54
CA ILE I 71 -5.42 32.44 -23.18
C ILE I 71 -5.01 31.53 -24.35
N PHE I 72 -4.39 32.13 -25.36
CA PHE I 72 -3.90 31.36 -26.47
C PHE I 72 -2.50 30.81 -26.15
N GLU I 73 -2.33 29.49 -26.26
CA GLU I 73 -1.04 28.85 -26.47
C GLU I 73 -0.89 28.12 -27.80
N GLU I 74 0.32 28.13 -28.33
CA GLU I 74 0.68 27.50 -29.59
C GLU I 74 0.87 25.98 -29.57
N GLN I 75 0.26 25.26 -30.51
CA GLN I 75 0.27 23.75 -30.52
C GLN I 75 -0.06 23.29 -29.04
N HIS I 76 -1.04 23.97 -28.43
CA HIS I 76 -1.80 23.47 -27.32
C HIS I 76 -3.09 22.99 -27.96
N GLU I 77 -2.93 21.84 -28.60
CA GLU I 77 -4.04 21.06 -29.17
C GLU I 77 -4.20 19.78 -28.47
N GLU I 78 -3.39 19.53 -27.45
CA GLU I 78 -3.36 18.21 -26.86
C GLU I 78 -4.05 18.15 -25.50
N LEU I 79 -4.27 16.93 -25.10
CA LEU I 79 -5.07 16.60 -23.96
C LEU I 79 -4.63 17.23 -22.65
N VAL I 80 -5.60 17.80 -21.93
CA VAL I 80 -5.39 18.35 -20.58
C VAL I 80 -6.34 17.66 -19.66
N LEU I 81 -5.83 17.14 -18.56
CA LEU I 81 -6.65 16.44 -17.60
C LEU I 81 -6.35 17.00 -16.22
N VAL I 82 -7.41 17.36 -15.52
CA VAL I 82 -7.30 17.75 -14.14
C VAL I 82 -8.03 16.71 -13.34
N LYS I 83 -7.31 16.01 -12.48
CA LYS I 83 -7.90 14.89 -11.79
C LYS I 83 -7.86 15.05 -10.28
N ASP I 84 -8.71 14.28 -9.62
CA ASP I 84 -8.86 14.29 -8.16
C ASP I 84 -9.23 15.65 -7.63
N ILE I 85 -10.22 16.28 -8.26
CA ILE I 85 -10.77 17.52 -7.78
C ILE I 85 -11.83 17.15 -6.73
N ARG I 86 -11.56 17.44 -5.47
CA ARG I 86 -12.50 17.10 -4.39
C ARG I 86 -13.78 17.92 -4.58
N PHE I 87 -14.91 17.27 -4.34
CA PHE I 87 -16.19 17.98 -4.36
C PHE I 87 -17.11 17.33 -3.35
N SER I 88 -18.14 18.08 -3.00
CA SER I 88 -19.22 17.53 -2.19
C SER I 88 -20.50 18.20 -2.60
N SER I 89 -21.60 17.57 -2.26
CA SER I 89 -22.90 18.11 -2.63
C SER I 89 -23.90 17.47 -1.72
N MET I 90 -25.18 17.70 -1.93
CA MET I 90 -26.24 17.11 -1.10
C MET I 90 -27.19 16.41 -2.03
N CYS I 91 -27.50 15.13 -1.76
CA CYS I 91 -28.47 14.42 -2.64
C CYS I 91 -29.78 15.17 -2.52
N GLU I 92 -30.43 15.40 -3.65
CA GLU I 92 -31.71 16.07 -3.63
C GLU I 92 -32.82 15.15 -3.08
N HIS I 93 -32.60 13.85 -3.09
CA HIS I 93 -33.58 12.93 -2.56
C HIS I 93 -33.69 12.94 -1.05
N HIS I 94 -32.57 13.12 -0.38
CA HIS I 94 -32.54 13.01 1.09
C HIS I 94 -31.89 14.18 1.79
N LEU I 95 -31.33 15.11 1.03
CA LEU I 95 -30.56 16.21 1.58
C LEU I 95 -29.44 15.74 2.50
N VAL I 96 -28.72 14.70 2.10
CA VAL I 96 -27.54 14.28 2.83
C VAL I 96 -26.34 14.29 1.91
N PRO I 97 -25.17 14.56 2.47
CA PRO I 97 -24.02 14.77 1.62
C PRO I 97 -23.62 13.56 0.84
N PHE I 98 -23.12 13.80 -0.36
CA PHE I 98 -22.27 12.87 -1.04
C PHE I 98 -21.00 13.62 -1.46
N PHE I 99 -19.90 12.91 -1.58
CA PHE I 99 -18.61 13.55 -1.76
C PHE I 99 -17.63 12.60 -2.41
N GLY I 100 -16.63 13.16 -3.08
CA GLY I 100 -15.59 12.35 -3.72
C GLY I 100 -14.73 13.23 -4.63
N VAL I 101 -14.45 12.76 -5.84
CA VAL I 101 -13.62 13.49 -6.73
C VAL I 101 -14.23 13.58 -8.10
N ALA I 102 -13.84 14.62 -8.81
CA ALA I 102 -14.15 14.79 -10.20
C ALA I 102 -12.87 14.83 -10.99
N HIS I 103 -12.95 14.29 -12.19
CA HIS I 103 -11.85 14.35 -13.14
C HIS I 103 -12.39 15.00 -14.38
N VAL I 104 -11.67 16.02 -14.88
CA VAL I 104 -12.09 16.74 -16.08
C VAL I 104 -10.99 16.80 -17.13
N ALA I 105 -11.31 16.32 -18.32
CA ALA I 105 -10.35 16.23 -19.39
C ALA I 105 -10.92 16.97 -20.58
N TYR I 106 -10.09 17.67 -21.30
CA TYR I 106 -10.54 18.23 -22.55
C TYR I 106 -9.45 18.36 -23.61
N LEU I 107 -9.90 18.49 -24.85
CA LEU I 107 -9.02 18.70 -25.99
C LEU I 107 -9.21 20.11 -26.46
N PRO I 108 -8.23 20.95 -26.16
CA PRO I 108 -8.39 22.35 -26.52
C PRO I 108 -8.53 22.52 -28.00
N GLN I 109 -9.20 23.58 -28.40
CA GLN I 109 -9.33 23.93 -29.77
C GLN I 109 -8.77 25.30 -29.95
N ASN I 110 -7.95 25.49 -30.99
CA ASN I 110 -7.40 26.78 -31.37
C ASN I 110 -6.63 27.40 -30.23
N GLY I 111 -5.99 26.57 -29.40
CA GLY I 111 -5.21 27.02 -28.25
C GLY I 111 -5.96 27.70 -27.11
N ARG I 112 -7.26 27.50 -27.03
CA ARG I 112 -8.02 28.01 -25.89
C ARG I 112 -7.75 27.07 -24.72
N VAL I 113 -7.02 27.57 -23.72
CA VAL I 113 -6.83 26.82 -22.45
C VAL I 113 -7.67 27.39 -21.28
N ALA I 114 -8.29 26.53 -20.48
CA ALA I 114 -9.02 26.97 -19.30
C ALA I 114 -8.01 27.25 -18.21
N GLY I 115 -8.23 28.29 -17.41
CA GLY I 115 -7.56 28.36 -16.13
C GLY I 115 -7.95 27.14 -15.32
N LEU I 116 -6.96 26.55 -14.69
CA LEU I 116 -7.20 25.35 -13.91
C LEU I 116 -8.13 25.61 -12.71
N SER I 117 -7.93 26.71 -12.01
CA SER I 117 -8.80 27.02 -10.88
C SER I 117 -10.26 27.30 -11.35
N LYS I 118 -10.42 27.78 -12.58
CA LYS I 118 -11.75 28.11 -13.08
C LYS I 118 -12.52 26.83 -13.23
N LEU I 119 -11.84 25.82 -13.68
CA LEU I 119 -12.45 24.51 -13.74
C LEU I 119 -13.04 24.00 -12.41
N ALA I 120 -12.19 24.07 -11.41
CA ALA I 120 -12.57 23.68 -10.08
C ALA I 120 -13.78 24.48 -9.58
N ARG I 121 -13.79 25.77 -9.89
CA ARG I 121 -14.87 26.62 -9.41
C ARG I 121 -16.19 26.19 -10.02
N VAL I 122 -16.13 25.75 -11.27
CA VAL I 122 -17.33 25.32 -11.98
C VAL I 122 -17.90 24.08 -11.32
N VAL I 123 -17.02 23.15 -11.00
CA VAL I 123 -17.43 21.98 -10.26
C VAL I 123 -18.07 22.36 -8.93
N ASP I 124 -17.42 23.22 -8.16
CA ASP I 124 -17.96 23.63 -6.89
C ASP I 124 -19.33 24.27 -7.03
N ASP I 125 -19.45 25.16 -7.99
CA ASP I 125 -20.66 25.96 -8.11
C ASP I 125 -21.82 25.11 -8.55
N VAL I 126 -21.58 24.20 -9.47
CA VAL I 126 -22.63 23.29 -9.91
C VAL I 126 -23.04 22.38 -8.75
N SER I 127 -22.06 22.03 -7.92
CA SER I 127 -22.27 21.17 -6.76
C SER I 127 -23.02 21.78 -5.61
N ARG I 128 -22.95 23.10 -5.47
CA ARG I 128 -23.49 23.75 -4.29
C ARG I 128 -24.98 24.00 -4.41
N ARG I 129 -25.71 22.91 -4.52
CA ARG I 129 -27.17 22.93 -4.58
C ARG I 129 -27.62 21.49 -4.50
N PRO I 130 -28.90 21.27 -4.21
CA PRO I 130 -29.37 19.86 -4.14
C PRO I 130 -29.17 19.24 -5.48
N GLN I 131 -28.55 18.06 -5.53
CA GLN I 131 -28.14 17.49 -6.80
C GLN I 131 -28.38 16.01 -6.95
N LEU I 132 -28.24 15.58 -8.20
CA LEU I 132 -27.90 14.21 -8.57
C LEU I 132 -26.49 14.23 -9.12
N GLN I 133 -25.73 13.19 -8.83
CA GLN I 133 -24.35 13.12 -9.31
C GLN I 133 -24.33 13.16 -10.83
N GLU I 134 -25.27 12.48 -11.42
CA GLU I 134 -25.41 12.45 -12.87
C GLU I 134 -25.54 13.86 -13.44
N ARG I 135 -26.34 14.69 -12.80
CA ARG I 135 -26.59 16.02 -13.32
C ARG I 135 -25.36 16.93 -13.15
N ILE I 136 -24.65 16.77 -12.06
CA ILE I 136 -23.42 17.53 -11.88
C ILE I 136 -22.45 17.18 -13.00
N THR I 137 -22.36 15.88 -13.30
CA THR I 137 -21.45 15.41 -14.31
C THR I 137 -21.77 16.01 -15.68
N THR I 138 -23.01 15.88 -16.14
CA THR I 138 -23.34 16.41 -17.45
C THR I 138 -23.27 17.94 -17.48
N THR I 139 -23.67 18.60 -16.40
CA THR I 139 -23.71 20.06 -16.41
C THR I 139 -22.32 20.63 -16.58
N VAL I 140 -21.37 20.05 -15.83
CA VAL I 140 -19.98 20.46 -15.94
C VAL I 140 -19.49 20.26 -17.37
N ALA I 141 -19.84 19.12 -17.96
CA ALA I 141 -19.45 18.86 -19.33
C ALA I 141 -20.07 19.85 -20.31
N GLU I 142 -21.36 20.17 -20.13
CA GLU I 142 -22.05 21.13 -21.01
C GLU I 142 -21.48 22.54 -20.90
N ILE I 143 -21.24 22.98 -19.69
CA ILE I 143 -20.66 24.30 -19.48
C ILE I 143 -19.31 24.41 -20.19
N MET I 144 -18.51 23.37 -20.11
CA MET I 144 -17.21 23.41 -20.78
C MET I 144 -17.33 23.45 -22.28
N MET I 145 -18.25 22.68 -22.84
CA MET I 145 -18.45 22.71 -24.28
C MET I 145 -18.89 24.10 -24.69
N GLU I 146 -19.81 24.69 -23.93
CA GLU I 146 -20.37 26.00 -24.31
C GLU I 146 -19.32 27.11 -24.17
N LYS I 147 -18.58 27.13 -23.07
CA LYS I 147 -17.69 28.25 -22.79
C LYS I 147 -16.29 28.10 -23.31
N LEU I 148 -15.79 26.88 -23.43
CA LEU I 148 -14.42 26.66 -23.94
C LEU I 148 -14.40 26.32 -25.41
N LYS I 149 -15.50 25.78 -25.91
CA LYS I 149 -15.55 25.28 -27.27
C LYS I 149 -14.33 24.45 -27.64
N PRO I 150 -14.06 23.43 -26.84
CA PRO I 150 -12.95 22.54 -27.12
C PRO I 150 -13.37 21.50 -28.15
N LEU I 151 -12.42 20.71 -28.61
CA LEU I 151 -12.76 19.60 -29.49
C LEU I 151 -13.59 18.56 -28.76
N GLY I 152 -13.42 18.47 -27.45
CA GLY I 152 -14.18 17.51 -26.68
C GLY I 152 -13.92 17.64 -25.22
N VAL I 153 -14.80 17.06 -24.44
CA VAL I 153 -14.64 17.05 -23.01
C VAL I 153 -15.04 15.67 -22.48
N MET I 154 -14.37 15.26 -21.40
CA MET I 154 -14.78 14.06 -20.68
C MET I 154 -14.76 14.40 -19.21
N VAL I 155 -15.86 14.12 -18.54
CA VAL I 155 -15.98 14.35 -17.10
C VAL I 155 -16.34 13.05 -16.42
N ILE I 156 -15.59 12.70 -15.39
CA ILE I 156 -15.89 11.56 -14.57
C ILE I 156 -15.99 11.99 -13.15
N MET I 157 -16.99 11.48 -12.44
CA MET I 157 -17.11 11.73 -11.01
C MET I 157 -17.26 10.43 -10.25
N GLU I 158 -16.62 10.40 -9.09
CA GLU I 158 -16.62 9.24 -8.23
C GLU I 158 -16.96 9.70 -6.83
N ALA I 159 -17.97 9.09 -6.23
CA ALA I 159 -18.42 9.59 -4.94
C ALA I 159 -19.04 8.53 -4.07
N GLU I 160 -19.01 8.81 -2.77
CA GLU I 160 -19.73 8.00 -1.82
C GLU I 160 -20.97 8.78 -1.35
N HIS I 161 -22.08 8.07 -1.24
CA HIS I 161 -23.34 8.69 -0.84
C HIS I 161 -23.70 8.26 0.56
N MET I 162 -23.91 9.23 1.44
CA MET I 162 -24.42 8.94 2.77
C MET I 162 -25.90 8.53 2.67
N CYS I 163 -26.68 9.05 1.68
CA CYS I 163 -28.06 8.57 1.25
C CYS I 163 -28.00 7.02 1.58
N MET I 164 -26.85 6.39 1.31
CA MET I 164 -26.64 4.91 1.41
C MET I 164 -25.84 4.29 2.57
N THR I 165 -25.00 5.08 3.22
CA THR I 165 -24.11 4.57 4.27
C THR I 165 -24.80 4.55 5.65
N ILE I 166 -25.69 5.52 5.88
CA ILE I 166 -26.28 5.75 7.19
C ILE I 166 -27.70 5.21 7.30
N ARG I 167 -28.28 4.83 6.18
CA ARG I 167 -29.67 4.44 6.20
C ARG I 167 -29.83 2.94 6.32
N GLY I 168 -31.07 2.49 6.26
CA GLY I 168 -31.40 1.07 6.44
C GLY I 168 -30.65 0.15 5.52
N VAL I 169 -30.55 0.56 4.27
CA VAL I 169 -29.80 -0.19 3.28
C VAL I 169 -28.34 -0.46 3.74
N ASN I 170 -27.74 0.54 4.40
CA ASN I 170 -26.46 0.36 5.07
C ASN I 170 -25.35 -0.33 4.24
N LYS I 171 -24.84 0.36 3.23
CA LYS I 171 -23.76 -0.17 2.39
C LYS I 171 -22.59 0.84 2.36
N PRO I 172 -21.78 0.86 3.42
CA PRO I 172 -20.62 1.75 3.43
C PRO I 172 -19.58 1.25 2.47
N GLY I 173 -18.87 2.16 1.83
CA GLY I 173 -17.81 1.78 0.85
C GLY I 173 -18.26 1.76 -0.61
N THR I 174 -19.57 1.85 -0.83
CA THR I 174 -20.12 1.86 -2.15
C THR I 174 -19.79 3.19 -2.81
N LYS I 175 -19.26 3.12 -4.02
CA LYS I 175 -18.90 4.28 -4.80
C LYS I 175 -19.78 4.35 -6.03
N THR I 176 -20.25 5.54 -6.36
CA THR I 176 -20.97 5.73 -7.59
C THR I 176 -20.09 6.48 -8.55
N ILE I 177 -20.09 6.01 -9.79
CA ILE I 177 -19.23 6.62 -10.81
C ILE I 177 -20.07 7.01 -12.01
N THR I 178 -19.97 8.28 -12.38
CA THR I 178 -20.72 8.83 -13.49
C THR I 178 -19.75 9.39 -14.50
N SER I 179 -20.18 9.47 -15.75
CA SER I 179 -19.37 10.07 -16.77
C SER I 179 -20.20 10.78 -17.83
N ALA I 180 -19.56 11.74 -18.49
CA ALA I 180 -20.17 12.47 -19.57
C ALA I 180 -19.09 12.72 -20.58
N VAL I 181 -19.36 12.41 -21.82
CA VAL I 181 -18.43 12.67 -22.89
C VAL I 181 -19.09 13.53 -23.92
N ARG I 182 -18.35 14.51 -24.43
CA ARG I 182 -18.86 15.32 -25.52
C ARG I 182 -17.77 15.51 -26.56
N GLY I 183 -18.20 15.81 -27.78
CA GLY I 183 -17.28 16.08 -28.87
C GLY I 183 -16.46 14.87 -29.21
N ALA I 184 -15.17 15.06 -29.34
CA ALA I 184 -14.29 14.02 -29.81
C ALA I 184 -14.27 12.82 -28.88
N PHE I 185 -14.53 13.01 -27.59
CA PHE I 185 -14.47 11.90 -26.65
C PHE I 185 -15.62 10.95 -26.86
N LYS I 186 -16.69 11.45 -27.47
CA LYS I 186 -17.85 10.63 -27.77
C LYS I 186 -17.55 9.60 -28.84
N ASN I 187 -16.67 9.91 -29.78
CA ASN I 187 -16.42 9.02 -30.92
C ASN I 187 -15.08 8.31 -30.89
N ASP I 188 -14.15 8.78 -30.05
CA ASP I 188 -12.83 8.25 -30.03
C ASP I 188 -12.59 7.44 -28.75
N ASP I 189 -12.77 6.14 -28.86
CA ASP I 189 -12.57 5.28 -27.72
C ASP I 189 -11.11 5.25 -27.23
N LYS I 190 -10.16 5.43 -28.13
CA LYS I 190 -8.76 5.36 -27.74
C LYS I 190 -8.46 6.50 -26.77
N LEU I 191 -9.02 7.64 -27.09
CA LEU I 191 -8.89 8.81 -26.28
C LEU I 191 -9.54 8.66 -24.91
N ARG I 192 -10.76 8.15 -24.88
CA ARG I 192 -11.40 7.85 -23.60
C ARG I 192 -10.52 6.92 -22.76
N SER I 193 -9.95 5.95 -23.44
CA SER I 193 -9.15 4.94 -22.81
C SER I 193 -7.91 5.52 -22.17
N GLU I 194 -7.30 6.48 -22.86
CA GLU I 194 -6.07 7.10 -22.38
C GLU I 194 -6.37 7.93 -21.15
N VAL I 195 -7.51 8.61 -21.18
CA VAL I 195 -7.94 9.34 -19.99
C VAL I 195 -8.12 8.41 -18.81
N LEU I 196 -8.79 7.30 -19.03
CA LEU I 196 -9.01 6.38 -17.94
C LEU I 196 -7.68 5.86 -17.40
N ALA I 197 -6.71 5.60 -18.26
CA ALA I 197 -5.43 5.09 -17.75
C ALA I 197 -4.77 6.15 -16.86
N LEU I 198 -4.81 7.40 -17.32
CA LEU I 198 -4.17 8.48 -16.58
C LEU I 198 -4.85 8.77 -15.25
N ILE I 199 -6.14 8.50 -15.17
CA ILE I 199 -6.87 8.67 -13.93
C ILE I 199 -6.52 7.61 -12.90
N LYS I 200 -6.17 6.41 -13.31
CA LYS I 200 -5.88 5.32 -12.35
C LYS I 200 -4.77 5.69 -11.36
N HIS I 201 -3.55 5.83 -11.86
CA HIS I 201 -2.35 6.11 -11.04
C HIS I 201 -2.55 6.36 -9.51
N GLN J 16 22.59 38.47 -15.53
CA GLN J 16 22.52 39.30 -14.28
C GLN J 16 21.19 40.04 -14.18
N ILE J 17 20.47 39.81 -13.08
CA ILE J 17 19.24 40.56 -12.80
C ILE J 17 19.43 41.58 -11.67
N ASP J 18 18.55 42.57 -11.64
CA ASP J 18 18.68 43.64 -10.66
C ASP J 18 17.99 43.27 -9.35
N LYS J 19 18.75 42.61 -8.47
CA LYS J 19 18.22 42.11 -7.22
C LYS J 19 17.75 43.21 -6.29
N GLN J 20 18.45 44.33 -6.29
CA GLN J 20 18.11 45.41 -5.40
C GLN J 20 16.71 45.93 -5.75
N LYS J 21 16.46 46.03 -7.04
CA LYS J 21 15.17 46.54 -7.51
C LYS J 21 14.06 45.60 -7.08
N ILE J 22 14.32 44.30 -7.18
CA ILE J 22 13.35 43.31 -6.74
C ILE J 22 13.13 43.41 -5.23
N ALA J 23 14.22 43.52 -4.49
CA ALA J 23 14.12 43.63 -3.04
C ALA J 23 13.29 44.84 -2.62
N ASP J 24 13.46 45.97 -3.28
CA ASP J 24 12.66 47.16 -2.98
C ASP J 24 11.18 46.91 -3.23
N ALA J 25 10.87 46.24 -4.33
CA ALA J 25 9.47 45.89 -4.64
C ALA J 25 8.88 44.91 -3.59
N VAL J 26 9.67 43.94 -3.15
CA VAL J 26 9.20 43.02 -2.13
C VAL J 26 8.92 43.76 -0.83
N LYS J 27 9.78 44.69 -0.46
CA LYS J 27 9.56 45.46 0.76
C LYS J 27 8.25 46.25 0.69
N VAL J 28 7.98 46.85 -0.45
CA VAL J 28 6.74 47.55 -0.68
C VAL J 28 5.56 46.60 -0.51
N ILE J 29 5.68 45.40 -1.05
CA ILE J 29 4.62 44.41 -0.92
C ILE J 29 4.36 44.06 0.54
N LEU J 30 5.42 43.84 1.30
CA LEU J 30 5.28 43.53 2.72
C LEU J 30 4.59 44.65 3.51
N GLU J 31 4.93 45.90 3.21
CA GLU J 31 4.26 47.01 3.88
C GLU J 31 2.81 46.97 3.48
N ALA J 32 2.57 46.82 2.19
CA ALA J 32 1.22 46.92 1.66
C ALA J 32 0.28 45.87 2.24
N VAL J 33 0.78 44.68 2.57
CA VAL J 33 -0.09 43.65 3.11
C VAL J 33 -0.31 43.81 4.61
N GLY J 34 0.39 44.75 5.24
CA GLY J 34 0.14 45.07 6.65
C GLY J 34 1.14 44.38 7.55
N GLU J 35 2.29 44.04 7.01
CA GLU J 35 3.32 43.39 7.77
C GLU J 35 4.31 44.45 8.23
N ASN J 36 5.15 44.11 9.19
CA ASN J 36 6.23 45.00 9.63
C ASN J 36 7.58 44.58 9.03
N PRO J 37 8.02 45.28 7.99
CA PRO J 37 9.18 44.82 7.23
C PRO J 37 10.47 44.89 8.02
N ASP J 38 10.44 45.56 9.17
CA ASP J 38 11.64 45.69 10.00
C ASP J 38 11.73 44.66 11.10
N ARG J 39 10.71 43.82 11.25
CA ARG J 39 10.81 42.76 12.25
C ARG J 39 11.86 41.76 11.84
N GLU J 40 12.40 41.08 12.82
CA GLU J 40 13.57 40.26 12.61
C GLU J 40 13.42 39.20 11.50
N GLY J 41 12.26 38.55 11.45
CA GLY J 41 12.01 37.49 10.49
C GLY J 41 11.89 37.97 9.07
N LEU J 42 11.69 39.27 8.86
CA LEU J 42 11.51 39.81 7.51
C LEU J 42 12.62 40.69 6.99
N ILE J 43 13.55 41.09 7.84
CA ILE J 43 14.59 42.03 7.43
C ILE J 43 15.29 41.59 6.17
N ASP J 44 15.70 40.34 6.12
CA ASP J 44 16.42 39.81 4.97
C ASP J 44 15.55 39.20 3.90
N THR J 45 14.23 39.26 4.10
CA THR J 45 13.32 38.57 3.19
C THR J 45 13.34 39.16 1.77
N PRO J 46 13.30 40.50 1.65
CA PRO J 46 13.43 41.07 0.32
C PRO J 46 14.60 40.55 -0.52
N MET J 47 15.80 40.51 0.04
CA MET J 47 16.97 40.01 -0.71
C MET J 47 16.90 38.52 -0.92
N ARG J 48 16.36 37.80 0.05
CA ARG J 48 16.20 36.36 -0.11
C ARG J 48 15.26 36.05 -1.27
N VAL J 49 14.17 36.80 -1.36
CA VAL J 49 13.22 36.59 -2.44
C VAL J 49 13.89 36.96 -3.76
N ALA J 50 14.67 38.02 -3.78
CA ALA J 50 15.40 38.38 -5.00
C ALA J 50 16.33 37.25 -5.45
N ARG J 51 17.11 36.70 -4.53
CA ARG J 51 18.04 35.61 -4.86
C ARG J 51 17.29 34.38 -5.32
N MET J 52 16.16 34.12 -4.69
CA MET J 52 15.35 32.99 -5.09
C MET J 52 14.85 33.18 -6.52
N TYR J 53 14.33 34.35 -6.84
CA TYR J 53 13.88 34.60 -8.19
C TYR J 53 15.01 34.46 -9.19
N GLU J 54 16.19 34.91 -8.82
CA GLU J 54 17.34 34.77 -9.70
C GLU J 54 17.56 33.30 -10.06
N GLU J 55 17.38 32.44 -9.08
CA GLU J 55 17.60 31.04 -9.28
C GLU J 55 16.45 30.37 -10.04
N VAL J 56 15.22 30.57 -9.59
CA VAL J 56 14.08 29.85 -10.19
C VAL J 56 13.66 30.41 -11.54
N PHE J 57 14.10 31.61 -11.87
CA PHE J 57 13.84 32.15 -13.19
C PHE J 57 15.07 32.22 -14.08
N ALA J 58 16.11 31.48 -13.73
CA ALA J 58 17.35 31.52 -14.50
C ALA J 58 17.15 31.12 -15.97
N GLY J 59 16.13 30.30 -16.22
CA GLY J 59 15.85 29.77 -17.57
C GLY J 59 15.48 30.84 -18.59
N LEU J 60 15.07 32.01 -18.11
CA LEU J 60 14.85 33.17 -18.96
C LEU J 60 16.09 33.59 -19.70
N LYS J 61 17.26 33.24 -19.18
CA LYS J 61 18.53 33.65 -19.78
C LYS J 61 19.23 32.50 -20.53
N LYS J 62 18.59 31.33 -20.62
CA LYS J 62 19.23 30.16 -21.21
C LYS J 62 18.42 29.62 -22.39
N ASP J 63 19.13 29.13 -23.40
CA ASP J 63 18.51 28.33 -24.43
C ASP J 63 18.51 26.89 -23.90
N PRO J 64 17.33 26.32 -23.59
CA PRO J 64 17.27 24.95 -23.08
C PRO J 64 17.66 23.85 -24.11
N SER J 65 17.66 24.18 -25.40
CA SER J 65 18.06 23.25 -26.46
C SER J 65 19.56 22.87 -26.52
N VAL J 66 20.41 23.67 -25.87
CA VAL J 66 21.85 23.44 -25.98
C VAL J 66 22.30 22.12 -25.36
N HIS J 67 21.52 21.60 -24.42
CA HIS J 67 21.91 20.35 -23.77
C HIS J 67 21.92 19.17 -24.72
N PHE J 68 21.22 19.26 -25.85
CA PHE J 68 21.23 18.17 -26.82
C PHE J 68 22.28 18.41 -27.91
N ASP J 69 23.15 19.39 -27.72
CA ASP J 69 24.22 19.58 -28.72
C ASP J 69 25.26 18.44 -28.71
N THR J 70 25.24 17.60 -27.67
CA THR J 70 25.96 16.31 -27.64
C THR J 70 25.00 15.10 -27.67
N ILE J 71 25.04 14.29 -28.73
CA ILE J 71 24.20 13.09 -28.88
C ILE J 71 25.09 11.86 -28.91
N PHE J 72 24.61 10.74 -28.36
CA PHE J 72 25.32 9.44 -28.46
C PHE J 72 24.85 8.62 -29.68
N GLU J 73 25.78 8.05 -30.44
CA GLU J 73 25.42 7.29 -31.65
C GLU J 73 25.56 5.80 -31.39
N GLU J 74 24.45 5.07 -31.41
CA GLU J 74 24.49 3.61 -31.46
C GLU J 74 23.23 3.24 -32.10
N GLN J 75 23.29 2.23 -32.93
CA GLN J 75 22.15 1.91 -33.74
C GLN J 75 21.10 1.10 -32.99
N HIS J 76 20.29 1.85 -32.26
CA HIS J 76 19.19 1.35 -31.43
C HIS J 76 17.95 2.08 -31.87
N GLU J 77 16.85 1.36 -32.09
CA GLU J 77 15.62 1.93 -32.66
C GLU J 77 14.35 1.74 -31.87
N GLU J 78 14.49 1.24 -30.66
CA GLU J 78 13.33 0.90 -29.86
C GLU J 78 13.08 1.86 -28.74
N LEU J 79 11.88 1.72 -28.19
CA LEU J 79 11.34 2.65 -27.24
C LEU J 79 12.22 2.88 -26.03
N VAL J 80 12.41 4.15 -25.71
CA VAL J 80 13.08 4.54 -24.50
C VAL J 80 12.12 5.42 -23.73
N LEU J 81 11.94 5.12 -22.46
CA LEU J 81 11.08 5.91 -21.60
C LEU J 81 11.85 6.28 -20.35
N VAL J 82 11.86 7.57 -20.05
CA VAL J 82 12.42 8.02 -18.81
C VAL J 82 11.24 8.55 -18.04
N LYS J 83 10.94 7.94 -16.90
CA LYS J 83 9.79 8.33 -16.13
C LYS J 83 10.14 8.84 -14.74
N ASP J 84 9.21 9.59 -14.17
CA ASP J 84 9.32 10.15 -12.83
C ASP J 84 10.50 11.07 -12.69
N ILE J 85 10.65 11.96 -13.66
CA ILE J 85 11.63 13.01 -13.59
C ILE J 85 11.00 14.16 -12.80
N ARG J 86 11.52 14.42 -11.60
CA ARG J 86 10.98 15.47 -10.78
C ARG J 86 11.23 16.80 -11.46
N PHE J 87 10.24 17.69 -11.39
CA PHE J 87 10.43 19.05 -11.81
C PHE J 87 9.65 19.99 -10.91
N SER J 88 10.00 21.27 -10.95
CA SER J 88 9.19 22.32 -10.35
C SER J 88 9.29 23.59 -11.18
N SER J 89 8.31 24.46 -11.04
CA SER J 89 8.26 25.67 -11.84
C SER J 89 7.40 26.64 -11.09
N MET J 90 7.10 27.81 -11.64
CA MET J 90 6.25 28.78 -10.99
C MET J 90 5.14 29.11 -11.95
N CYS J 91 3.87 29.07 -11.51
CA CYS J 91 2.77 29.41 -12.43
C CYS J 91 3.02 30.86 -12.82
N GLU J 92 2.84 31.15 -14.10
CA GLU J 92 2.93 32.52 -14.55
C GLU J 92 1.73 33.36 -14.09
N HIS J 93 0.62 32.71 -13.76
CA HIS J 93 -0.58 33.44 -13.30
C HIS J 93 -0.40 34.05 -11.94
N HIS J 94 0.25 33.32 -11.03
CA HIS J 94 0.33 33.70 -9.61
C HIS J 94 1.72 33.68 -9.01
N LEU J 95 2.71 33.25 -9.80
CA LEU J 95 4.07 33.14 -9.34
C LEU J 95 4.20 32.30 -8.10
N VAL J 96 3.46 31.20 -8.09
CA VAL J 96 3.60 30.24 -7.02
C VAL J 96 3.97 28.89 -7.60
N PRO J 97 4.73 28.09 -6.85
CA PRO J 97 5.25 26.87 -7.41
C PRO J 97 4.19 25.86 -7.82
N PHE J 98 4.47 25.13 -8.89
CA PHE J 98 3.85 23.86 -9.13
C PHE J 98 4.96 22.85 -9.40
N PHE J 99 4.70 21.59 -9.09
CA PHE J 99 5.74 20.58 -9.07
C PHE J 99 5.15 19.21 -9.28
N GLY J 100 5.97 18.30 -9.76
CA GLY J 100 5.57 16.92 -9.92
C GLY J 100 6.57 16.19 -10.75
N VAL J 101 6.09 15.43 -11.73
CA VAL J 101 6.99 14.58 -12.51
C VAL J 101 6.72 14.75 -13.97
N ALA J 102 7.76 14.53 -14.75
CA ALA J 102 7.66 14.43 -16.19
C ALA J 102 8.05 13.04 -16.63
N HIS J 103 7.36 12.54 -17.65
CA HIS J 103 7.70 11.29 -18.27
C HIS J 103 7.98 11.58 -19.72
N VAL J 104 9.09 11.09 -20.23
CA VAL J 104 9.47 11.35 -21.60
C VAL J 104 9.78 10.04 -22.27
N ALA J 105 9.08 9.80 -23.37
CA ALA J 105 9.29 8.61 -24.16
C ALA J 105 9.63 8.99 -25.59
N TYR J 106 10.53 8.25 -26.21
CA TYR J 106 10.79 8.51 -27.61
C TYR J 106 11.25 7.27 -28.34
N LEU J 107 11.13 7.33 -29.66
CA LEU J 107 11.58 6.27 -30.57
C LEU J 107 12.79 6.79 -31.30
N PRO J 108 13.99 6.40 -30.89
CA PRO J 108 15.18 6.89 -31.53
C PRO J 108 15.21 6.55 -33.01
N GLN J 109 15.88 7.40 -33.77
CA GLN J 109 16.03 7.22 -35.19
C GLN J 109 17.50 7.24 -35.45
N ASN J 110 17.97 6.25 -36.23
CA ASN J 110 19.36 6.19 -36.63
C ASN J 110 20.28 6.20 -35.41
N GLY J 111 19.82 5.59 -34.32
CA GLY J 111 20.60 5.44 -33.11
C GLY J 111 20.94 6.70 -32.33
N ARG J 112 20.24 7.80 -32.63
CA ARG J 112 20.43 9.04 -31.88
C ARG J 112 19.72 8.95 -30.55
N VAL J 113 20.49 8.78 -29.48
CA VAL J 113 19.91 8.61 -28.14
C VAL J 113 20.33 9.75 -27.23
N ALA J 114 19.41 10.16 -26.38
CA ALA J 114 19.63 11.28 -25.48
C ALA J 114 20.27 10.80 -24.19
N GLY J 115 21.30 11.49 -23.74
CA GLY J 115 21.82 11.26 -22.41
C GLY J 115 20.71 11.58 -21.42
N LEU J 116 20.58 10.74 -20.39
CA LEU J 116 19.53 10.89 -19.40
C LEU J 116 19.65 12.22 -18.69
N SER J 117 20.86 12.56 -18.28
CA SER J 117 21.02 13.80 -17.57
C SER J 117 20.73 15.00 -18.49
N LYS J 118 20.99 14.88 -19.78
CA LYS J 118 20.65 15.95 -20.71
C LYS J 118 19.15 16.16 -20.80
N LEU J 119 18.41 15.06 -20.82
CA LEU J 119 16.98 15.13 -20.81
C LEU J 119 16.47 15.91 -19.62
N ALA J 120 16.99 15.55 -18.47
CA ALA J 120 16.58 16.19 -17.23
C ALA J 120 16.90 17.66 -17.23
N ARG J 121 18.05 18.03 -17.79
CA ARG J 121 18.44 19.41 -17.88
C ARG J 121 17.50 20.22 -18.73
N VAL J 122 17.03 19.63 -19.82
CA VAL J 122 16.09 20.30 -20.69
C VAL J 122 14.81 20.58 -19.91
N VAL J 123 14.31 19.57 -19.19
CA VAL J 123 13.11 19.75 -18.41
C VAL J 123 13.34 20.86 -17.38
N ASP J 124 14.46 20.82 -16.69
CA ASP J 124 14.77 21.89 -15.73
C ASP J 124 14.86 23.28 -16.32
N ASP J 125 15.56 23.40 -17.44
CA ASP J 125 15.76 24.70 -18.04
C ASP J 125 14.47 25.29 -18.58
N VAL J 126 13.64 24.46 -19.20
CA VAL J 126 12.35 24.93 -19.69
C VAL J 126 11.51 25.39 -18.50
N SER J 127 11.63 24.65 -17.39
CA SER J 127 10.86 24.89 -16.19
C SER J 127 11.26 26.13 -15.42
N ARG J 128 12.51 26.56 -15.50
CA ARG J 128 13.02 27.64 -14.67
C ARG J 128 12.67 29.01 -15.25
N ARG J 129 11.38 29.26 -15.33
CA ARG J 129 10.84 30.53 -15.74
C ARG J 129 9.35 30.47 -15.46
N PRO J 130 8.68 31.62 -15.39
CA PRO J 130 7.23 31.55 -15.21
C PRO J 130 6.59 30.75 -16.32
N GLN J 131 5.75 29.79 -15.97
CA GLN J 131 5.26 28.85 -16.94
C GLN J 131 3.79 28.52 -16.84
N LEU J 132 3.31 27.90 -17.92
CA LEU J 132 2.15 27.04 -17.90
C LEU J 132 2.67 25.61 -18.05
N GLN J 133 2.04 24.66 -17.37
CA GLN J 133 2.42 23.27 -17.49
C GLN J 133 2.29 22.80 -18.94
N GLU J 134 1.23 23.23 -19.60
CA GLU J 134 0.98 22.91 -20.98
C GLU J 134 2.18 23.32 -21.86
N ARG J 135 2.72 24.50 -21.63
CA ARG J 135 3.83 24.99 -22.45
C ARG J 135 5.12 24.23 -22.18
N ILE J 136 5.35 23.86 -20.92
CA ILE J 136 6.54 23.09 -20.61
C ILE J 136 6.46 21.80 -21.39
N THR J 137 5.28 21.21 -21.39
CA THR J 137 5.09 19.92 -21.98
C THR J 137 5.40 19.97 -23.48
N THR J 138 4.77 20.90 -24.19
CA THR J 138 4.99 20.96 -25.62
C THR J 138 6.41 21.40 -25.95
N THR J 139 6.98 22.30 -25.15
CA THR J 139 8.33 22.81 -25.45
C THR J 139 9.35 21.70 -25.36
N VAL J 140 9.23 20.88 -24.34
CA VAL J 140 10.13 19.73 -24.16
C VAL J 140 9.97 18.78 -25.35
N ALA J 141 8.73 18.54 -25.77
CA ALA J 141 8.49 17.68 -26.90
C ALA J 141 9.10 18.27 -28.18
N GLU J 142 8.92 19.59 -28.41
CA GLU J 142 9.43 20.27 -29.60
C GLU J 142 10.96 20.19 -29.61
N ILE J 143 11.58 20.48 -28.48
CA ILE J 143 13.04 20.48 -28.43
C ILE J 143 13.57 19.10 -28.79
N MET J 144 12.90 18.08 -28.31
CA MET J 144 13.33 16.73 -28.63
C MET J 144 13.18 16.38 -30.07
N MET J 145 12.08 16.76 -30.68
CA MET J 145 11.94 16.53 -32.12
C MET J 145 13.03 17.28 -32.89
N GLU J 146 13.32 18.52 -32.51
CA GLU J 146 14.31 19.34 -33.21
C GLU J 146 15.72 18.75 -33.08
N LYS J 147 16.10 18.44 -31.85
CA LYS J 147 17.47 18.10 -31.56
C LYS J 147 17.80 16.62 -31.69
N LEU J 148 16.83 15.76 -31.45
CA LEU J 148 17.08 14.32 -31.51
C LEU J 148 16.64 13.73 -32.81
N LYS J 149 15.70 14.41 -33.47
CA LYS J 149 15.10 13.91 -34.70
C LYS J 149 14.70 12.46 -34.60
N PRO J 150 13.92 12.11 -33.57
CA PRO J 150 13.49 10.73 -33.38
C PRO J 150 12.29 10.44 -34.25
N LEU J 151 11.88 9.19 -34.30
CA LEU J 151 10.65 8.84 -35.00
C LEU J 151 9.45 9.44 -34.31
N GLY J 152 9.55 9.68 -33.01
CA GLY J 152 8.45 10.28 -32.30
C GLY J 152 8.81 10.53 -30.86
N VAL J 153 8.03 11.39 -30.23
CA VAL J 153 8.20 11.65 -28.79
C VAL J 153 6.82 11.72 -28.14
N MET J 154 6.78 11.31 -26.90
CA MET J 154 5.61 11.52 -26.09
C MET J 154 6.10 12.08 -24.77
N VAL J 155 5.52 13.20 -24.36
CA VAL J 155 5.81 13.78 -23.07
C VAL J 155 4.54 13.88 -22.27
N ILE J 156 4.62 13.42 -21.03
CA ILE J 156 3.55 13.58 -20.08
C ILE J 156 4.07 14.25 -18.83
N MET J 157 3.31 15.22 -18.31
CA MET J 157 3.63 15.81 -17.05
C MET J 157 2.47 15.71 -16.12
N GLU J 158 2.80 15.48 -14.86
CA GLU J 158 1.83 15.40 -13.80
C GLU J 158 2.29 16.33 -12.68
N ALA J 159 1.42 17.23 -12.23
CA ALA J 159 1.85 18.19 -11.21
C ALA J 159 0.73 18.66 -10.33
N GLU J 160 1.14 19.15 -9.17
CA GLU J 160 0.22 19.79 -8.24
C GLU J 160 0.54 21.25 -8.28
N HIS J 161 -0.51 22.06 -8.32
CA HIS J 161 -0.38 23.53 -8.37
C HIS J 161 -0.78 24.16 -7.05
N MET J 162 0.14 24.91 -6.46
CA MET J 162 -0.17 25.65 -5.26
C MET J 162 -1.12 26.80 -5.61
N CYS J 163 -1.04 27.39 -6.84
CA CYS J 163 -2.05 28.34 -7.49
C CYS J 163 -3.45 27.84 -6.87
N MET J 164 -3.62 26.51 -6.74
CA MET J 164 -4.87 25.85 -6.28
C MET J 164 -5.00 25.25 -4.87
N THR J 165 -3.88 24.97 -4.20
CA THR J 165 -3.91 24.36 -2.86
C THR J 165 -4.02 25.39 -1.71
N ILE J 166 -3.42 26.55 -1.90
CA ILE J 166 -3.29 27.54 -0.81
C ILE J 166 -4.27 28.68 -0.95
N ARG J 167 -4.74 28.86 -2.14
CA ARG J 167 -5.40 30.09 -2.59
C ARG J 167 -6.49 29.72 -3.57
N GLY J 168 -7.69 30.29 -3.39
CA GLY J 168 -8.84 30.26 -4.20
C GLY J 168 -9.79 29.12 -4.40
N VAL J 169 -9.28 27.95 -4.79
CA VAL J 169 -10.16 26.81 -5.01
C VAL J 169 -10.02 26.08 -3.70
N ASN J 170 -8.79 26.05 -3.19
CA ASN J 170 -8.47 25.35 -1.96
C ASN J 170 -8.80 23.86 -2.12
N LYS J 171 -8.12 23.31 -3.11
CA LYS J 171 -8.33 21.93 -3.53
C LYS J 171 -6.98 21.22 -3.50
N PRO J 172 -6.53 20.86 -2.29
CA PRO J 172 -5.29 20.11 -2.19
C PRO J 172 -5.48 18.70 -2.76
N GLY J 173 -4.44 18.16 -3.40
CA GLY J 173 -4.51 16.81 -3.97
C GLY J 173 -4.92 16.75 -5.42
N THR J 174 -5.34 17.88 -5.97
CA THR J 174 -5.64 17.98 -7.37
C THR J 174 -4.35 17.92 -8.18
N LYS J 175 -4.37 17.07 -9.19
CA LYS J 175 -3.24 16.90 -10.07
C LYS J 175 -3.65 17.37 -11.45
N THR J 176 -2.76 18.08 -12.11
CA THR J 176 -2.95 18.39 -13.52
C THR J 176 -2.03 17.54 -14.37
N ILE J 177 -2.58 16.99 -15.45
CA ILE J 177 -1.83 16.10 -16.33
C ILE J 177 -1.91 16.60 -17.75
N THR J 178 -0.75 16.84 -18.33
CA THR J 178 -0.64 17.37 -19.68
C THR J 178 0.13 16.40 -20.52
N SER J 179 -0.10 16.41 -21.82
CA SER J 179 0.66 15.55 -22.71
C SER J 179 0.88 16.20 -24.06
N ALA J 180 1.93 15.74 -24.72
CA ALA J 180 2.28 16.19 -26.05
C ALA J 180 2.78 14.96 -26.77
N VAL J 181 2.23 14.69 -27.94
CA VAL J 181 2.73 13.64 -28.79
C VAL J 181 3.21 14.21 -30.13
N ARG J 182 4.33 13.71 -30.62
CA ARG J 182 4.81 14.08 -31.93
C ARG J 182 5.26 12.86 -32.67
N GLY J 183 5.26 12.97 -33.99
CA GLY J 183 5.77 11.91 -34.84
C GLY J 183 4.92 10.66 -34.71
N ALA J 184 5.59 9.52 -34.55
CA ALA J 184 4.91 8.25 -34.57
C ALA J 184 3.89 8.10 -33.47
N PHE J 185 4.11 8.77 -32.34
CA PHE J 185 3.18 8.67 -31.23
C PHE J 185 1.84 9.33 -31.55
N LYS J 186 1.87 10.27 -32.47
CA LYS J 186 0.65 10.95 -32.88
C LYS J 186 -0.30 10.00 -33.60
N ASN J 187 0.22 9.02 -34.33
CA ASN J 187 -0.61 8.18 -35.19
C ASN J 187 -0.77 6.76 -34.69
N ASP J 188 0.06 6.35 -33.74
CA ASP J 188 0.06 4.97 -33.29
C ASP J 188 -0.48 4.87 -31.87
N ASP J 189 -1.76 4.59 -31.79
CA ASP J 189 -2.42 4.52 -30.51
C ASP J 189 -1.93 3.35 -29.66
N LYS J 190 -1.49 2.27 -30.29
CA LYS J 190 -0.94 1.13 -29.52
C LYS J 190 0.32 1.53 -28.77
N LEU J 191 1.15 2.28 -29.46
CA LEU J 191 2.37 2.78 -28.88
C LEU J 191 2.07 3.71 -27.69
N ARG J 192 1.14 4.65 -27.88
CA ARG J 192 0.77 5.56 -26.78
C ARG J 192 0.30 4.78 -25.60
N SER J 193 -0.47 3.76 -25.91
CA SER J 193 -1.02 2.90 -24.91
C SER J 193 0.04 2.16 -24.10
N GLU J 194 1.06 1.68 -24.79
CA GLU J 194 2.11 0.94 -24.13
C GLU J 194 2.89 1.87 -23.19
N VAL J 195 3.12 3.09 -23.63
CA VAL J 195 3.78 4.05 -22.80
C VAL J 195 2.99 4.27 -21.55
N LEU J 196 1.68 4.47 -21.71
CA LEU J 196 0.85 4.72 -20.54
C LEU J 196 0.88 3.54 -19.59
N ALA J 197 0.89 2.31 -20.10
CA ALA J 197 0.97 1.18 -19.19
C ALA J 197 2.30 1.18 -18.43
N LEU J 198 3.41 1.42 -19.13
CA LEU J 198 4.74 1.43 -18.49
C LEU J 198 4.91 2.57 -17.45
N ILE J 199 4.19 3.65 -17.64
CA ILE J 199 4.20 4.74 -16.67
C ILE J 199 3.43 4.41 -15.38
N LYS J 200 2.40 3.57 -15.49
CA LYS J 200 1.58 3.11 -14.36
C LYS J 200 2.18 1.87 -13.66
N HIS J 201 3.10 2.02 -12.71
CA HIS J 201 3.74 0.94 -11.97
C HIS J 201 4.07 1.65 -10.65
#